data_3JZP
# 
_entry.id   3JZP 
# 
_audit_conform.dict_name       mmcif_pdbx.dic 
_audit_conform.dict_version    5.378 
_audit_conform.dict_location   http://mmcif.pdb.org/dictionaries/ascii/mmcif_pdbx.dic 
# 
loop_
_database_2.database_id 
_database_2.database_code 
_database_2.pdbx_database_accession 
_database_2.pdbx_DOI 
PDB   3JZP         pdb_00003jzp 10.2210/pdb3jzp/pdb 
RCSB  RCSB055362   ?            ?                   
WWPDB D_1000055362 ?            ?                   
# 
loop_
_pdbx_database_related.db_name 
_pdbx_database_related.db_id 
_pdbx_database_related.details 
_pdbx_database_related.content_type 
PDB 3JZO 'MDMX liganded with pDI' unspecified 
PDB 3JZQ .                        unspecified 
PDB 3JZR .                        unspecified 
PDB 3JZS .                        unspecified 
# 
_pdbx_database_status.status_code                     REL 
_pdbx_database_status.entry_id                        3JZP 
_pdbx_database_status.recvd_initial_deposition_date   2009-09-24 
_pdbx_database_status.deposit_site                    RCSB 
_pdbx_database_status.process_site                    RCSB 
_pdbx_database_status.status_code_sf                  REL 
_pdbx_database_status.status_code_mr                  ? 
_pdbx_database_status.SG_entry                        ? 
_pdbx_database_status.pdb_format_compatible           Y 
_pdbx_database_status.status_code_cs                  ? 
_pdbx_database_status.status_code_nmr_data            ? 
_pdbx_database_status.methods_development_category    ? 
# 
loop_
_audit_author.name 
_audit_author.pdbx_ordinal 
'Schonbrunn, E.' 1 
'Phan, J.'       2 
# 
_citation.id                        primary 
_citation.title                     
'Structure-based design of high affinity peptides inhibiting the interaction of p53 with MDM2 and MDMX.' 
_citation.journal_abbrev            J.Biol.Chem. 
_citation.journal_volume            285 
_citation.page_first                2174 
_citation.page_last                 2183 
_citation.year                      2010 
_citation.journal_id_ASTM           JBCHA3 
_citation.country                   US 
_citation.journal_id_ISSN           0021-9258 
_citation.journal_id_CSD            0071 
_citation.book_publisher            ? 
_citation.pdbx_database_id_PubMed   19910468 
_citation.pdbx_database_id_DOI      10.1074/jbc.M109.073056 
# 
loop_
_citation_author.citation_id 
_citation_author.name 
_citation_author.ordinal 
_citation_author.identifier_ORCID 
primary 'Phan, J.'       1 ? 
primary 'Li, Z.'         2 ? 
primary 'Kasprzak, A.'   3 ? 
primary 'Li, B.'         4 ? 
primary 'Sebti, S.'      5 ? 
primary 'Guida, W.'      6 ? 
primary 'Schonbrunn, E.' 7 ? 
primary 'Chen, J.'       8 ? 
# 
_cell.entry_id           3JZP 
_cell.length_a           70.369 
_cell.length_b           27.632 
_cell.length_c           52.135 
_cell.angle_alpha        90.00 
_cell.angle_beta         124.57 
_cell.angle_gamma        90.00 
_cell.Z_PDB              4 
_cell.pdbx_unique_axis   ? 
_cell.length_a_esd       ? 
_cell.length_b_esd       ? 
_cell.length_c_esd       ? 
_cell.angle_alpha_esd    ? 
_cell.angle_beta_esd     ? 
_cell.angle_gamma_esd    ? 
# 
_symmetry.entry_id                         3JZP 
_symmetry.space_group_name_H-M             'C 1 2 1' 
_symmetry.pdbx_full_space_group_name_H-M   ? 
_symmetry.cell_setting                     ? 
_symmetry.Int_Tables_number                5 
_symmetry.space_group_name_Hall            ? 
# 
loop_
_entity.id 
_entity.type 
_entity.src_method 
_entity.pdbx_description 
_entity.formula_weight 
_entity.pdbx_number_of_molecules 
_entity.pdbx_ec 
_entity.pdbx_mutation 
_entity.pdbx_fragment 
_entity.details 
1 polymer     man 'Protein Mdm4'          10160.899 1   ? ? ? ? 
2 polymer     syn 'pDI6W peptide (12mer)' 1519.677  1   ? ? ? ? 
3 non-polymer syn 'POTASSIUM ION'         39.098    1   ? ? ? ? 
4 water       nat water                   18.015    123 ? ? ? ? 
# 
_entity_name_com.entity_id   1 
_entity_name_com.name        'p53-binding protein Mdm4, Mdm2-like p53-binding protein, Protein Mdmx, Double minute 4 protein' 
# 
loop_
_entity_poly.entity_id 
_entity_poly.type 
_entity_poly.nstd_linkage 
_entity_poly.nstd_monomer 
_entity_poly.pdbx_seq_one_letter_code 
_entity_poly.pdbx_seq_one_letter_code_can 
_entity_poly.pdbx_strand_id 
_entity_poly.pdbx_target_identifier 
1 'polypeptide(L)' no no 
;QINQVRPKLPLLKILHAAGAQGEMFTVKEVMHYLGQYIMVKQLYDQQEQHMVYCGGDLLGELLGRQSFSVKDPSPLYDML
RKNLVTLAT
;
;QINQVRPKLPLLKILHAAGAQGEMFTVKEVMHYLGQYIMVKQLYDQQEQHMVYCGGDLLGELLGRQSFSVKDPSPLYDML
RKNLVTLAT
;
A ? 
2 'polypeptide(L)' no no LTFEHWWAQLTS                                                                                 LTFEHWWAQLTS 
P ? 
# 
loop_
_entity_poly_seq.entity_id 
_entity_poly_seq.num 
_entity_poly_seq.mon_id 
_entity_poly_seq.hetero 
1 1  GLN n 
1 2  ILE n 
1 3  ASN n 
1 4  GLN n 
1 5  VAL n 
1 6  ARG n 
1 7  PRO n 
1 8  LYS n 
1 9  LEU n 
1 10 PRO n 
1 11 LEU n 
1 12 LEU n 
1 13 LYS n 
1 14 ILE n 
1 15 LEU n 
1 16 HIS n 
1 17 ALA n 
1 18 ALA n 
1 19 GLY n 
1 20 ALA n 
1 21 GLN n 
1 22 GLY n 
1 23 GLU n 
1 24 MET n 
1 25 PHE n 
1 26 THR n 
1 27 VAL n 
1 28 LYS n 
1 29 GLU n 
1 30 VAL n 
1 31 MET n 
1 32 HIS n 
1 33 TYR n 
1 34 LEU n 
1 35 GLY n 
1 36 GLN n 
1 37 TYR n 
1 38 ILE n 
1 39 MET n 
1 40 VAL n 
1 41 LYS n 
1 42 GLN n 
1 43 LEU n 
1 44 TYR n 
1 45 ASP n 
1 46 GLN n 
1 47 GLN n 
1 48 GLU n 
1 49 GLN n 
1 50 HIS n 
1 51 MET n 
1 52 VAL n 
1 53 TYR n 
1 54 CYS n 
1 55 GLY n 
1 56 GLY n 
1 57 ASP n 
1 58 LEU n 
1 59 LEU n 
1 60 GLY n 
1 61 GLU n 
1 62 LEU n 
1 63 LEU n 
1 64 GLY n 
1 65 ARG n 
1 66 GLN n 
1 67 SER n 
1 68 PHE n 
1 69 SER n 
1 70 VAL n 
1 71 LYS n 
1 72 ASP n 
1 73 PRO n 
1 74 SER n 
1 75 PRO n 
1 76 LEU n 
1 77 TYR n 
1 78 ASP n 
1 79 MET n 
1 80 LEU n 
1 81 ARG n 
1 82 LYS n 
1 83 ASN n 
1 84 LEU n 
1 85 VAL n 
1 86 THR n 
1 87 LEU n 
1 88 ALA n 
1 89 THR n 
2 1  LEU n 
2 2  THR n 
2 3  PHE n 
2 4  GLU n 
2 5  HIS n 
2 6  TRP n 
2 7  TRP n 
2 8  ALA n 
2 9  GLN n 
2 10 LEU n 
2 11 THR n 
2 12 SER n 
# 
_entity_src_gen.entity_id                          1 
_entity_src_gen.pdbx_src_id                        1 
_entity_src_gen.pdbx_alt_source_flag               sample 
_entity_src_gen.pdbx_seq_type                      ? 
_entity_src_gen.pdbx_beg_seq_num                   ? 
_entity_src_gen.pdbx_end_seq_num                   ? 
_entity_src_gen.gene_src_common_name               human 
_entity_src_gen.gene_src_genus                     ? 
_entity_src_gen.pdbx_gene_src_gene                 'MDM4, MDMX' 
_entity_src_gen.gene_src_species                   ? 
_entity_src_gen.gene_src_strain                    ? 
_entity_src_gen.gene_src_tissue                    ? 
_entity_src_gen.gene_src_tissue_fraction           ? 
_entity_src_gen.gene_src_details                   ? 
_entity_src_gen.pdbx_gene_src_fragment             ? 
_entity_src_gen.pdbx_gene_src_scientific_name      'Homo sapiens' 
_entity_src_gen.pdbx_gene_src_ncbi_taxonomy_id     9606 
_entity_src_gen.pdbx_gene_src_variant              ? 
_entity_src_gen.pdbx_gene_src_cell_line            ? 
_entity_src_gen.pdbx_gene_src_atcc                 ? 
_entity_src_gen.pdbx_gene_src_organ                ? 
_entity_src_gen.pdbx_gene_src_organelle            ? 
_entity_src_gen.pdbx_gene_src_cell                 ? 
_entity_src_gen.pdbx_gene_src_cellular_location    ? 
_entity_src_gen.host_org_common_name               ? 
_entity_src_gen.pdbx_host_org_scientific_name      'Escherichia coli' 
_entity_src_gen.pdbx_host_org_ncbi_taxonomy_id     562 
_entity_src_gen.host_org_genus                     ? 
_entity_src_gen.pdbx_host_org_gene                 ? 
_entity_src_gen.pdbx_host_org_organ                ? 
_entity_src_gen.host_org_species                   ? 
_entity_src_gen.pdbx_host_org_tissue               ? 
_entity_src_gen.pdbx_host_org_tissue_fraction      ? 
_entity_src_gen.pdbx_host_org_strain               'BL21-Gold (DE3) pLysS' 
_entity_src_gen.pdbx_host_org_variant              ? 
_entity_src_gen.pdbx_host_org_cell_line            ? 
_entity_src_gen.pdbx_host_org_atcc                 ? 
_entity_src_gen.pdbx_host_org_culture_collection   ? 
_entity_src_gen.pdbx_host_org_cell                 ? 
_entity_src_gen.pdbx_host_org_organelle            ? 
_entity_src_gen.pdbx_host_org_cellular_location    ? 
_entity_src_gen.pdbx_host_org_vector_type          plasmid 
_entity_src_gen.pdbx_host_org_vector               ? 
_entity_src_gen.host_org_details                   ? 
_entity_src_gen.expression_system_id               ? 
_entity_src_gen.plasmid_name                       pDEST-His-MBP 
_entity_src_gen.plasmid_details                    ? 
_entity_src_gen.pdbx_description                   ? 
# 
loop_
_struct_ref.id 
_struct_ref.db_name 
_struct_ref.db_code 
_struct_ref.pdbx_db_accession 
_struct_ref.entity_id 
_struct_ref.pdbx_seq_one_letter_code 
_struct_ref.pdbx_align_begin 
_struct_ref.pdbx_db_isoform 
1 UNP MDM4_HUMAN O15151 1 
;QINQVRPKLPLLKILHAAGAQGEMFTVKEVMHYLGQYIMVKQLYDQQEQHMVYCGGDLLGELLGRQSFSVKDPSPLYDML
RKNLVTLAT
;
23 ? 
2 PDB 3JZP       3JZP   2 ?                                                                                            ?  ? 
# 
loop_
_struct_ref_seq.align_id 
_struct_ref_seq.ref_id 
_struct_ref_seq.pdbx_PDB_id_code 
_struct_ref_seq.pdbx_strand_id 
_struct_ref_seq.seq_align_beg 
_struct_ref_seq.pdbx_seq_align_beg_ins_code 
_struct_ref_seq.seq_align_end 
_struct_ref_seq.pdbx_seq_align_end_ins_code 
_struct_ref_seq.pdbx_db_accession 
_struct_ref_seq.db_align_beg 
_struct_ref_seq.pdbx_db_align_beg_ins_code 
_struct_ref_seq.db_align_end 
_struct_ref_seq.pdbx_db_align_end_ins_code 
_struct_ref_seq.pdbx_auth_seq_align_beg 
_struct_ref_seq.pdbx_auth_seq_align_end 
1 1 3JZP A 1 ? 89 ? O15151 23 ? 111 ? 23 111 
2 2 3JZP P 1 ? 12 ? 3JZP   17 ? 28  ? 17 28  
# 
loop_
_chem_comp.id 
_chem_comp.type 
_chem_comp.mon_nstd_flag 
_chem_comp.name 
_chem_comp.pdbx_synonyms 
_chem_comp.formula 
_chem_comp.formula_weight 
ALA 'L-peptide linking' y ALANINE         ? 'C3 H7 N O2'     89.093  
ARG 'L-peptide linking' y ARGININE        ? 'C6 H15 N4 O2 1' 175.209 
ASN 'L-peptide linking' y ASPARAGINE      ? 'C4 H8 N2 O3'    132.118 
ASP 'L-peptide linking' y 'ASPARTIC ACID' ? 'C4 H7 N O4'     133.103 
CYS 'L-peptide linking' y CYSTEINE        ? 'C3 H7 N O2 S'   121.158 
GLN 'L-peptide linking' y GLUTAMINE       ? 'C5 H10 N2 O3'   146.144 
GLU 'L-peptide linking' y 'GLUTAMIC ACID' ? 'C5 H9 N O4'     147.129 
GLY 'peptide linking'   y GLYCINE         ? 'C2 H5 N O2'     75.067  
HIS 'L-peptide linking' y HISTIDINE       ? 'C6 H10 N3 O2 1' 156.162 
HOH non-polymer         . WATER           ? 'H2 O'           18.015  
ILE 'L-peptide linking' y ISOLEUCINE      ? 'C6 H13 N O2'    131.173 
K   non-polymer         . 'POTASSIUM ION' ? 'K 1'            39.098  
LEU 'L-peptide linking' y LEUCINE         ? 'C6 H13 N O2'    131.173 
LYS 'L-peptide linking' y LYSINE          ? 'C6 H15 N2 O2 1' 147.195 
MET 'L-peptide linking' y METHIONINE      ? 'C5 H11 N O2 S'  149.211 
PHE 'L-peptide linking' y PHENYLALANINE   ? 'C9 H11 N O2'    165.189 
PRO 'L-peptide linking' y PROLINE         ? 'C5 H9 N O2'     115.130 
SER 'L-peptide linking' y SERINE          ? 'C3 H7 N O3'     105.093 
THR 'L-peptide linking' y THREONINE       ? 'C4 H9 N O3'     119.119 
TRP 'L-peptide linking' y TRYPTOPHAN      ? 'C11 H12 N2 O2'  204.225 
TYR 'L-peptide linking' y TYROSINE        ? 'C9 H11 N O3'    181.189 
VAL 'L-peptide linking' y VALINE          ? 'C5 H11 N O2'    117.146 
# 
_exptl.entry_id          3JZP 
_exptl.method            'X-RAY DIFFRACTION' 
_exptl.crystals_number   1 
# 
_exptl_crystal.id                    1 
_exptl_crystal.density_meas          ? 
_exptl_crystal.density_Matthews      1.79 
_exptl_crystal.density_percent_sol   31.15 
_exptl_crystal.description           ? 
_exptl_crystal.F_000                 ? 
_exptl_crystal.preparation           ? 
# 
_exptl_crystal_grow.crystal_id      1 
_exptl_crystal_grow.method          'VAPOR DIFFUSION, HANGING DROP' 
_exptl_crystal_grow.temp            292 
_exptl_crystal_grow.temp_details    ? 
_exptl_crystal_grow.pH              8.2 
_exptl_crystal_grow.pdbx_pH_range   ? 
_exptl_crystal_grow.pdbx_details    '1.4 M Na/K phosphate, pH 8.2, VAPOR DIFFUSION, HANGING DROP, temperature 292K' 
# 
_diffrn.id                     1 
_diffrn.ambient_temp           93 
_diffrn.ambient_temp_details   ? 
_diffrn.crystal_id             1 
# 
_diffrn_detector.diffrn_id              1 
_diffrn_detector.detector               'IMAGE PLATE' 
_diffrn_detector.type                   'RIGAKU RAXIS HTC' 
_diffrn_detector.pdbx_collection_date   ? 
_diffrn_detector.details                mirrors 
# 
_diffrn_radiation.diffrn_id                        1 
_diffrn_radiation.wavelength_id                    1 
_diffrn_radiation.pdbx_monochromatic_or_laue_m_l   M 
_diffrn_radiation.monochromator                    mirrors 
_diffrn_radiation.pdbx_diffrn_protocol             'SINGLE WAVELENGTH' 
_diffrn_radiation.pdbx_scattering_type             x-ray 
# 
_diffrn_radiation_wavelength.id           1 
_diffrn_radiation_wavelength.wavelength   1.54 
_diffrn_radiation_wavelength.wt           1.0 
# 
_diffrn_source.diffrn_id                   1 
_diffrn_source.source                      'ROTATING ANODE' 
_diffrn_source.type                        'RIGAKU MICROMAX-007 HF' 
_diffrn_source.pdbx_synchrotron_site       ? 
_diffrn_source.pdbx_synchrotron_beamline   ? 
_diffrn_source.pdbx_wavelength             ? 
_diffrn_source.pdbx_wavelength_list        1.54 
# 
_reflns.entry_id                     3JZP 
_reflns.observed_criterion_sigma_I   0 
_reflns.observed_criterion_sigma_F   0 
_reflns.d_resolution_low             30 
_reflns.d_resolution_high            1.73 
_reflns.number_obs                   8289 
_reflns.number_all                   8289 
_reflns.percent_possible_obs         93.9 
_reflns.pdbx_Rmerge_I_obs            0.049 
_reflns.pdbx_Rsym_value              ? 
_reflns.pdbx_netI_over_sigmaI        21.2 
_reflns.B_iso_Wilson_estimate        17.00 
_reflns.pdbx_redundancy              3.7 
_reflns.R_free_details               ? 
_reflns.limit_h_max                  ? 
_reflns.limit_h_min                  ? 
_reflns.limit_k_max                  ? 
_reflns.limit_k_min                  ? 
_reflns.limit_l_max                  ? 
_reflns.limit_l_min                  ? 
_reflns.observed_criterion_F_max     ? 
_reflns.observed_criterion_F_min     ? 
_reflns.pdbx_chi_squared             ? 
_reflns.pdbx_scaling_rejects         ? 
_reflns.pdbx_diffrn_id               1 
_reflns.pdbx_ordinal                 1 
# 
_reflns_shell.d_res_high             1.73 
_reflns_shell.d_res_low              1.79 
_reflns_shell.percent_possible_all   77.0 
_reflns_shell.Rmerge_I_obs           0.091 
_reflns_shell.pdbx_Rsym_value        ? 
_reflns_shell.meanI_over_sigI_obs    15.1 
_reflns_shell.pdbx_redundancy        3.6 
_reflns_shell.percent_possible_obs   ? 
_reflns_shell.number_unique_all      ? 
_reflns_shell.number_measured_all    ? 
_reflns_shell.number_measured_obs    ? 
_reflns_shell.number_unique_obs      ? 
_reflns_shell.pdbx_chi_squared       ? 
_reflns_shell.pdbx_diffrn_id         ? 
_reflns_shell.pdbx_ordinal           1 
# 
_refine.pdbx_refine_id                           'X-RAY DIFFRACTION' 
_refine.entry_id                                 3JZP 
_refine.ls_number_reflns_obs                     8278 
_refine.ls_number_reflns_all                     8278 
_refine.pdbx_ls_sigma_I                          ? 
_refine.pdbx_ls_sigma_F                          0.000 
_refine.pdbx_data_cutoff_high_absF               620557.94 
_refine.pdbx_data_cutoff_low_absF                ? 
_refine.pdbx_data_cutoff_high_rms_absF           ? 
_refine.ls_d_res_low                             28.97 
_refine.ls_d_res_high                            1.74 
_refine.ls_percent_reflns_obs                    95.2 
_refine.ls_R_factor_obs                          0.160 
_refine.ls_R_factor_all                          ? 
_refine.ls_R_factor_R_work                       0.160 
_refine.ls_R_factor_R_free                       0.217 
_refine.ls_R_factor_R_free_error                 0.009 
_refine.ls_R_factor_R_free_error_details         ? 
_refine.ls_percent_reflns_R_free                 6.4 
_refine.ls_number_reflns_R_free                  526 
_refine.ls_number_parameters                     ? 
_refine.ls_number_restraints                     ? 
_refine.occupancy_min                            ? 
_refine.occupancy_max                            ? 
_refine.correlation_coeff_Fo_to_Fc               ? 
_refine.correlation_coeff_Fo_to_Fc_free          ? 
_refine.B_iso_mean                               17.8 
_refine.aniso_B[1][1]                            -4.67 
_refine.aniso_B[2][2]                            6.81 
_refine.aniso_B[3][3]                            -2.14 
_refine.aniso_B[1][2]                            0.00 
_refine.aniso_B[1][3]                            -1.91 
_refine.aniso_B[2][3]                            0.00 
_refine.solvent_model_details                    ? 
_refine.solvent_model_param_ksol                 ? 
_refine.solvent_model_param_bsol                 ? 
_refine.pdbx_solvent_vdw_probe_radii             ? 
_refine.pdbx_solvent_ion_probe_radii             ? 
_refine.pdbx_solvent_shrinkage_radii             ? 
_refine.pdbx_ls_cross_valid_method               THROUGHOUT 
_refine.details                                  ? 
_refine.pdbx_starting_model                      'pdb entry 3DAB' 
_refine.pdbx_method_to_determine_struct          'MOLECULAR REPLACEMENT' 
_refine.pdbx_isotropic_thermal_model             ? 
_refine.pdbx_stereochemistry_target_values       'ENGH & HUBER' 
_refine.pdbx_stereochem_target_val_spec_case     ? 
_refine.pdbx_R_Free_selection_details            RANDOM 
_refine.pdbx_overall_ESU_R                       ? 
_refine.pdbx_overall_ESU_R_Free                  ? 
_refine.overall_SU_ML                            ? 
_refine.pdbx_overall_phase_error                 ? 
_refine.overall_SU_B                             ? 
_refine.ls_redundancy_reflns_obs                 ? 
_refine.B_iso_min                                ? 
_refine.B_iso_max                                ? 
_refine.overall_SU_R_Cruickshank_DPI             ? 
_refine.overall_SU_R_free                        ? 
_refine.ls_wR_factor_R_free                      ? 
_refine.ls_wR_factor_R_work                      ? 
_refine.overall_FOM_free_R_set                   ? 
_refine.overall_FOM_work_R_set                   ? 
_refine.pdbx_diffrn_id                           1 
_refine.pdbx_TLS_residual_ADP_flag               ? 
_refine.pdbx_overall_SU_R_free_Cruickshank_DPI   ? 
_refine.pdbx_overall_SU_R_Blow_DPI               ? 
_refine.pdbx_overall_SU_R_free_Blow_DPI          ? 
# 
_refine_analyze.pdbx_refine_id                  'X-RAY DIFFRACTION' 
_refine_analyze.entry_id                        3JZP 
_refine_analyze.Luzzati_coordinate_error_obs    0.15 
_refine_analyze.Luzzati_sigma_a_obs             0.05 
_refine_analyze.Luzzati_d_res_low_obs           5.00 
_refine_analyze.Luzzati_coordinate_error_free   0.21 
_refine_analyze.Luzzati_sigma_a_free            0.13 
_refine_analyze.Luzzati_d_res_low_free          ? 
_refine_analyze.number_disordered_residues      ? 
_refine_analyze.occupancy_sum_hydrogen          ? 
_refine_analyze.occupancy_sum_non_hydrogen      ? 
_refine_analyze.pdbx_Luzzati_d_res_high_obs     ? 
# 
_refine_hist.pdbx_refine_id                   'X-RAY DIFFRACTION' 
_refine_hist.cycle_id                         LAST 
_refine_hist.pdbx_number_atoms_protein        807 
_refine_hist.pdbx_number_atoms_nucleic_acid   0 
_refine_hist.pdbx_number_atoms_ligand         1 
_refine_hist.number_atoms_solvent             123 
_refine_hist.number_atoms_total               931 
_refine_hist.d_res_high                       1.74 
_refine_hist.d_res_low                        28.97 
# 
loop_
_refine_ls_restr.type 
_refine_ls_restr.dev_ideal 
_refine_ls_restr.dev_ideal_target 
_refine_ls_restr.weight 
_refine_ls_restr.number 
_refine_ls_restr.pdbx_refine_id 
_refine_ls_restr.pdbx_restraint_function 
c_bond_d                0.010 ? ? ? 'X-RAY DIFFRACTION' ? 
c_bond_d_na             ?     ? ? ? 'X-RAY DIFFRACTION' ? 
c_bond_d_prot           ?     ? ? ? 'X-RAY DIFFRACTION' ? 
c_angle_d               ?     ? ? ? 'X-RAY DIFFRACTION' ? 
c_angle_d_na            ?     ? ? ? 'X-RAY DIFFRACTION' ? 
c_angle_d_prot          ?     ? ? ? 'X-RAY DIFFRACTION' ? 
c_angle_deg             1.5   ? ? ? 'X-RAY DIFFRACTION' ? 
c_angle_deg_na          ?     ? ? ? 'X-RAY DIFFRACTION' ? 
c_angle_deg_prot        ?     ? ? ? 'X-RAY DIFFRACTION' ? 
c_dihedral_angle_d      22.1  ? ? ? 'X-RAY DIFFRACTION' ? 
c_dihedral_angle_d_na   ?     ? ? ? 'X-RAY DIFFRACTION' ? 
c_dihedral_angle_d_prot ?     ? ? ? 'X-RAY DIFFRACTION' ? 
c_improper_angle_d      0.94  ? ? ? 'X-RAY DIFFRACTION' ? 
c_improper_angle_d_na   ?     ? ? ? 'X-RAY DIFFRACTION' ? 
c_improper_angle_d_prot ?     ? ? ? 'X-RAY DIFFRACTION' ? 
c_mcbond_it             ?     ? ? ? 'X-RAY DIFFRACTION' ? 
c_mcangle_it            ?     ? ? ? 'X-RAY DIFFRACTION' ? 
c_scbond_it             ?     ? ? ? 'X-RAY DIFFRACTION' ? 
c_scangle_it            ?     ? ? ? 'X-RAY DIFFRACTION' ? 
# 
_refine_ls_shell.pdbx_refine_id                   'X-RAY DIFFRACTION' 
_refine_ls_shell.pdbx_total_number_of_bins_used   6 
_refine_ls_shell.d_res_high                       1.74 
_refine_ls_shell.d_res_low                        1.84 
_refine_ls_shell.number_reflns_R_work             1123 
_refine_ls_shell.R_factor_R_work                  0.223 
_refine_ls_shell.percent_reflns_obs               83.2 
_refine_ls_shell.R_factor_R_free                  0.304 
_refine_ls_shell.R_factor_R_free_error            0.037 
_refine_ls_shell.percent_reflns_R_free            5.8 
_refine_ls_shell.number_reflns_R_free             69 
_refine_ls_shell.number_reflns_all                ? 
_refine_ls_shell.R_factor_all                     ? 
_refine_ls_shell.redundancy_reflns_obs            ? 
_refine_ls_shell.number_reflns_obs                ? 
# 
_struct.entry_id                  3JZP 
_struct.title                     'Human MDMX liganded with a 12mer peptide inhibitor (pDI6W)' 
_struct.pdbx_model_details        ? 
_struct.pdbx_CASP_flag            ? 
_struct.pdbx_model_type_details   ? 
# 
_struct_keywords.entry_id        3JZP 
_struct_keywords.pdbx_keywords   'CELL CYCLE' 
_struct_keywords.text            
;CELL CYCLE, P53-BINDING PROTEIN MDM4, DOUBLE MINUTE 4 PROTEIN, Alternative splicing, Metal-binding, Nucleus, Polymorphism, Zinc, Zinc-finger
;
# 
loop_
_struct_asym.id 
_struct_asym.pdbx_blank_PDB_chainid_flag 
_struct_asym.pdbx_modified 
_struct_asym.entity_id 
_struct_asym.details 
A N N 1 ? 
B N N 2 ? 
C N N 3 ? 
D N N 4 ? 
E N N 4 ? 
# 
_struct_biol.id        1 
_struct_biol.details   ? 
# 
loop_
_struct_conf.conf_type_id 
_struct_conf.id 
_struct_conf.pdbx_PDB_helix_id 
_struct_conf.beg_label_comp_id 
_struct_conf.beg_label_asym_id 
_struct_conf.beg_label_seq_id 
_struct_conf.pdbx_beg_PDB_ins_code 
_struct_conf.end_label_comp_id 
_struct_conf.end_label_asym_id 
_struct_conf.end_label_seq_id 
_struct_conf.pdbx_end_PDB_ins_code 
_struct_conf.beg_auth_comp_id 
_struct_conf.beg_auth_asym_id 
_struct_conf.beg_auth_seq_id 
_struct_conf.end_auth_comp_id 
_struct_conf.end_auth_asym_id 
_struct_conf.end_auth_seq_id 
_struct_conf.pdbx_PDB_helix_class 
_struct_conf.details 
_struct_conf.pdbx_PDB_helix_length 
HELX_P HELX_P1 1 LYS A 8  ? ALA A 18 ? LYS A 30 ALA A 40  1 ? 11 
HELX_P HELX_P2 2 VAL A 27 ? LYS A 41 ? VAL A 49 LYS A 63  1 ? 15 
HELX_P HELX_P3 3 ASP A 57 ? GLY A 64 ? ASP A 79 GLY A 86  1 ? 8  
HELX_P HELX_P4 4 PRO A 73 ? ASN A 83 ? PRO A 95 ASN A 105 1 ? 11 
HELX_P HELX_P5 5 THR B 2  ? GLN B 9  ? THR P 18 GLN P 25  1 ? 8  
# 
_struct_conf_type.id          HELX_P 
_struct_conf_type.criteria    ? 
_struct_conf_type.reference   ? 
# 
loop_
_struct_conn.id 
_struct_conn.conn_type_id 
_struct_conn.pdbx_leaving_atom_flag 
_struct_conn.pdbx_PDB_id 
_struct_conn.ptnr1_label_asym_id 
_struct_conn.ptnr1_label_comp_id 
_struct_conn.ptnr1_label_seq_id 
_struct_conn.ptnr1_label_atom_id 
_struct_conn.pdbx_ptnr1_label_alt_id 
_struct_conn.pdbx_ptnr1_PDB_ins_code 
_struct_conn.pdbx_ptnr1_standard_comp_id 
_struct_conn.ptnr1_symmetry 
_struct_conn.ptnr2_label_asym_id 
_struct_conn.ptnr2_label_comp_id 
_struct_conn.ptnr2_label_seq_id 
_struct_conn.ptnr2_label_atom_id 
_struct_conn.pdbx_ptnr2_label_alt_id 
_struct_conn.pdbx_ptnr2_PDB_ins_code 
_struct_conn.ptnr1_auth_asym_id 
_struct_conn.ptnr1_auth_comp_id 
_struct_conn.ptnr1_auth_seq_id 
_struct_conn.ptnr2_auth_asym_id 
_struct_conn.ptnr2_auth_comp_id 
_struct_conn.ptnr2_auth_seq_id 
_struct_conn.ptnr2_symmetry 
_struct_conn.pdbx_ptnr3_label_atom_id 
_struct_conn.pdbx_ptnr3_label_seq_id 
_struct_conn.pdbx_ptnr3_label_comp_id 
_struct_conn.pdbx_ptnr3_label_asym_id 
_struct_conn.pdbx_ptnr3_label_alt_id 
_struct_conn.pdbx_ptnr3_PDB_ins_code 
_struct_conn.details 
_struct_conn.pdbx_dist_value 
_struct_conn.pdbx_value_order 
_struct_conn.pdbx_role 
metalc1 metalc ? ? D HOH .  O ? ? ? 1_555 C K . K ? ? A HOH 12  A K 201 1_555 ? ? ? ? ? ? ? 2.813 ? ? 
metalc2 metalc ? ? A GLN 42 O ? ? ? 1_555 C K . K ? ? A GLN 64  A K 201 1_555 ? ? ? ? ? ? ? 2.829 ? ? 
metalc3 metalc ? ? A TYR 44 O ? ? ? 1_555 C K . K ? ? A TYR 66  A K 201 1_555 ? ? ? ? ? ? ? 2.802 ? ? 
metalc4 metalc ? ? D HOH .  O ? ? ? 1_555 C K . K ? ? A HOH 123 A K 201 1_555 ? ? ? ? ? ? ? 2.881 ? ? 
# 
_struct_conn_type.id          metalc 
_struct_conn_type.criteria    ? 
_struct_conn_type.reference   ? 
# 
loop_
_struct_sheet.id 
_struct_sheet.type 
_struct_sheet.number_strands 
_struct_sheet.details 
A ? 3 ? 
B ? 2 ? 
# 
loop_
_struct_sheet_order.sheet_id 
_struct_sheet_order.range_id_1 
_struct_sheet_order.range_id_2 
_struct_sheet_order.offset 
_struct_sheet_order.sense 
A 1 2 ? anti-parallel 
A 2 3 ? anti-parallel 
B 1 2 ? anti-parallel 
# 
loop_
_struct_sheet_range.sheet_id 
_struct_sheet_range.id 
_struct_sheet_range.beg_label_comp_id 
_struct_sheet_range.beg_label_asym_id 
_struct_sheet_range.beg_label_seq_id 
_struct_sheet_range.pdbx_beg_PDB_ins_code 
_struct_sheet_range.end_label_comp_id 
_struct_sheet_range.end_label_asym_id 
_struct_sheet_range.end_label_seq_id 
_struct_sheet_range.pdbx_end_PDB_ins_code 
_struct_sheet_range.beg_auth_comp_id 
_struct_sheet_range.beg_auth_asym_id 
_struct_sheet_range.beg_auth_seq_id 
_struct_sheet_range.end_auth_comp_id 
_struct_sheet_range.end_auth_asym_id 
_struct_sheet_range.end_auth_seq_id 
A 1 PHE A 25 ? THR A 26 ? PHE A 47  THR A 48  
A 2 GLN A 4  ? PRO A 7  ? GLN A 26  PRO A 29  
A 3 LEU A 84 ? VAL A 85 ? LEU A 106 VAL A 107 
B 1 MET A 51 ? TYR A 53 ? MET A 73  TYR A 75  
B 2 SER A 67 ? SER A 69 ? SER A 89  SER A 91  
# 
loop_
_pdbx_struct_sheet_hbond.sheet_id 
_pdbx_struct_sheet_hbond.range_id_1 
_pdbx_struct_sheet_hbond.range_id_2 
_pdbx_struct_sheet_hbond.range_1_label_atom_id 
_pdbx_struct_sheet_hbond.range_1_label_comp_id 
_pdbx_struct_sheet_hbond.range_1_label_asym_id 
_pdbx_struct_sheet_hbond.range_1_label_seq_id 
_pdbx_struct_sheet_hbond.range_1_PDB_ins_code 
_pdbx_struct_sheet_hbond.range_1_auth_atom_id 
_pdbx_struct_sheet_hbond.range_1_auth_comp_id 
_pdbx_struct_sheet_hbond.range_1_auth_asym_id 
_pdbx_struct_sheet_hbond.range_1_auth_seq_id 
_pdbx_struct_sheet_hbond.range_2_label_atom_id 
_pdbx_struct_sheet_hbond.range_2_label_comp_id 
_pdbx_struct_sheet_hbond.range_2_label_asym_id 
_pdbx_struct_sheet_hbond.range_2_label_seq_id 
_pdbx_struct_sheet_hbond.range_2_PDB_ins_code 
_pdbx_struct_sheet_hbond.range_2_auth_atom_id 
_pdbx_struct_sheet_hbond.range_2_auth_comp_id 
_pdbx_struct_sheet_hbond.range_2_auth_asym_id 
_pdbx_struct_sheet_hbond.range_2_auth_seq_id 
A 1 2 O PHE A 25 ? O PHE A 47 N VAL A 5  ? N VAL A 27  
A 2 3 N ARG A 6  ? N ARG A 28 O VAL A 85 ? O VAL A 107 
B 1 2 N VAL A 52 ? N VAL A 74 O PHE A 68 ? O PHE A 90  
# 
_struct_site.id                   AC1 
_struct_site.pdbx_evidence_code   Software 
_struct_site.pdbx_auth_asym_id    A 
_struct_site.pdbx_auth_comp_id    K 
_struct_site.pdbx_auth_seq_id     201 
_struct_site.pdbx_auth_ins_code   ? 
_struct_site.pdbx_num_residues    6 
_struct_site.details              'BINDING SITE FOR RESIDUE K A 201' 
# 
loop_
_struct_site_gen.id 
_struct_site_gen.site_id 
_struct_site_gen.pdbx_num_res 
_struct_site_gen.label_comp_id 
_struct_site_gen.label_asym_id 
_struct_site_gen.label_seq_id 
_struct_site_gen.pdbx_auth_ins_code 
_struct_site_gen.auth_comp_id 
_struct_site_gen.auth_asym_id 
_struct_site_gen.auth_seq_id 
_struct_site_gen.label_atom_id 
_struct_site_gen.label_alt_id 
_struct_site_gen.symmetry 
_struct_site_gen.details 
1 AC1 6 HOH D .  ? HOH A 12  . ? 1_555 ? 
2 AC1 6 LYS A 41 ? LYS A 63  . ? 2_454 ? 
3 AC1 6 GLN A 42 ? GLN A 64  . ? 1_555 ? 
4 AC1 6 GLN A 42 ? GLN A 64  . ? 2_454 ? 
5 AC1 6 TYR A 44 ? TYR A 66  . ? 1_555 ? 
6 AC1 6 HOH D .  ? HOH A 123 . ? 1_555 ? 
# 
_atom_sites.entry_id                    3JZP 
_atom_sites.fract_transf_matrix[1][1]   -0.01399438 
_atom_sites.fract_transf_matrix[1][2]   -0.00944466 
_atom_sites.fract_transf_matrix[1][3]   -0.00357653 
_atom_sites.fract_transf_matrix[2][1]   0.02114135 
_atom_sites.fract_transf_matrix[2][2]   -0.02815092 
_atom_sites.fract_transf_matrix[2][3]   -0.00838363 
_atom_sites.fract_transf_matrix[3][1]   -0.01137783 
_atom_sites.fract_transf_matrix[3][2]   -0.01315850 
_atom_sites.fract_transf_matrix[3][3]   0.01549223 
_atom_sites.fract_transf_vector[1]      -0.243651 
_atom_sites.fract_transf_vector[2]      0.027799 
_atom_sites.fract_transf_vector[3]      -0.267441 
# 
loop_
_atom_type.symbol 
C 
K 
N 
O 
S 
# 
loop_
_atom_site.group_PDB 
_atom_site.id 
_atom_site.type_symbol 
_atom_site.label_atom_id 
_atom_site.label_alt_id 
_atom_site.label_comp_id 
_atom_site.label_asym_id 
_atom_site.label_entity_id 
_atom_site.label_seq_id 
_atom_site.pdbx_PDB_ins_code 
_atom_site.Cartn_x 
_atom_site.Cartn_y 
_atom_site.Cartn_z 
_atom_site.occupancy 
_atom_site.B_iso_or_equiv 
_atom_site.pdbx_formal_charge 
_atom_site.auth_seq_id 
_atom_site.auth_comp_id 
_atom_site.auth_asym_id 
_atom_site.auth_atom_id 
_atom_site.pdbx_PDB_model_num 
ATOM   1   N N   . GLN A 1 1  ? -16.288 -10.568 -8.683  1.00 14.29 ? 23  GLN A N   1 
ATOM   2   C CA  . GLN A 1 1  ? -16.294 -11.717 -7.733  1.00 10.58 ? 23  GLN A CA  1 
ATOM   3   C C   . GLN A 1 1  ? -16.156 -11.104 -6.339  1.00 14.23 ? 23  GLN A C   1 
ATOM   4   O O   . GLN A 1 1  ? -15.514 -10.061 -6.171  1.00 13.72 ? 23  GLN A O   1 
ATOM   5   C CB  . GLN A 1 1  ? -15.176 -12.700 -8.116  1.00 12.97 ? 23  GLN A CB  1 
ATOM   6   C CG  . GLN A 1 1  ? -15.555 -13.434 -9.431  1.00 17.17 ? 23  GLN A CG  1 
ATOM   7   C CD  . GLN A 1 1  ? -14.427 -14.233 -10.103 1.00 20.43 ? 23  GLN A CD  1 
ATOM   8   O OE1 . GLN A 1 1  ? -13.394 -13.679 -10.479 1.00 23.44 ? 23  GLN A OE1 1 
ATOM   9   N NE2 . GLN A 1 1  ? -14.645 -15.540 -10.288 1.00 19.53 ? 23  GLN A NE2 1 
ATOM   10  N N   . ILE A 1 2  ? -16.762 -11.741 -5.347  1.00 11.30 ? 24  ILE A N   1 
ATOM   11  C CA  . ILE A 1 2  ? -16.808 -11.173 -3.992  1.00 13.08 ? 24  ILE A CA  1 
ATOM   12  C C   . ILE A 1 2  ? -15.469 -10.951 -3.300  1.00 11.94 ? 24  ILE A C   1 
ATOM   13  O O   . ILE A 1 2  ? -15.354 -10.076 -2.423  1.00 13.70 ? 24  ILE A O   1 
ATOM   14  C CB  . ILE A 1 2  ? -17.788 -12.013 -3.085  1.00 12.78 ? 24  ILE A CB  1 
ATOM   15  C CG1 . ILE A 1 2  ? -18.110 -11.255 -1.803  1.00 12.53 ? 24  ILE A CG1 1 
ATOM   16  C CG2 . ILE A 1 2  ? -17.206 -13.403 -2.766  1.00 12.48 ? 24  ILE A CG2 1 
ATOM   17  C CD1 . ILE A 1 2  ? -18.873 -9.967  -2.030  1.00 16.21 ? 24  ILE A CD1 1 
ATOM   18  N N   . ASN A 1 3  ? -14.458 -11.723 -3.687  1.00 11.55 ? 25  ASN A N   1 
ATOM   19  C CA  . ASN A 1 3  ? -13.139 -11.578 -3.075  1.00 11.61 ? 25  ASN A CA  1 
ATOM   20  C C   . ASN A 1 3  ? -12.244 -10.603 -3.846  1.00 12.70 ? 25  ASN A C   1 
ATOM   21  O O   . ASN A 1 3  ? -11.046 -10.516 -3.560  1.00 13.57 ? 25  ASN A O   1 
ATOM   22  C CB  . ASN A 1 3  ? -12.437 -12.946 -2.981  1.00 13.11 ? 25  ASN A CB  1 
ATOM   23  C CG  . ASN A 1 3  ? -12.148 -13.544 -4.333  1.00 13.54 ? 25  ASN A CG  1 
ATOM   24  O OD1 . ASN A 1 3  ? -13.011 -13.568 -5.195  1.00 14.29 ? 25  ASN A OD1 1 
ATOM   25  N ND2 . ASN A 1 3  ? -10.927 -14.056 -4.521  1.00 14.43 ? 25  ASN A ND2 1 
ATOM   26  N N   . GLN A 1 4  ? -12.811 -9.905  -4.832  1.00 10.54 ? 26  GLN A N   1 
ATOM   27  C CA  . GLN A 1 4  ? -12.048 -8.927  -5.596  1.00 10.56 ? 26  GLN A CA  1 
ATOM   28  C C   . GLN A 1 4  ? -12.475 -7.494  -5.297  1.00 11.79 ? 26  GLN A C   1 
ATOM   29  O O   . GLN A 1 4  ? -13.579 -7.251  -4.788  1.00 13.33 ? 26  GLN A O   1 
ATOM   30  C CB  . GLN A 1 4  ? -12.193 -9.198  -7.085  1.00 15.14 ? 26  GLN A CB  1 
ATOM   31  C CG  . GLN A 1 4  ? -11.729 -10.585 -7.489  1.00 24.01 ? 26  GLN A CG  1 
ATOM   32  C CD  . GLN A 1 4  ? -10.579 -10.562 -8.456  1.00 29.89 ? 26  GLN A CD  1 
ATOM   33  O OE1 . GLN A 1 4  ? -10.675 -9.981  -9.531  1.00 31.76 ? 26  GLN A OE1 1 
ATOM   34  N NE2 . GLN A 1 4  ? -9.478  -11.212 -8.084  1.00 33.96 ? 26  GLN A NE2 1 
ATOM   35  N N   . VAL A 1 5  ? -11.574 -6.556  -5.591  1.00 11.55 ? 27  VAL A N   1 
ATOM   36  C CA  . VAL A 1 5  ? -11.818 -5.128  -5.398  1.00 9.67  ? 27  VAL A CA  1 
ATOM   37  C C   . VAL A 1 5  ? -11.286 -4.406  -6.629  1.00 10.95 ? 27  VAL A C   1 
ATOM   38  O O   . VAL A 1 5  ? -10.428 -4.927  -7.355  1.00 10.52 ? 27  VAL A O   1 
ATOM   39  C CB  . VAL A 1 5  ? -11.075 -4.581  -4.132  1.00 11.58 ? 27  VAL A CB  1 
ATOM   40  C CG1 . VAL A 1 5  ? -11.542 -5.340  -2.902  1.00 14.36 ? 27  VAL A CG1 1 
ATOM   41  C CG2 . VAL A 1 5  ? -9.559  -4.737  -4.283  1.00 12.56 ? 27  VAL A CG2 1 
ATOM   42  N N   . ARG A 1 6  ? -11.792 -3.203  -6.869  1.00 8.83  ? 28  ARG A N   1 
ATOM   43  C CA  . ARG A 1 6  ? -11.345 -2.429  -8.023  1.00 10.41 ? 28  ARG A CA  1 
ATOM   44  C C   . ARG A 1 6  ? -10.702 -1.152  -7.500  1.00 8.81  ? 28  ARG A C   1 
ATOM   45  O O   . ARG A 1 6  ? -11.390 -0.225  -7.030  1.00 10.13 ? 28  ARG A O   1 
ATOM   46  C CB  . ARG A 1 6  ? -12.535 -2.087  -8.952  1.00 11.13 ? 28  ARG A CB  1 
ATOM   47  C CG  . ARG A 1 6  ? -12.148 -1.158  -10.116 1.00 11.43 ? 28  ARG A CG  1 
ATOM   48  C CD  . ARG A 1 6  ? -13.374 -0.682  -10.969 1.00 12.52 ? 28  ARG A CD  1 
ATOM   49  N NE  . ARG A 1 6  ? -13.886 -1.774  -11.786 1.00 14.87 ? 28  ARG A NE  1 
ATOM   50  C CZ  . ARG A 1 6  ? -13.357 -2.176  -12.936 1.00 15.73 ? 28  ARG A CZ  1 
ATOM   51  N NH1 . ARG A 1 6  ? -12.292 -1.572  -13.457 1.00 15.29 ? 28  ARG A NH1 1 
ATOM   52  N NH2 . ARG A 1 6  ? -13.863 -3.232  -13.548 1.00 20.18 ? 28  ARG A NH2 1 
ATOM   53  N N   . PRO A 1 7  ? -9.360  -1.094  -7.520  1.00 8.38  ? 29  PRO A N   1 
ATOM   54  C CA  . PRO A 1 7  ? -8.659  0.104   -7.038  1.00 8.23  ? 29  PRO A CA  1 
ATOM   55  C C   . PRO A 1 7  ? -9.007  1.364   -7.847  1.00 10.14 ? 29  PRO A C   1 
ATOM   56  O O   . PRO A 1 7  ? -9.093  1.316   -9.072  1.00 11.62 ? 29  PRO A O   1 
ATOM   57  C CB  . PRO A 1 7  ? -7.183  -0.259  -7.230  1.00 9.93  ? 29  PRO A CB  1 
ATOM   58  C CG  . PRO A 1 7  ? -7.160  -1.763  -7.082  1.00 9.10  ? 29  PRO A CG  1 
ATOM   59  C CD  . PRO A 1 7  ? -8.420  -2.186  -7.835  1.00 9.56  ? 29  PRO A CD  1 
ATOM   60  N N   . LYS A 1 8  ? -9.208  2.481   -7.161  1.00 10.85 ? 30  LYS A N   1 
ATOM   61  C CA  . LYS A 1 8  ? -9.444  3.723   -7.864  1.00 12.47 ? 30  LYS A CA  1 
ATOM   62  C C   . LYS A 1 8  ? -8.166  4.089   -8.616  1.00 13.67 ? 30  LYS A C   1 
ATOM   63  O O   . LYS A 1 8  ? -7.072  3.662   -8.249  1.00 14.05 ? 30  LYS A O   1 
ATOM   64  C CB  . LYS A 1 8  ? -9.837  4.794   -6.871  1.00 11.95 ? 30  LYS A CB  1 
ATOM   65  C CG  . LYS A 1 8  ? -11.228 4.564   -6.388  1.00 12.77 ? 30  LYS A CG  1 
ATOM   66  C CD  . LYS A 1 8  ? -11.699 5.735   -5.558  1.00 18.37 ? 30  LYS A CD  1 
ATOM   67  C CE  . LYS A 1 8  ? -13.113 5.517   -5.089  1.00 20.99 ? 30  LYS A CE  1 
ATOM   68  N NZ  . LYS A 1 8  ? -13.495 6.622   -4.150  1.00 30.04 ? 30  LYS A NZ  1 
ATOM   69  N N   . LEU A 1 9  ? -8.312  4.890   -9.671  1.00 14.91 ? 31  LEU A N   1 
ATOM   70  C CA  . LEU A 1 9  ? -7.206  5.248   -10.546 1.00 14.89 ? 31  LEU A CA  1 
ATOM   71  C C   . LEU A 1 9  ? -5.842  5.578   -9.948  1.00 13.28 ? 31  LEU A C   1 
ATOM   72  O O   . LEU A 1 9  ? -4.843  4.960   -10.336 1.00 12.99 ? 31  LEU A O   1 
ATOM   73  C CB  . LEU A 1 9  ? -7.656  6.360   -11.515 1.00 18.58 ? 31  LEU A CB  1 
ATOM   74  C CG  . LEU A 1 9  ? -8.805  5.921   -12.437 1.00 21.16 ? 31  LEU A CG  1 
ATOM   75  C CD1 . LEU A 1 9  ? -9.218  7.093   -13.308 1.00 25.72 ? 31  LEU A CD1 1 
ATOM   76  C CD2 . LEU A 1 9  ? -8.398  4.720   -13.301 1.00 23.64 ? 31  LEU A CD2 1 
ATOM   77  N N   . PRO A 1 10 ? -5.766  6.528   -9.004  1.00 12.87 ? 32  PRO A N   1 
ATOM   78  C CA  . PRO A 1 10 ? -4.414  6.773   -8.494  1.00 11.77 ? 32  PRO A CA  1 
ATOM   79  C C   . PRO A 1 10 ? -3.799  5.590   -7.778  1.00 11.55 ? 32  PRO A C   1 
ATOM   80  O O   . PRO A 1 10 ? -2.589  5.407   -7.839  1.00 9.12  ? 32  PRO A O   1 
ATOM   81  C CB  . PRO A 1 10 ? -4.581  7.976   -7.575  1.00 12.68 ? 32  PRO A CB  1 
ATOM   82  C CG  . PRO A 1 10 ? -6.012  7.877   -7.125  1.00 13.95 ? 32  PRO A CG  1 
ATOM   83  C CD  . PRO A 1 10 ? -6.755  7.410   -8.352  1.00 12.25 ? 32  PRO A CD  1 
ATOM   84  N N   . LEU A 1 11 ? -4.611  4.814   -7.057  1.00 11.08 ? 33  LEU A N   1 
ATOM   85  C CA  . LEU A 1 11 ? -4.043  3.645   -6.396  1.00 11.40 ? 33  LEU A CA  1 
ATOM   86  C C   . LEU A 1 11 ? -3.661  2.590   -7.452  1.00 9.16  ? 33  LEU A C   1 
ATOM   87  O O   . LEU A 1 11 ? -2.670  1.875   -7.302  1.00 10.39 ? 33  LEU A O   1 
ATOM   88  C CB  . LEU A 1 11 ? -5.024  3.063   -5.370  1.00 9.61  ? 33  LEU A CB  1 
ATOM   89  C CG  . LEU A 1 11 ? -4.522  1.774   -4.671  1.00 10.47 ? 33  LEU A CG  1 
ATOM   90  C CD1 . LEU A 1 11 ? -3.216  2.057   -3.934  1.00 9.60  ? 33  LEU A CD1 1 
ATOM   91  C CD2 . LEU A 1 11 ? -5.569  1.266   -3.675  1.00 8.14  ? 33  LEU A CD2 1 
ATOM   92  N N   . LEU A 1 12 ? -4.437  2.486   -8.531  1.00 9.40  ? 34  LEU A N   1 
ATOM   93  C CA  . LEU A 1 12 ? -4.123  1.519   -9.573  1.00 9.28  ? 34  LEU A CA  1 
ATOM   94  C C   . LEU A 1 12 ? -2.789  1.869   -10.207 1.00 9.73  ? 34  LEU A C   1 
ATOM   95  O O   . LEU A 1 12 ? -2.021  0.980   -10.559 1.00 11.39 ? 34  LEU A O   1 
ATOM   96  C CB  . LEU A 1 12 ? -5.198  1.497   -10.665 1.00 10.25 ? 34  LEU A CB  1 
ATOM   97  C CG  . LEU A 1 12 ? -5.126  0.372   -11.696 1.00 9.66  ? 34  LEU A CG  1 
ATOM   98  C CD1 . LEU A 1 12 ? -5.326  -0.985  -11.038 1.00 9.70  ? 34  LEU A CD1 1 
ATOM   99  C CD2 . LEU A 1 12 ? -6.191  0.623   -12.757 1.00 12.73 ? 34  LEU A CD2 1 
ATOM   100 N N   . LYS A 1 13 ? -2.529  3.163   -10.368 1.00 11.24 ? 35  LYS A N   1 
ATOM   101 C CA  . LYS A 1 13 ? -1.273  3.621   -10.954 1.00 12.49 ? 35  LYS A CA  1 
ATOM   102 C C   . LYS A 1 13 ? -0.115  3.143   -10.105 1.00 11.14 ? 35  LYS A C   1 
ATOM   103 O O   . LYS A 1 13 ? 0.911   2.751   -10.627 1.00 12.19 ? 35  LYS A O   1 
ATOM   104 C CB  . LYS A 1 13 ? -1.248  5.148   -11.043 1.00 17.78 ? 35  LYS A CB  1 
ATOM   105 C CG  . LYS A 1 13 ? -1.823  5.679   -12.350 1.00 28.22 ? 35  LYS A CG  1 
ATOM   106 C CD  . LYS A 1 13 ? -0.854  5.434   -13.525 1.00 32.72 ? 35  LYS A CD  1 
ATOM   107 C CE  . LYS A 1 13 ? 0.479   6.143   -13.284 1.00 35.45 ? 35  LYS A CE  1 
ATOM   108 N NZ  . LYS A 1 13 ? 1.416   6.038   -14.436 1.00 36.27 ? 35  LYS A NZ  1 
ATOM   109 N N   . ILE A 1 14 ? -0.296  3.179   -8.788  1.00 10.70 ? 36  ILE A N   1 
ATOM   110 C CA  . ILE A 1 14 ? 0.736   2.719   -7.869  1.00 9.84  ? 36  ILE A CA  1 
ATOM   111 C C   . ILE A 1 14 ? 0.937   1.210   -8.022  1.00 10.94 ? 36  ILE A C   1 
ATOM   112 O O   . ILE A 1 14 ? 2.071   0.741   -8.092  1.00 10.47 ? 36  ILE A O   1 
ATOM   113 C CB  . ILE A 1 14 ? 0.358   3.100   -6.417  1.00 12.89 ? 36  ILE A CB  1 
ATOM   114 C CG1 . ILE A 1 14 ? 0.533   4.619   -6.249  1.00 15.31 ? 36  ILE A CG1 1 
ATOM   115 C CG2 . ILE A 1 14 ? 1.225   2.350   -5.413  1.00 10.79 ? 36  ILE A CG2 1 
ATOM   116 C CD1 . ILE A 1 14 ? 0.025   5.148   -4.922  1.00 19.55 ? 36  ILE A CD1 1 
ATOM   117 N N   . LEU A 1 15 ? -0.155  0.445   -8.084  1.00 9.83  ? 37  LEU A N   1 
ATOM   118 C CA  . LEU A 1 15 ? -0.037  -1.003  -8.229  1.00 10.41 ? 37  LEU A CA  1 
ATOM   119 C C   . LEU A 1 15 ? 0.629   -1.362  -9.553  1.00 12.34 ? 37  LEU A C   1 
ATOM   120 O O   . LEU A 1 15 ? 1.501   -2.233  -9.597  1.00 12.06 ? 37  LEU A O   1 
ATOM   121 C CB  . LEU A 1 15 ? -1.424  -1.666  -8.119  1.00 11.04 ? 37  LEU A CB  1 
ATOM   122 C CG  . LEU A 1 15 ? -2.174  -1.314  -6.829  1.00 10.21 ? 37  LEU A CG  1 
ATOM   123 C CD1 . LEU A 1 15 ? -3.502  -2.088  -6.796  1.00 10.22 ? 37  LEU A CD1 1 
ATOM   124 C CD2 . LEU A 1 15 ? -1.372  -1.689  -5.602  1.00 11.93 ? 37  LEU A CD2 1 
ATOM   125 N N   . HIS A 1 16 ? 0.237   -0.691  -10.630 1.00 11.90 ? 38  HIS A N   1 
ATOM   126 C CA  . HIS A 1 16 ? 0.849   -0.959  -11.937 1.00 12.99 ? 38  HIS A CA  1 
ATOM   127 C C   . HIS A 1 16 ? 2.349   -0.628  -11.901 1.00 12.01 ? 38  HIS A C   1 
ATOM   128 O O   . HIS A 1 16 ? 3.167   -1.368  -12.460 1.00 13.90 ? 38  HIS A O   1 
ATOM   129 C CB  . HIS A 1 16 ? 0.163   -0.122  -13.038 1.00 12.84 ? 38  HIS A CB  1 
ATOM   130 C CG  . HIS A 1 16 ? -1.177  -0.646  -13.442 1.00 14.34 ? 38  HIS A CG  1 
ATOM   131 N ND1 . HIS A 1 16 ? -2.071  0.084   -14.201 1.00 15.54 ? 38  HIS A ND1 1 
ATOM   132 C CD2 . HIS A 1 16 ? -1.784  -1.826  -13.177 1.00 14.74 ? 38  HIS A CD2 1 
ATOM   133 C CE1 . HIS A 1 16 ? -3.169  -0.625  -14.382 1.00 17.03 ? 38  HIS A CE1 1 
ATOM   134 N NE2 . HIS A 1 16 ? -3.022  -1.786  -13.768 1.00 14.12 ? 38  HIS A NE2 1 
ATOM   135 N N   . ALA A 1 17 ? 2.707   0.481   -11.258 1.00 11.71 ? 39  ALA A N   1 
ATOM   136 C CA  . ALA A 1 17 ? 4.126   0.870   -11.138 1.00 12.32 ? 39  ALA A CA  1 
ATOM   137 C C   . ALA A 1 17 ? 4.954   -0.264  -10.526 1.00 15.00 ? 39  ALA A C   1 
ATOM   138 O O   . ALA A 1 17 ? 6.128   -0.446  -10.877 1.00 15.02 ? 39  ALA A O   1 
ATOM   139 C CB  . ALA A 1 17 ? 4.260   2.129   -10.264 1.00 13.25 ? 39  ALA A CB  1 
ATOM   140 N N   . ALA A 1 18 ? 4.345   -1.018  -9.606  1.00 12.51 ? 40  ALA A N   1 
ATOM   141 C CA  . ALA A 1 18 ? 5.026   -2.130  -8.936  1.00 13.16 ? 40  ALA A CA  1 
ATOM   142 C C   . ALA A 1 18 ? 4.949   -3.446  -9.701  1.00 13.80 ? 40  ALA A C   1 
ATOM   143 O O   . ALA A 1 18 ? 5.406   -4.505  -9.222  1.00 14.45 ? 40  ALA A O   1 
ATOM   144 C CB  . ALA A 1 18 ? 4.477   -2.304  -7.516  1.00 15.17 ? 40  ALA A CB  1 
ATOM   145 N N   . GLY A 1 19 ? 4.354   -3.402  -10.884 1.00 13.47 ? 41  GLY A N   1 
ATOM   146 C CA  . GLY A 1 19 ? 4.279   -4.609  -11.694 1.00 13.79 ? 41  GLY A CA  1 
ATOM   147 C C   . GLY A 1 19 ? 2.940   -5.294  -11.853 1.00 15.69 ? 41  GLY A C   1 
ATOM   148 O O   . GLY A 1 19 ? 2.864   -6.321  -12.523 1.00 16.99 ? 41  GLY A O   1 
ATOM   149 N N   . ALA A 1 20 ? 1.890   -4.757  -11.238 1.00 13.43 ? 42  ALA A N   1 
ATOM   150 C CA  . ALA A 1 20 ? 0.557   -5.342  -11.335 1.00 13.17 ? 42  ALA A CA  1 
ATOM   151 C C   . ALA A 1 20 ? -0.024  -5.161  -12.731 1.00 14.83 ? 42  ALA A C   1 
ATOM   152 O O   . ALA A 1 20 ? 0.361   -4.239  -13.470 1.00 13.64 ? 42  ALA A O   1 
ATOM   153 C CB  . ALA A 1 20 ? -0.384  -4.693  -10.302 1.00 13.74 ? 42  ALA A CB  1 
ATOM   154 N N   . GLN A 1 21 ? -0.938  -6.056  -13.093 1.00 14.39 ? 43  GLN A N   1 
ATOM   155 C CA  . GLN A 1 21 ? -1.621  -5.990  -14.381 1.00 17.40 ? 43  GLN A CA  1 
ATOM   156 C C   . GLN A 1 21 ? -3.102  -6.138  -14.154 1.00 16.88 ? 43  GLN A C   1 
ATOM   157 O O   . GLN A 1 21 ? -3.533  -6.898  -13.283 1.00 19.63 ? 43  GLN A O   1 
ATOM   158 C CB  . GLN A 1 21 ? -1.191  -7.121  -15.304 1.00 18.48 ? 43  GLN A CB  1 
ATOM   159 C CG  . GLN A 1 21 ? 0.170   -6.923  -15.886 1.00 26.09 ? 43  GLN A CG  1 
ATOM   160 C CD  . GLN A 1 21 ? 0.586   -8.090  -16.758 1.00 26.40 ? 43  GLN A CD  1 
ATOM   161 O OE1 . GLN A 1 21 ? 1.284   -7.909  -17.761 1.00 23.80 ? 43  GLN A OE1 1 
ATOM   162 N NE2 . GLN A 1 21 ? 0.166   -9.301  -16.374 1.00 27.20 ? 43  GLN A NE2 1 
ATOM   163 N N   . GLY A 1 22 ? -3.883  -5.435  -14.953 1.00 14.26 ? 44  GLY A N   1 
ATOM   164 C CA  . GLY A 1 22 ? -5.321  -5.553  -14.822 1.00 14.97 ? 44  GLY A CA  1 
ATOM   165 C C   . GLY A 1 22 ? -5.966  -4.465  -14.006 1.00 14.68 ? 44  GLY A C   1 
ATOM   166 O O   . GLY A 1 22 ? -5.304  -3.513  -13.610 1.00 15.26 ? 44  GLY A O   1 
ATOM   167 N N   . GLU A 1 23 ? -7.256  -4.652  -13.724 1.00 13.10 ? 45  GLU A N   1 
ATOM   168 C CA  . GLU A 1 23 ? -8.056  -3.662  -13.000 1.00 11.11 ? 45  GLU A CA  1 
ATOM   169 C C   . GLU A 1 23 ? -8.682  -4.135  -11.703 1.00 9.94  ? 45  GLU A C   1 
ATOM   170 O O   . GLU A 1 23 ? -9.083  -3.310  -10.866 1.00 11.18 ? 45  GLU A O   1 
ATOM   171 C CB  . GLU A 1 23 ? -9.171  -3.161  -13.919 1.00 13.93 ? 45  GLU A CB  1 
ATOM   172 C CG  . GLU A 1 23 ? -8.641  -2.401  -15.120 1.00 16.64 ? 45  GLU A CG  1 
ATOM   173 C CD  . GLU A 1 23 ? -9.721  -2.035  -16.136 1.00 22.70 ? 45  GLU A CD  1 
ATOM   174 O OE1 . GLU A 1 23 ? -10.911 -2.262  -15.863 1.00 23.22 ? 45  GLU A OE1 1 
ATOM   175 O OE2 . GLU A 1 23 ? -9.362  -1.513  -17.212 1.00 26.71 ? 45  GLU A OE2 1 
ATOM   176 N N   . MET A 1 24 ? -8.831  -5.449  -11.552 1.00 10.66 ? 46  MET A N   1 
ATOM   177 C CA  . MET A 1 24 ? -9.433  -6.002  -10.343 1.00 8.20  ? 46  MET A CA  1 
ATOM   178 C C   . MET A 1 24 ? -8.443  -6.953  -9.685  1.00 10.67 ? 46  MET A C   1 
ATOM   179 O O   . MET A 1 24 ? -7.702  -7.687  -10.359 1.00 11.40 ? 46  MET A O   1 
ATOM   180 C CB  . MET A 1 24 ? -10.747 -6.701  -10.682 1.00 13.13 ? 46  MET A CB  1 
ATOM   181 C CG  . MET A 1 24 ? -11.766 -5.720  -11.243 1.00 13.77 ? 46  MET A CG  1 
ATOM   182 S SD  . MET A 1 24 ? -13.336 -6.495  -11.663 1.00 20.20 ? 46  MET A SD  1 
ATOM   183 C CE  . MET A 1 24 ? -12.856 -7.426  -13.090 1.00 18.88 ? 46  MET A CE  1 
ATOM   184 N N   . PHE A 1 25 ? -8.441  -6.942  -8.362  1.00 9.37  ? 47  PHE A N   1 
ATOM   185 C CA  . PHE A 1 25 ? -7.472  -7.723  -7.591  1.00 10.51 ? 47  PHE A CA  1 
ATOM   186 C C   . PHE A 1 25 ? -8.021  -8.211  -6.285  1.00 10.60 ? 47  PHE A C   1 
ATOM   187 O O   . PHE A 1 25 ? -9.006  -7.692  -5.792  1.00 11.06 ? 47  PHE A O   1 
ATOM   188 C CB  . PHE A 1 25 ? -6.283  -6.839  -7.213  1.00 10.31 ? 47  PHE A CB  1 
ATOM   189 C CG  . PHE A 1 25 ? -5.597  -6.184  -8.380  1.00 10.33 ? 47  PHE A CG  1 
ATOM   190 C CD1 . PHE A 1 25 ? -4.532  -6.825  -9.031  1.00 9.85  ? 47  PHE A CD1 1 
ATOM   191 C CD2 . PHE A 1 25 ? -6.006  -4.940  -8.830  1.00 11.24 ? 47  PHE A CD2 1 
ATOM   192 C CE1 . PHE A 1 25 ? -3.896  -6.229  -10.103 1.00 11.87 ? 47  PHE A CE1 1 
ATOM   193 C CE2 . PHE A 1 25 ? -5.379  -4.325  -9.910  1.00 13.95 ? 47  PHE A CE2 1 
ATOM   194 C CZ  . PHE A 1 25 ? -4.319  -4.967  -10.552 1.00 14.49 ? 47  PHE A CZ  1 
ATOM   195 N N   . THR A 1 26 ? -7.365  -9.212  -5.706  1.00 9.89  ? 48  THR A N   1 
ATOM   196 C CA  . THR A 1 26 ? -7.782  -9.656  -4.389  1.00 11.52 ? 48  THR A CA  1 
ATOM   197 C C   . THR A 1 26 ? -7.068  -8.714  -3.420  1.00 12.46 ? 48  THR A C   1 
ATOM   198 O O   . THR A 1 26 ? -6.117  -8.034  -3.811  1.00 9.72  ? 48  THR A O   1 
ATOM   199 C CB  . THR A 1 26 ? -7.299  -11.083 -4.071  1.00 13.12 ? 48  THR A CB  1 
ATOM   200 O OG1 . THR A 1 26 ? -5.863  -11.122 -4.082  1.00 12.37 ? 48  THR A OG1 1 
ATOM   201 C CG2 . THR A 1 26 ? -7.843  -12.067 -5.096  1.00 11.21 ? 48  THR A CG2 1 
ATOM   202 N N   . VAL A 1 27 ? -7.512  -8.672  -2.168  1.00 10.35 ? 49  VAL A N   1 
ATOM   203 C CA  . VAL A 1 27 ? -6.848  -7.817  -1.184  1.00 12.64 ? 49  VAL A CA  1 
ATOM   204 C C   . VAL A 1 27 ? -5.397  -8.269  -0.995  1.00 11.35 ? 49  VAL A C   1 
ATOM   205 O O   . VAL A 1 27 ? -4.472  -7.452  -0.905  1.00 9.70  ? 49  VAL A O   1 
ATOM   206 C CB  . VAL A 1 27 ? -7.614  -7.816  0.147   1.00 11.94 ? 49  VAL A CB  1 
ATOM   207 C CG1 . VAL A 1 27 ? -6.810  -7.083  1.226   1.00 11.95 ? 49  VAL A CG1 1 
ATOM   208 C CG2 . VAL A 1 27 ? -8.946  -7.100  -0.062  1.00 11.57 ? 49  VAL A CG2 1 
ATOM   209 N N   . LYS A 1 28 ? -5.157  -9.570  -1.002  1.00 12.05 ? 50  LYS A N   1 
ATOM   210 C CA  . LYS A 1 28 ? -3.783  -9.990  -0.867  1.00 12.31 ? 50  LYS A CA  1 
ATOM   211 C C   . LYS A 1 28 ? -2.936  -9.450  -2.015  1.00 11.97 ? 50  LYS A C   1 
ATOM   212 O O   . LYS A 1 28 ? -1.777  -9.094  -1.803  1.00 11.18 ? 50  LYS A O   1 
ATOM   213 C CB  . LYS A 1 28 ? -3.677  -11.503 -0.831  1.00 14.56 ? 50  LYS A CB  1 
ATOM   214 C CG  . LYS A 1 28 ? -3.879  -12.093 0.554   1.00 19.19 ? 50  LYS A CG  1 
ATOM   215 C CD  . LYS A 1 28 ? -3.470  -13.565 0.458   1.00 23.08 ? 50  LYS A CD  1 
ATOM   216 C CE  . LYS A 1 28 ? -3.664  -14.332 1.751   1.00 30.15 ? 50  LYS A CE  1 
ATOM   217 N NZ  . LYS A 1 28 ? -3.505  -15.790 1.415   1.00 33.29 ? 50  LYS A NZ  1 
ATOM   218 N N   . GLU A 1 29 ? -3.477  -9.436  -3.239  1.00 9.00  ? 51  GLU A N   1 
ATOM   219 C CA  . GLU A 1 29 ? -2.707  -8.904  -4.362  1.00 8.18  ? 51  GLU A CA  1 
ATOM   220 C C   . GLU A 1 29 ? -2.454  -7.416  -4.184  1.00 7.96  ? 51  GLU A C   1 
ATOM   221 O O   . GLU A 1 29 ? -1.350  -6.943  -4.415  1.00 8.66  ? 51  GLU A O   1 
ATOM   222 C CB  . GLU A 1 29 ? -3.426  -9.130  -5.692  1.00 9.51  ? 51  GLU A CB  1 
ATOM   223 C CG  . GLU A 1 29 ? -3.403  -10.604 -6.098  1.00 14.61 ? 51  GLU A CG  1 
ATOM   224 C CD  . GLU A 1 29 ? -4.246  -10.894 -7.329  1.00 18.94 ? 51  GLU A CD  1 
ATOM   225 O OE1 . GLU A 1 29 ? -5.328  -10.297 -7.474  1.00 12.79 ? 51  GLU A OE1 1 
ATOM   226 O OE2 . GLU A 1 29 ? -3.836  -11.754 -8.146  1.00 21.29 ? 51  GLU A OE2 1 
ATOM   227 N N   . VAL A 1 30 ? -3.475  -6.667  -3.791  1.00 8.29  ? 52  VAL A N   1 
ATOM   228 C CA  . VAL A 1 30 ? -3.276  -5.236  -3.571  1.00 7.97  ? 52  VAL A CA  1 
ATOM   229 C C   . VAL A 1 30 ? -2.150  -4.993  -2.545  1.00 9.47  ? 52  VAL A C   1 
ATOM   230 O O   . VAL A 1 30 ? -1.270  -4.168  -2.760  1.00 9.44  ? 52  VAL A O   1 
ATOM   231 C CB  . VAL A 1 30 ? -4.585  -4.564  -3.073  1.00 7.06  ? 52  VAL A CB  1 
ATOM   232 C CG1 . VAL A 1 30 ? -4.315  -3.162  -2.566  1.00 9.50  ? 52  VAL A CG1 1 
ATOM   233 C CG2 . VAL A 1 30 ? -5.599  -4.517  -4.219  1.00 9.43  ? 52  VAL A CG2 1 
ATOM   234 N N   . MET A 1 31 ? -2.175  -5.712  -1.433  1.00 8.68  ? 53  MET A N   1 
ATOM   235 C CA  . MET A 1 31 ? -1.160  -5.529  -0.407  1.00 9.07  ? 53  MET A CA  1 
ATOM   236 C C   . MET A 1 31 ? 0.220   -5.939  -0.928  1.00 10.04 ? 53  MET A C   1 
ATOM   237 O O   . MET A 1 31 ? 1.228   -5.297  -0.619  1.00 10.41 ? 53  MET A O   1 
ATOM   238 C CB  . MET A 1 31 ? -1.511  -6.349  0.836   1.00 10.25 ? 53  MET A CB  1 
ATOM   239 C CG  . MET A 1 31 ? -2.779  -5.866  1.535   1.00 10.83 ? 53  MET A CG  1 
ATOM   240 S SD  . MET A 1 31 ? -2.569  -4.167  2.116   1.00 12.19 ? 53  MET A SD  1 
ATOM   241 C CE  . MET A 1 31 ? -1.488  -4.412  3.466   1.00 11.84 ? 53  MET A CE  1 
ATOM   242 N N   . HIS A 1 32 ? 0.259   -6.999  -1.718  1.00 9.31  ? 54  HIS A N   1 
ATOM   243 C CA  . HIS A 1 32 ? 1.527   -7.449  -2.283  1.00 9.46  ? 54  HIS A CA  1 
ATOM   244 C C   . HIS A 1 32 ? 2.147   -6.362  -3.161  1.00 11.34 ? 54  HIS A C   1 
ATOM   245 O O   . HIS A 1 32 ? 3.307   -6.015  -2.991  1.00 11.42 ? 54  HIS A O   1 
ATOM   246 C CB  . HIS A 1 32 ? 1.341   -8.703  -3.132  1.00 9.13  ? 54  HIS A CB  1 
ATOM   247 C CG  . HIS A 1 32 ? 2.528   -9.006  -4.002  1.00 16.05 ? 54  HIS A CG  1 
ATOM   248 N ND1 . HIS A 1 32 ? 3.715   -9.505  -3.498  1.00 17.76 ? 54  HIS A ND1 1 
ATOM   249 C CD2 . HIS A 1 32 ? 2.747   -8.772  -5.320  1.00 14.04 ? 54  HIS A CD2 1 
ATOM   250 C CE1 . HIS A 1 32 ? 4.613   -9.560  -4.466  1.00 18.08 ? 54  HIS A CE1 1 
ATOM   251 N NE2 . HIS A 1 32 ? 4.053   -9.119  -5.581  1.00 17.12 ? 54  HIS A NE2 1 
ATOM   252 N N   . TYR A 1 33 ? 1.386   -5.832  -4.108  1.00 10.57 ? 55  TYR A N   1 
ATOM   253 C CA  . TYR A 1 33 ? 1.952   -4.802  -4.980  1.00 8.12  ? 55  TYR A CA  1 
ATOM   254 C C   . TYR A 1 33 ? 2.202   -3.478  -4.258  1.00 8.90  ? 55  TYR A C   1 
ATOM   255 O O   . TYR A 1 33 ? 3.171   -2.807  -4.569  1.00 9.77  ? 55  TYR A O   1 
ATOM   256 C CB  . TYR A 1 33 ? 1.074   -4.597  -6.218  1.00 10.24 ? 55  TYR A CB  1 
ATOM   257 C CG  . TYR A 1 33 ? 1.125   -5.778  -7.161  1.00 13.43 ? 55  TYR A CG  1 
ATOM   258 C CD1 . TYR A 1 33 ? 2.293   -6.097  -7.851  1.00 14.49 ? 55  TYR A CD1 1 
ATOM   259 C CD2 . TYR A 1 33 ? 0.007   -6.581  -7.346  1.00 15.67 ? 55  TYR A CD2 1 
ATOM   260 C CE1 . TYR A 1 33 ? 2.330   -7.204  -8.709  1.00 14.40 ? 55  TYR A CE1 1 
ATOM   261 C CE2 . TYR A 1 33 ? 0.039   -7.676  -8.190  1.00 18.65 ? 55  TYR A CE2 1 
ATOM   262 C CZ  . TYR A 1 33 ? 1.200   -7.979  -8.864  1.00 18.49 ? 55  TYR A CZ  1 
ATOM   263 O OH  . TYR A 1 33 ? 1.198   -9.077  -9.694  1.00 24.25 ? 55  TYR A OH  1 
ATOM   264 N N   . LEU A 1 34 ? 1.366   -3.103  -3.292  1.00 10.26 ? 56  LEU A N   1 
ATOM   265 C CA  . LEU A 1 34 ? 1.613   -1.859  -2.565  1.00 9.17  ? 56  LEU A CA  1 
ATOM   266 C C   . LEU A 1 34 ? 2.891   -1.997  -1.725  1.00 10.04 ? 56  LEU A C   1 
ATOM   267 O O   . LEU A 1 34 ? 3.677   -1.053  -1.623  1.00 9.22  ? 56  LEU A O   1 
ATOM   268 C CB  . LEU A 1 34 ? 0.417   -1.517  -1.684  1.00 10.14 ? 56  LEU A CB  1 
ATOM   269 C CG  . LEU A 1 34 ? 0.467   -0.227  -0.869  1.00 13.31 ? 56  LEU A CG  1 
ATOM   270 C CD1 . LEU A 1 34 ? 0.696   0.977   -1.789  1.00 16.06 ? 56  LEU A CD1 1 
ATOM   271 C CD2 . LEU A 1 34 ? -0.830  -0.097  -0.120  1.00 13.65 ? 56  LEU A CD2 1 
ATOM   272 N N   . GLY A 1 35 ? 3.111   -3.185  -1.162  1.00 8.37  ? 57  GLY A N   1 
ATOM   273 C CA  . GLY A 1 35 ? 4.334   -3.442  -0.387  1.00 8.66  ? 57  GLY A CA  1 
ATOM   274 C C   . GLY A 1 35 ? 5.551   -3.375  -1.308  1.00 9.41  ? 57  GLY A C   1 
ATOM   275 O O   . GLY A 1 35 ? 6.589   -2.805  -0.953  1.00 10.05 ? 57  GLY A O   1 
ATOM   276 N N   . GLN A 1 36 ? 5.424   -3.950  -2.498  1.00 10.69 ? 58  GLN A N   1 
ATOM   277 C CA  . GLN A 1 36 ? 6.528   -3.932  -3.477  1.00 11.46 ? 58  GLN A CA  1 
ATOM   278 C C   . GLN A 1 36 ? 6.853   -2.494  -3.900  1.00 12.95 ? 58  GLN A C   1 
ATOM   279 O O   . GLN A 1 36 ? 8.006   -2.131  -4.078  1.00 9.43  ? 58  GLN A O   1 
ATOM   280 C CB  . GLN A 1 36 ? 6.174   -4.763  -4.717  1.00 12.90 ? 58  GLN A CB  1 
ATOM   281 C CG  . GLN A 1 36 ? 6.173   -6.245  -4.478  1.00 20.54 ? 58  GLN A CG  1 
ATOM   282 C CD  . GLN A 1 36 ? 7.535   -6.728  -4.013  1.00 26.46 ? 58  GLN A CD  1 
ATOM   283 O OE1 . GLN A 1 36 ? 8.557   -6.398  -4.620  1.00 23.92 ? 58  GLN A OE1 1 
ATOM   284 N NE2 . GLN A 1 36 ? 7.555   -7.508  -2.928  1.00 28.14 ? 58  GLN A NE2 1 
ATOM   285 N N   . TYR A 1 37 ? 5.821   -1.683  -4.077  1.00 8.70  ? 59  TYR A N   1 
ATOM   286 C CA  . TYR A 1 37 ? 6.007   -0.291  -4.447  1.00 10.61 ? 59  TYR A CA  1 
ATOM   287 C C   . TYR A 1 37 ? 6.852   0.398   -3.362  1.00 12.53 ? 59  TYR A C   1 
ATOM   288 O O   . TYR A 1 37 ? 7.821   1.107   -3.639  1.00 11.16 ? 59  TYR A O   1 
ATOM   289 C CB  . TYR A 1 37 ? 4.641   0.383   -4.524  1.00 10.21 ? 59  TYR A CB  1 
ATOM   290 C CG  . TYR A 1 37 ? 4.654   1.844   -4.884  1.00 9.89  ? 59  TYR A CG  1 
ATOM   291 C CD1 . TYR A 1 37 ? 4.691   2.266   -6.220  1.00 11.33 ? 59  TYR A CD1 1 
ATOM   292 C CD2 . TYR A 1 37 ? 4.545   2.813   -3.893  1.00 10.96 ? 59  TYR A CD2 1 
ATOM   293 C CE1 . TYR A 1 37 ? 4.609   3.632   -6.539  1.00 13.65 ? 59  TYR A CE1 1 
ATOM   294 C CE2 . TYR A 1 37 ? 4.456   4.146   -4.200  1.00 10.50 ? 59  TYR A CE2 1 
ATOM   295 C CZ  . TYR A 1 37 ? 4.487   4.558   -5.510  1.00 13.89 ? 59  TYR A CZ  1 
ATOM   296 O OH  . TYR A 1 37 ? 4.407   5.910   -5.770  1.00 16.39 ? 59  TYR A OH  1 
ATOM   297 N N   . ILE A 1 38 ? 6.471   0.198   -2.112  1.00 8.45  ? 60  ILE A N   1 
ATOM   298 C CA  . ILE A 1 38 ? 7.196   0.831   -1.005  1.00 8.58  ? 60  ILE A CA  1 
ATOM   299 C C   . ILE A 1 38 ? 8.629   0.325   -0.920  1.00 9.34  ? 60  ILE A C   1 
ATOM   300 O O   . ILE A 1 38 ? 9.546   1.103   -0.677  1.00 9.23  ? 60  ILE A O   1 
ATOM   301 C CB  . ILE A 1 38 ? 6.454   0.583   0.326   1.00 7.62  ? 60  ILE A CB  1 
ATOM   302 C CG1 . ILE A 1 38 ? 5.130   1.375   0.280   1.00 9.94  ? 60  ILE A CG1 1 
ATOM   303 C CG2 . ILE A 1 38 ? 7.316   0.988   1.521   1.00 11.23 ? 60  ILE A CG2 1 
ATOM   304 C CD1 . ILE A 1 38 ? 4.137   1.010   1.400   1.00 9.39  ? 60  ILE A CD1 1 
ATOM   305 N N   . MET A 1 39 ? 8.816   -0.975  -1.115  1.00 8.62  ? 61  MET A N   1 
ATOM   306 C CA  . MET A 1 39 ? 10.152  -1.565  -1.047  1.00 12.48 ? 61  MET A CA  1 
ATOM   307 C C   . MET A 1 39 ? 11.082  -1.131  -2.177  1.00 12.03 ? 61  MET A C   1 
ATOM   308 O O   . MET A 1 39 ? 12.206  -0.695  -1.930  1.00 11.69 ? 61  MET A O   1 
ATOM   309 C CB  . MET A 1 39 ? 10.058  -3.085  -1.073  1.00 16.19 ? 61  MET A CB  1 
ATOM   310 C CG  . MET A 1 39 ? 9.309   -3.641  0.093   1.00 25.49 ? 61  MET A CG  1 
ATOM   311 S SD  . MET A 1 39 ? 9.316   -5.436  0.064   1.00 40.56 ? 61  MET A SD  1 
ATOM   312 C CE  . MET A 1 39 ? 11.064  -5.730  0.293   1.00 29.23 ? 61  MET A CE  1 
ATOM   313 N N   . VAL A 1 40 ? 10.622  -1.251  -3.416  1.00 12.01 ? 62  VAL A N   1 
ATOM   314 C CA  . VAL A 1 40 ? 11.487  -0.884  -4.538  1.00 13.12 ? 62  VAL A CA  1 
ATOM   315 C C   . VAL A 1 40 ? 11.760  0.608   -4.630  1.00 15.52 ? 62  VAL A C   1 
ATOM   316 O O   . VAL A 1 40 ? 12.819  1.012   -5.097  1.00 15.58 ? 62  VAL A O   1 
ATOM   317 C CB  . VAL A 1 40 ? 10.935  -1.402  -5.878  1.00 15.18 ? 62  VAL A CB  1 
ATOM   318 C CG1 . VAL A 1 40 ? 10.683  -2.905  -5.765  1.00 17.53 ? 62  VAL A CG1 1 
ATOM   319 C CG2 . VAL A 1 40 ? 9.666   -0.656  -6.270  1.00 20.31 ? 62  VAL A CG2 1 
ATOM   320 N N   . LYS A 1 41 ? 10.822  1.424   -4.177  1.00 12.16 ? 63  LYS A N   1 
ATOM   321 C CA  . LYS A 1 41 ? 11.056  2.868   -4.199  1.00 12.47 ? 63  LYS A CA  1 
ATOM   322 C C   . LYS A 1 41 ? 11.833  3.250   -2.950  1.00 12.17 ? 63  LYS A C   1 
ATOM   323 O O   . LYS A 1 41 ? 12.224  4.396   -2.801  1.00 12.53 ? 63  LYS A O   1 
ATOM   324 C CB  . LYS A 1 41 ? 9.742   3.636   -4.215  1.00 11.15 ? 63  LYS A CB  1 
ATOM   325 C CG  . LYS A 1 41 ? 8.914   3.344   -5.454  1.00 22.59 ? 63  LYS A CG  1 
ATOM   326 C CD  . LYS A 1 41 ? 8.620   4.576   -6.263  1.00 26.00 ? 63  LYS A CD  1 
ATOM   327 C CE  . LYS A 1 41 ? 7.870   5.601   -5.478  1.00 27.73 ? 63  LYS A CE  1 
ATOM   328 N NZ  . LYS A 1 41 ? 7.515   6.750   -6.360  1.00 30.51 ? 63  LYS A NZ  1 
ATOM   329 N N   . GLN A 1 42 ? 12.065  2.276   -2.077  1.00 11.21 ? 64  GLN A N   1 
ATOM   330 C CA  . GLN A 1 42 ? 12.769  2.462   -0.813  1.00 11.59 ? 64  GLN A CA  1 
ATOM   331 C C   . GLN A 1 42 ? 12.224  3.654   -0.063  1.00 9.67  ? 64  GLN A C   1 
ATOM   332 O O   . GLN A 1 42 ? 12.963  4.553   0.295   1.00 10.49 ? 64  GLN A O   1 
ATOM   333 C CB  . GLN A 1 42 ? 14.286  2.597   -1.032  1.00 14.41 ? 64  GLN A CB  1 
ATOM   334 C CG  . GLN A 1 42 ? 14.881  1.257   -1.488  1.00 19.29 ? 64  GLN A CG  1 
ATOM   335 C CD  . GLN A 1 42 ? 16.324  1.334   -1.945  1.00 28.31 ? 64  GLN A CD  1 
ATOM   336 O OE1 . GLN A 1 42 ? 16.947  0.305   -2.220  1.00 30.04 ? 64  GLN A OE1 1 
ATOM   337 N NE2 . GLN A 1 42 ? 16.864  2.549   -2.038  1.00 31.42 ? 64  GLN A NE2 1 
ATOM   338 N N   . LEU A 1 43 ? 10.915  3.665   0.156   1.00 8.97  ? 65  LEU A N   1 
ATOM   339 C CA  . LEU A 1 43 ? 10.288  4.754   0.900   1.00 9.92  ? 65  LEU A CA  1 
ATOM   340 C C   . LEU A 1 43 ? 10.367  4.551   2.419   1.00 11.02 ? 65  LEU A C   1 
ATOM   341 O O   . LEU A 1 43 ? 10.215  5.498   3.191   1.00 12.00 ? 65  LEU A O   1 
ATOM   342 C CB  . LEU A 1 43 ? 8.814   4.885   0.497   1.00 8.73  ? 65  LEU A CB  1 
ATOM   343 C CG  . LEU A 1 43 ? 8.514   5.179   -0.972  1.00 9.40  ? 65  LEU A CG  1 
ATOM   344 C CD1 . LEU A 1 43 ? 6.994   5.317   -1.133  1.00 9.82  ? 65  LEU A CD1 1 
ATOM   345 C CD2 . LEU A 1 43 ? 9.237   6.461   -1.426  1.00 12.80 ? 65  LEU A CD2 1 
ATOM   346 N N   . TYR A 1 44 ? 10.617  3.318   2.853   1.00 10.26 ? 66  TYR A N   1 
ATOM   347 C CA  . TYR A 1 44 ? 10.675  3.031   4.283   1.00 10.91 ? 66  TYR A CA  1 
ATOM   348 C C   . TYR A 1 44 ? 11.940  3.588   4.933   1.00 12.15 ? 66  TYR A C   1 
ATOM   349 O O   . TYR A 1 44 ? 12.954  3.744   4.263   1.00 13.17 ? 66  TYR A O   1 
ATOM   350 C CB  . TYR A 1 44 ? 10.584  1.508   4.495   1.00 10.06 ? 66  TYR A CB  1 
ATOM   351 C CG  . TYR A 1 44 ? 11.684  0.724   3.830   1.00 12.45 ? 66  TYR A CG  1 
ATOM   352 C CD1 . TYR A 1 44 ? 12.905  0.537   4.470   1.00 13.60 ? 66  TYR A CD1 1 
ATOM   353 C CD2 . TYR A 1 44 ? 11.519  0.200   2.536   1.00 11.01 ? 66  TYR A CD2 1 
ATOM   354 C CE1 . TYR A 1 44 ? 13.936  -0.137  3.857   1.00 12.54 ? 66  TYR A CE1 1 
ATOM   355 C CE2 . TYR A 1 44 ? 12.550  -0.481  1.907   1.00 13.75 ? 66  TYR A CE2 1 
ATOM   356 C CZ  . TYR A 1 44 ? 13.759  -0.644  2.583   1.00 13.18 ? 66  TYR A CZ  1 
ATOM   357 O OH  . TYR A 1 44 ? 14.795  -1.335  2.001   1.00 17.70 ? 66  TYR A OH  1 
ATOM   358 N N   . ASP A 1 45 ? 11.871  3.897   6.229   1.00 11.07 ? 67  ASP A N   1 
ATOM   359 C CA  . ASP A 1 45 ? 12.998  4.421   7.009   1.00 11.45 ? 67  ASP A CA  1 
ATOM   360 C C   . ASP A 1 45 ? 14.037  3.284   7.108   1.00 14.23 ? 67  ASP A C   1 
ATOM   361 O O   . ASP A 1 45 ? 13.721  2.180   7.508   1.00 14.93 ? 67  ASP A O   1 
ATOM   362 C CB  . ASP A 1 45 ? 12.450  4.834   8.388   1.00 12.86 ? 67  ASP A CB  1 
ATOM   363 C CG  . ASP A 1 45 ? 13.496  5.396   9.332   1.00 18.13 ? 67  ASP A CG  1 
ATOM   364 O OD1 . ASP A 1 45 ? 13.148  6.352   10.067  1.00 24.84 ? 67  ASP A OD1 1 
ATOM   365 O OD2 . ASP A 1 45 ? 14.626  4.889   9.398   1.00 16.51 ? 67  ASP A OD2 1 
ATOM   366 N N   . GLN A 1 46 ? 15.275  3.550   6.716   1.00 11.76 ? 68  GLN A N   1 
ATOM   367 C CA  . GLN A 1 46 ? 16.320  2.518   6.748   1.00 11.36 ? 68  GLN A CA  1 
ATOM   368 C C   . GLN A 1 46 ? 16.609  1.968   8.158   1.00 11.40 ? 68  GLN A C   1 
ATOM   369 O O   . GLN A 1 46 ? 16.921  0.780   8.320   1.00 11.74 ? 68  GLN A O   1 
ATOM   370 C CB  . GLN A 1 46 ? 17.611  3.104   6.124   1.00 12.36 ? 68  GLN A CB  1 
ATOM   371 C CG  . GLN A 1 46 ? 18.820  2.178   6.148   1.00 16.52 ? 68  GLN A CG  1 
ATOM   372 C CD  . GLN A 1 46 ? 18.617  0.948   5.282   1.00 15.70 ? 68  GLN A CD  1 
ATOM   373 O OE1 . GLN A 1 46 ? 17.983  1.017   4.239   1.00 19.57 ? 68  GLN A OE1 1 
ATOM   374 N NE2 . GLN A 1 46 ? 19.172  -0.183  5.712   1.00 22.35 ? 68  GLN A NE2 1 
ATOM   375 N N   . GLN A 1 47 ? 16.493  2.811   9.185   1.00 12.24 ? 69  GLN A N   1 
ATOM   376 C CA  . GLN A 1 47 ? 16.771  2.373   10.565  1.00 12.21 ? 69  GLN A CA  1 
ATOM   377 C C   . GLN A 1 47 ? 15.565  1.750   11.265  1.00 14.67 ? 69  GLN A C   1 
ATOM   378 O O   . GLN A 1 47 ? 15.709  0.781   11.999  1.00 14.87 ? 69  GLN A O   1 
ATOM   379 C CB  . GLN A 1 47 ? 17.252  3.548   11.417  1.00 17.26 ? 69  GLN A CB  1 
ATOM   380 C CG  . GLN A 1 47 ? 18.541  4.183   10.918  1.00 18.64 ? 69  GLN A CG  1 
ATOM   381 C CD  . GLN A 1 47 ? 19.015  5.297   11.835  1.00 16.88 ? 69  GLN A CD  1 
ATOM   382 O OE1 . GLN A 1 47 ? 20.214  5.448   12.081  1.00 14.85 ? 69  GLN A OE1 1 
ATOM   383 N NE2 . GLN A 1 47 ? 18.076  6.090   12.338  1.00 21.81 ? 69  GLN A NE2 1 
ATOM   384 N N   . GLU A 1 48 ? 14.393  2.345   11.059  1.00 14.09 ? 70  GLU A N   1 
ATOM   385 C CA  . GLU A 1 48 ? 13.140  1.876   11.665  1.00 11.91 ? 70  GLU A CA  1 
ATOM   386 C C   . GLU A 1 48 ? 12.251  1.542   10.468  1.00 12.44 ? 70  GLU A C   1 
ATOM   387 O O   . GLU A 1 48 ? 11.398  2.342   10.084  1.00 11.49 ? 70  GLU A O   1 
ATOM   388 C CB  . GLU A 1 48 ? 12.532  3.012   12.466  1.00 14.32 ? 70  GLU A CB  1 
ATOM   389 C CG  . GLU A 1 48 ? 13.462  3.540   13.532  1.00 23.15 ? 70  GLU A CG  1 
ATOM   390 C CD  . GLU A 1 48 ? 12.991  3.180   14.908  1.00 29.26 ? 70  GLU A CD  1 
ATOM   391 O OE1 . GLU A 1 48 ? 12.537  2.033   15.099  1.00 30.80 ? 70  GLU A OE1 1 
ATOM   392 O OE2 . GLU A 1 48 ? 13.074  4.045   15.796  1.00 35.19 ? 70  GLU A OE2 1 
ATOM   393 N N   . GLN A 1 49 ? 12.428  0.340   9.929   1.00 11.97 ? 71  GLN A N   1 
ATOM   394 C CA  . GLN A 1 49 ? 11.753  -0.040  8.694   1.00 11.35 ? 71  GLN A CA  1 
ATOM   395 C C   . GLN A 1 49 ? 10.255  -0.207  8.670   1.00 12.29 ? 71  GLN A C   1 
ATOM   396 O O   . GLN A 1 49 ? 9.692   -0.483  7.611   1.00 12.36 ? 71  GLN A O   1 
ATOM   397 C CB  . GLN A 1 49 ? 12.436  -1.269  8.091   1.00 9.95  ? 71  GLN A CB  1 
ATOM   398 C CG  . GLN A 1 49 ? 13.996  -1.128  8.050   1.00 11.00 ? 71  GLN A CG  1 
ATOM   399 C CD  . GLN A 1 49 ? 14.621  -1.825  6.858   1.00 9.86  ? 71  GLN A CD  1 
ATOM   400 O OE1 . GLN A 1 49 ? 13.984  -2.660  6.202   1.00 10.65 ? 71  GLN A OE1 1 
ATOM   401 N NE2 . GLN A 1 49 ? 15.891  -1.497  6.568   1.00 13.22 ? 71  GLN A NE2 1 
ATOM   402 N N   . HIS A 1 50 ? 9.615   -0.051  9.824   1.00 10.77 ? 72  HIS A N   1 
ATOM   403 C CA  . HIS A 1 50 ? 8.164   -0.108  9.905   1.00 11.65 ? 72  HIS A CA  1 
ATOM   404 C C   . HIS A 1 50 ? 7.643   1.294   9.583   1.00 12.26 ? 72  HIS A C   1 
ATOM   405 O O   . HIS A 1 50 ? 6.456   1.466   9.352   1.00 11.00 ? 72  HIS A O   1 
ATOM   406 C CB  . HIS A 1 50 ? 7.698   -0.499  11.315  1.00 10.76 ? 72  HIS A CB  1 
ATOM   407 C CG  . HIS A 1 50 ? 8.261   0.359   12.406  1.00 13.62 ? 72  HIS A CG  1 
ATOM   408 N ND1 . HIS A 1 50 ? 7.594   1.456   12.914  1.00 17.79 ? 72  HIS A ND1 1 
ATOM   409 C CD2 . HIS A 1 50 ? 9.442   0.301   13.063  1.00 15.11 ? 72  HIS A CD2 1 
ATOM   410 C CE1 . HIS A 1 50 ? 8.345   2.035   13.838  1.00 17.37 ? 72  HIS A CE1 1 
ATOM   411 N NE2 . HIS A 1 50 ? 9.470   1.355   13.944  1.00 16.05 ? 72  HIS A NE2 1 
ATOM   412 N N   . MET A 1 51 ? 8.529   2.287   9.569   1.00 12.15 ? 73  MET A N   1 
ATOM   413 C CA  . MET A 1 51 ? 8.109   3.650   9.263   1.00 11.20 ? 73  MET A CA  1 
ATOM   414 C C   . MET A 1 51 ? 8.256   3.879   7.754   1.00 12.63 ? 73  MET A C   1 
ATOM   415 O O   . MET A 1 51 ? 9.271   3.523   7.150   1.00 13.86 ? 73  MET A O   1 
ATOM   416 C CB  . MET A 1 51 ? 8.961   4.679   10.025  1.00 11.28 ? 73  MET A CB  1 
ATOM   417 C CG  . MET A 1 51 ? 8.813   4.609   11.519  1.00 13.54 ? 73  MET A CG  1 
ATOM   418 S SD  . MET A 1 51 ? 7.124   4.994   11.997  1.00 19.21 ? 73  MET A SD  1 
ATOM   419 C CE  . MET A 1 51 ? 6.797   6.447   11.131  1.00 18.77 ? 73  MET A CE  1 
ATOM   420 N N   . VAL A 1 52 ? 7.224   4.454   7.153   1.00 11.79 ? 74  VAL A N   1 
ATOM   421 C CA  . VAL A 1 52 ? 7.230   4.745   5.727   1.00 11.36 ? 74  VAL A CA  1 
ATOM   422 C C   . VAL A 1 52 ? 7.116   6.250   5.515   1.00 11.41 ? 74  VAL A C   1 
ATOM   423 O O   . VAL A 1 52 ? 6.191   6.894   6.045   1.00 13.97 ? 74  VAL A O   1 
ATOM   424 C CB  . VAL A 1 52 ? 6.051   4.036   5.011   1.00 11.01 ? 74  VAL A CB  1 
ATOM   425 C CG1 . VAL A 1 52 ? 6.032   4.419   3.527   1.00 12.26 ? 74  VAL A CG1 1 
ATOM   426 C CG2 . VAL A 1 52 ? 6.211   2.489   5.131   1.00 13.44 ? 74  VAL A CG2 1 
ATOM   427 N N   . TYR A 1 53 ? 8.059   6.815   4.767   1.00 11.67 ? 75  TYR A N   1 
ATOM   428 C CA  . TYR A 1 53 ? 8.050   8.254   4.464   1.00 13.42 ? 75  TYR A CA  1 
ATOM   429 C C   . TYR A 1 53 ? 7.655   8.458   3.016   1.00 12.98 ? 75  TYR A C   1 
ATOM   430 O O   . TYR A 1 53 ? 8.357   8.025   2.096   1.00 13.51 ? 75  TYR A O   1 
ATOM   431 C CB  . TYR A 1 53 ? 9.421   8.873   4.748   1.00 13.09 ? 75  TYR A CB  1 
ATOM   432 C CG  . TYR A 1 53 ? 9.663   8.996   6.241   1.00 14.87 ? 75  TYR A CG  1 
ATOM   433 C CD1 . TYR A 1 53 ? 10.197  7.936   6.984   1.00 14.50 ? 75  TYR A CD1 1 
ATOM   434 C CD2 . TYR A 1 53 ? 9.264   10.143  6.927   1.00 16.18 ? 75  TYR A CD2 1 
ATOM   435 C CE1 . TYR A 1 53 ? 10.324  8.021   8.379   1.00 14.79 ? 75  TYR A CE1 1 
ATOM   436 C CE2 . TYR A 1 53 ? 9.373   10.234  8.312   1.00 17.40 ? 75  TYR A CE2 1 
ATOM   437 C CZ  . TYR A 1 53 ? 9.896   9.175   9.036   1.00 21.60 ? 75  TYR A CZ  1 
ATOM   438 O OH  . TYR A 1 53 ? 9.925   9.267   10.411  1.00 19.99 ? 75  TYR A OH  1 
ATOM   439 N N   . CYS A 1 54 ? 6.530   9.146   2.822   1.00 13.88 ? 76  CYS A N   1 
ATOM   440 C CA  . CYS A 1 54 ? 5.977   9.349   1.487   1.00 14.09 ? 76  CYS A CA  1 
ATOM   441 C C   . CYS A 1 54 ? 5.589   10.779  1.115   1.00 13.43 ? 76  CYS A C   1 
ATOM   442 O O   . CYS A 1 54 ? 4.701   10.986  0.274   1.00 15.84 ? 76  CYS A O   1 
ATOM   443 C CB  . CYS A 1 54 ? 4.757   8.448   1.323   1.00 18.62 ? 76  CYS A CB  1 
ATOM   444 S SG  . CYS A 1 54 ? 3.614   8.478   2.753   1.00 21.93 ? 76  CYS A SG  1 
ATOM   445 N N   . GLY A 1 55 ? 6.233   11.755  1.736   1.00 13.76 ? 77  GLY A N   1 
ATOM   446 C CA  . GLY A 1 55 ? 5.931   13.142  1.416   1.00 13.23 ? 77  GLY A CA  1 
ATOM   447 C C   . GLY A 1 55 ? 6.363   13.411  -0.010  1.00 14.46 ? 77  GLY A C   1 
ATOM   448 O O   . GLY A 1 55 ? 7.513   13.137  -0.369  1.00 16.26 ? 77  GLY A O   1 
ATOM   449 N N   . GLY A 1 56 ? 5.453   13.933  -0.826  1.00 15.44 ? 78  GLY A N   1 
ATOM   450 C CA  . GLY A 1 56 ? 5.773   14.211  -2.223  1.00 14.92 ? 78  GLY A CA  1 
ATOM   451 C C   . GLY A 1 56 ? 5.528   13.020  -3.150  1.00 15.32 ? 78  GLY A C   1 
ATOM   452 O O   . GLY A 1 56 ? 5.687   13.129  -4.372  1.00 14.51 ? 78  GLY A O   1 
ATOM   453 N N   . ASP A 1 57 ? 5.158   11.880  -2.569  1.00 14.00 ? 79  ASP A N   1 
ATOM   454 C CA  . ASP A 1 57 ? 4.890   10.666  -3.367  1.00 16.13 ? 79  ASP A CA  1 
ATOM   455 C C   . ASP A 1 57 ? 3.399   10.596  -3.574  1.00 13.56 ? 79  ASP A C   1 
ATOM   456 O O   . ASP A 1 57 ? 2.649   11.103  -2.742  1.00 14.64 ? 79  ASP A O   1 
ATOM   457 C CB  . ASP A 1 57 ? 5.346   9.403   -2.613  1.00 15.47 ? 79  ASP A CB  1 
ATOM   458 C CG  . ASP A 1 57 ? 5.385   8.168   -3.501  1.00 13.83 ? 79  ASP A CG  1 
ATOM   459 O OD1 . ASP A 1 57 ? 6.465   7.868   -4.044  1.00 17.53 ? 79  ASP A OD1 1 
ATOM   460 O OD2 . ASP A 1 57 ? 4.339   7.508   -3.678  1.00 14.06 ? 79  ASP A OD2 1 
ATOM   461 N N   . LEU A 1 58 ? 2.944   9.997   -4.679  1.00 13.71 ? 80  LEU A N   1 
ATOM   462 C CA  . LEU A 1 58 ? 1.501   9.865   -4.870  1.00 14.21 ? 80  LEU A CA  1 
ATOM   463 C C   . LEU A 1 58 ? 0.907   9.088   -3.688  1.00 13.27 ? 80  LEU A C   1 
ATOM   464 O O   . LEU A 1 58 ? -0.235  9.306   -3.290  1.00 13.77 ? 80  LEU A O   1 
ATOM   465 C CB  . LEU A 1 58 ? 1.187   9.145   -6.183  1.00 15.30 ? 80  LEU A CB  1 
ATOM   466 C CG  . LEU A 1 58 ? -0.296  8.882   -6.495  1.00 15.17 ? 80  LEU A CG  1 
ATOM   467 C CD1 . LEU A 1 58 ? -1.109  10.189  -6.436  1.00 16.55 ? 80  LEU A CD1 1 
ATOM   468 C CD2 . LEU A 1 58 ? -0.391  8.232   -7.871  1.00 17.31 ? 80  LEU A CD2 1 
ATOM   469 N N   . LEU A 1 59 ? 1.682   8.183   -3.106  1.00 12.81 ? 81  LEU A N   1 
ATOM   470 C CA  . LEU A 1 59 ? 1.172   7.436   -1.965  1.00 11.93 ? 81  LEU A CA  1 
ATOM   471 C C   . LEU A 1 59 ? 0.843   8.377   -0.795  1.00 14.14 ? 81  LEU A C   1 
ATOM   472 O O   . LEU A 1 59 ? -0.110  8.147   -0.059  1.00 14.55 ? 81  LEU A O   1 
ATOM   473 C CB  . LEU A 1 59 ? 2.198   6.356   -1.540  1.00 12.06 ? 81  LEU A CB  1 
ATOM   474 C CG  . LEU A 1 59 ? 1.811   5.539   -0.297  1.00 13.71 ? 81  LEU A CG  1 
ATOM   475 C CD1 . LEU A 1 59 ? 0.501   4.811   -0.542  1.00 16.38 ? 81  LEU A CD1 1 
ATOM   476 C CD2 . LEU A 1 59 ? 2.904   4.515   0.036   1.00 12.27 ? 81  LEU A CD2 1 
ATOM   477 N N   . GLY A 1 60 ? 1.646   9.432   -0.618  1.00 13.24 ? 82  GLY A N   1 
ATOM   478 C CA  . GLY A 1 60 ? 1.413   10.380  0.460   1.00 14.86 ? 82  GLY A CA  1 
ATOM   479 C C   . GLY A 1 60 ? 0.145   11.173  0.206   1.00 16.80 ? 82  GLY A C   1 
ATOM   480 O O   . GLY A 1 60 ? -0.575  11.515  1.141   1.00 17.88 ? 82  GLY A O   1 
ATOM   481 N N   . GLU A 1 61 ? -0.124  11.470  -1.055  1.00 15.24 ? 83  GLU A N   1 
ATOM   482 C CA  . GLU A 1 61 ? -1.350  12.192  -1.411  1.00 18.07 ? 83  GLU A CA  1 
ATOM   483 C C   . GLU A 1 61 ? -2.552  11.312  -1.041  1.00 17.76 ? 83  GLU A C   1 
ATOM   484 O O   . GLU A 1 61 ? -3.547  11.789  -0.492  1.00 19.01 ? 83  GLU A O   1 
ATOM   485 C CB  . GLU A 1 61 ? -1.391  12.469  -2.916  1.00 19.98 ? 83  GLU A CB  1 
ATOM   486 C CG  . GLU A 1 61 ? -0.269  13.334  -3.431  1.00 23.16 ? 83  GLU A CG  1 
ATOM   487 C CD  . GLU A 1 61 ? -0.187  14.652  -2.695  1.00 27.39 ? 83  GLU A CD  1 
ATOM   488 O OE1 . GLU A 1 61 ? -1.244  15.153  -2.235  1.00 29.90 ? 83  GLU A OE1 1 
ATOM   489 O OE2 . GLU A 1 61 ? 0.931   15.190  -2.585  1.00 30.35 ? 83  GLU A OE2 1 
ATOM   490 N N   . LEU A 1 62 ? -2.461  10.020  -1.338  1.00 16.09 ? 84  LEU A N   1 
ATOM   491 C CA  . LEU A 1 62 ? -3.557  9.115   -1.031  1.00 15.62 ? 84  LEU A CA  1 
ATOM   492 C C   . LEU A 1 62 ? -3.785  8.973   0.474   1.00 17.16 ? 84  LEU A C   1 
ATOM   493 O O   . LEU A 1 62 ? -4.924  8.906   0.941   1.00 17.43 ? 84  LEU A O   1 
ATOM   494 C CB  . LEU A 1 62 ? -3.298  7.736   -1.653  1.00 15.33 ? 84  LEU A CB  1 
ATOM   495 C CG  . LEU A 1 62 ? -3.401  7.665   -3.181  1.00 14.59 ? 84  LEU A CG  1 
ATOM   496 C CD1 . LEU A 1 62 ? -3.110  6.237   -3.649  1.00 16.24 ? 84  LEU A CD1 1 
ATOM   497 C CD2 . LEU A 1 62 ? -4.819  8.042   -3.607  1.00 19.87 ? 84  LEU A CD2 1 
ATOM   498 N N   . LEU A 1 63 ? -2.698  8.925   1.233   1.00 16.87 ? 85  LEU A N   1 
ATOM   499 C CA  . LEU A 1 63 ? -2.785  8.783   2.674   1.00 18.92 ? 85  LEU A CA  1 
ATOM   500 C C   . LEU A 1 63 ? -3.137  10.088  3.365   1.00 21.26 ? 85  LEU A C   1 
ATOM   501 O O   . LEU A 1 63 ? -3.612  10.072  4.498   1.00 25.00 ? 85  LEU A O   1 
ATOM   502 C CB  . LEU A 1 63 ? -1.448  8.298   3.235   1.00 19.86 ? 85  LEU A CB  1 
ATOM   503 C CG  . LEU A 1 63 ? -1.056  6.865   2.913   1.00 17.20 ? 85  LEU A CG  1 
ATOM   504 C CD1 . LEU A 1 63 ? 0.425   6.691   3.137   1.00 18.56 ? 85  LEU A CD1 1 
ATOM   505 C CD2 . LEU A 1 63 ? -1.869  5.905   3.787   1.00 19.63 ? 85  LEU A CD2 1 
ATOM   506 N N   . GLY A 1 64 ? -2.904  11.209  2.687   1.00 22.69 ? 86  GLY A N   1 
ATOM   507 C CA  . GLY A 1 64 ? -3.144  12.504  3.307   1.00 23.10 ? 86  GLY A CA  1 
ATOM   508 C C   . GLY A 1 64 ? -2.129  12.652  4.434   1.00 22.98 ? 86  GLY A C   1 
ATOM   509 O O   . GLY A 1 64 ? -2.385  13.318  5.432   1.00 23.93 ? 86  GLY A O   1 
ATOM   510 N N   . ARG A 1 65 ? -0.965  12.025  4.272   1.00 21.78 ? 87  ARG A N   1 
ATOM   511 C CA  . ARG A 1 65 ? 0.085   12.071  5.299   1.00 23.27 ? 87  ARG A CA  1 
ATOM   512 C C   . ARG A 1 65 ? 1.489   12.047  4.721   1.00 20.25 ? 87  ARG A C   1 
ATOM   513 O O   . ARG A 1 65 ? 1.712   11.569  3.619   1.00 18.81 ? 87  ARG A O   1 
ATOM   514 C CB  . ARG A 1 65 ? -0.060  10.885  6.259   1.00 26.27 ? 87  ARG A CB  1 
ATOM   515 C CG  . ARG A 1 65 ? -1.240  10.998  7.191   1.00 32.06 ? 87  ARG A CG  1 
ATOM   516 C CD  . ARG A 1 65 ? -1.474  9.706   7.920   1.00 30.24 ? 87  ARG A CD  1 
ATOM   517 N NE  . ARG A 1 65 ? -0.335  9.343   8.746   1.00 33.06 ? 87  ARG A NE  1 
ATOM   518 C CZ  . ARG A 1 65 ? -0.429  9.079   10.047  1.00 34.79 ? 87  ARG A CZ  1 
ATOM   519 N NH1 . ARG A 1 65 ? -1.618  9.147   10.650  1.00 29.03 ? 87  ARG A NH1 1 
ATOM   520 N NH2 . ARG A 1 65 ? 0.658   8.743   10.739  1.00 29.30 ? 87  ARG A NH2 1 
ATOM   521 N N   . GLN A 1 66 ? 2.441   12.564  5.485   1.00 19.75 ? 88  GLN A N   1 
ATOM   522 C CA  . GLN A 1 66 ? 3.831   12.596  5.062   1.00 19.70 ? 88  GLN A CA  1 
ATOM   523 C C   . GLN A 1 66 ? 4.500   11.256  5.436   1.00 20.00 ? 88  GLN A C   1 
ATOM   524 O O   . GLN A 1 66 ? 5.510   10.865  4.859   1.00 19.44 ? 88  GLN A O   1 
ATOM   525 C CB  . GLN A 1 66 ? 4.528   13.770  5.754   1.00 21.87 ? 88  GLN A CB  1 
ATOM   526 C CG  . GLN A 1 66 ? 6.035   13.752  5.750   1.00 26.57 ? 88  GLN A CG  1 
ATOM   527 C CD  . GLN A 1 66 ? 6.597   14.987  6.433   1.00 29.45 ? 88  GLN A CD  1 
ATOM   528 O OE1 . GLN A 1 66 ? 6.660   16.067  5.837   1.00 30.23 ? 88  GLN A OE1 1 
ATOM   529 N NE2 . GLN A 1 66 ? 6.980   14.842  7.702   1.00 30.29 ? 88  GLN A NE2 1 
ATOM   530 N N   . SER A 1 67 ? 3.925   10.558  6.407   1.00 17.97 ? 89  SER A N   1 
ATOM   531 C CA  . SER A 1 67 ? 4.478   9.275   6.815   1.00 17.67 ? 89  SER A CA  1 
ATOM   532 C C   . SER A 1 67 ? 3.435   8.475   7.576   1.00 17.74 ? 89  SER A C   1 
ATOM   533 O O   . SER A 1 67 ? 2.409   9.013   7.983   1.00 17.96 ? 89  SER A O   1 
ATOM   534 C CB  . SER A 1 67 ? 5.700   9.486   7.712   1.00 18.80 ? 89  SER A CB  1 
ATOM   535 O OG  . SER A 1 67 ? 5.325   10.101  8.943   1.00 19.64 ? 89  SER A OG  1 
ATOM   536 N N   . PHE A 1 68 ? 3.683   7.177   7.735   1.00 13.99 ? 90  PHE A N   1 
ATOM   537 C CA  . PHE A 1 68 ? 2.782   6.325   8.503   1.00 13.11 ? 90  PHE A CA  1 
ATOM   538 C C   . PHE A 1 68 ? 3.605   5.170   9.034   1.00 11.47 ? 90  PHE A C   1 
ATOM   539 O O   . PHE A 1 68 ? 4.731   4.964   8.601   1.00 13.80 ? 90  PHE A O   1 
ATOM   540 C CB  . PHE A 1 68 ? 1.575   5.843   7.665   1.00 15.75 ? 90  PHE A CB  1 
ATOM   541 C CG  . PHE A 1 68 ? 1.889   4.753   6.663   1.00 12.60 ? 90  PHE A CG  1 
ATOM   542 C CD1 . PHE A 1 68 ? 1.762   3.414   7.009   1.00 17.32 ? 90  PHE A CD1 1 
ATOM   543 C CD2 . PHE A 1 68 ? 2.279   5.069   5.376   1.00 17.02 ? 90  PHE A CD2 1 
ATOM   544 C CE1 . PHE A 1 68 ? 2.019   2.404   6.068   1.00 17.85 ? 90  PHE A CE1 1 
ATOM   545 C CE2 . PHE A 1 68 ? 2.537   4.069   4.434   1.00 16.74 ? 90  PHE A CE2 1 
ATOM   546 C CZ  . PHE A 1 68 ? 2.407   2.747   4.779   1.00 16.24 ? 90  PHE A CZ  1 
ATOM   547 N N   . SER A 1 69 ? 3.072   4.458   10.014  1.00 13.04 ? 91  SER A N   1 
ATOM   548 C CA  . SER A 1 69 ? 3.793   3.319   10.595  1.00 13.84 ? 91  SER A CA  1 
ATOM   549 C C   . SER A 1 69 ? 3.066   2.024   10.297  1.00 14.26 ? 91  SER A C   1 
ATOM   550 O O   . SER A 1 69 ? 1.848   1.944   10.505  1.00 13.08 ? 91  SER A O   1 
ATOM   551 C CB  . SER A 1 69 ? 3.896   3.475   12.115  1.00 13.69 ? 91  SER A CB  1 
ATOM   552 O OG  . SER A 1 69 ? 4.281   2.256   12.726  1.00 14.51 ? 91  SER A OG  1 
ATOM   553 N N   . VAL A 1 70 ? 3.804   1.003   9.834   1.00 11.33 ? 92  VAL A N   1 
ATOM   554 C CA  . VAL A 1 70 ? 3.185   -0.275  9.553   1.00 12.40 ? 92  VAL A CA  1 
ATOM   555 C C   . VAL A 1 70 ? 2.650   -0.917  10.852  1.00 13.94 ? 92  VAL A C   1 
ATOM   556 O O   . VAL A 1 70 ? 1.751   -1.765  10.804  1.00 14.63 ? 92  VAL A O   1 
ATOM   557 C CB  . VAL A 1 70 ? 4.195   -1.220  8.838   1.00 11.37 ? 92  VAL A CB  1 
ATOM   558 C CG1 . VAL A 1 70 ? 3.574   -2.572  8.607   1.00 13.92 ? 92  VAL A CG1 1 
ATOM   559 C CG2 . VAL A 1 70 ? 4.613   -0.599  7.511   1.00 12.37 ? 92  VAL A CG2 1 
ATOM   560 N N   . LYS A 1 71 ? 3.214   -0.527  12.003  1.00 13.51 ? 93  LYS A N   1 
ATOM   561 C CA  . LYS A 1 71 ? 2.751   -1.048  13.300  1.00 13.84 ? 93  LYS A CA  1 
ATOM   562 C C   . LYS A 1 71 ? 1.370   -0.534  13.735  1.00 15.35 ? 93  LYS A C   1 
ATOM   563 O O   . LYS A 1 71 ? 0.696   -1.174  14.547  1.00 15.98 ? 93  LYS A O   1 
ATOM   564 C CB  . LYS A 1 71 ? 3.755   -0.724  14.407  1.00 17.00 ? 93  LYS A CB  1 
ATOM   565 C CG  . LYS A 1 71 ? 5.037   -1.497  14.302  1.00 16.41 ? 93  LYS A CG  1 
ATOM   566 C CD  . LYS A 1 71 ? 6.001   -1.187  15.455  1.00 18.56 ? 93  LYS A CD  1 
ATOM   567 C CE  . LYS A 1 71 ? 7.380   -1.766  15.134  1.00 23.10 ? 93  LYS A CE  1 
ATOM   568 N NZ  . LYS A 1 71 ? 8.304   -1.774  16.326  1.00 28.46 ? 93  LYS A NZ  1 
ATOM   569 N N   . ASP A 1 72 ? 0.976   0.621   13.214  1.00 14.57 ? 94  ASP A N   1 
ATOM   570 C CA  . ASP A 1 72 ? -0.328  1.232   13.508  1.00 17.03 ? 94  ASP A CA  1 
ATOM   571 C C   . ASP A 1 72 ? -0.923  1.492   12.114  1.00 14.66 ? 94  ASP A C   1 
ATOM   572 O O   . ASP A 1 72 ? -0.966  2.621   11.641  1.00 15.76 ? 94  ASP A O   1 
ATOM   573 C CB  . ASP A 1 72 ? -0.119  2.543   14.271  1.00 21.81 ? 94  ASP A CB  1 
ATOM   574 C CG  . ASP A 1 72 ? 0.592   2.340   15.618  1.00 27.21 ? 94  ASP A CG  1 
ATOM   575 O OD1 . ASP A 1 72 ? 0.237   1.385   16.348  1.00 29.92 ? 94  ASP A OD1 1 
ATOM   576 O OD2 . ASP A 1 72 ? 1.497   3.147   15.959  1.00 27.28 ? 94  ASP A OD2 1 
ATOM   577 N N   . PRO A 1 73 ? -1.392  0.427   11.441  1.00 14.22 ? 95  PRO A N   1 
ATOM   578 C CA  . PRO A 1 73 ? -1.957  0.505   10.093  1.00 15.24 ? 95  PRO A CA  1 
ATOM   579 C C   . PRO A 1 73 ? -3.275  1.225   9.838   1.00 13.93 ? 95  PRO A C   1 
ATOM   580 O O   . PRO A 1 73 ? -3.687  1.330   8.690   1.00 13.50 ? 95  PRO A O   1 
ATOM   581 C CB  . PRO A 1 73 ? -2.042  -0.963  9.679   1.00 15.16 ? 95  PRO A CB  1 
ATOM   582 C CG  . PRO A 1 73 ? -2.438  -1.631  10.988  1.00 13.45 ? 95  PRO A CG  1 
ATOM   583 C CD  . PRO A 1 73 ? -1.473  -0.952  11.968  1.00 15.28 ? 95  PRO A CD  1 
ATOM   584 N N   . SER A 1 74 ? -3.947  1.725   10.866  1.00 13.67 ? 96  SER A N   1 
ATOM   585 C CA  . SER A 1 74 ? -5.240  2.365   10.585  1.00 15.05 ? 96  SER A CA  1 
ATOM   586 C C   . SER A 1 74 ? -5.275  3.397   9.454   1.00 15.41 ? 96  SER A C   1 
ATOM   587 O O   . SER A 1 74 ? -6.195  3.374   8.629   1.00 14.18 ? 96  SER A O   1 
ATOM   588 C CB  . SER A 1 74 ? -5.826  2.960   11.866  1.00 17.19 ? 96  SER A CB  1 
ATOM   589 O OG  . SER A 1 74 ? -6.345  1.896   12.655  1.00 22.48 ? 96  SER A OG  1 
ATOM   590 N N   . PRO A 1 75 ? -4.301  4.319   9.390   1.00 16.43 ? 97  PRO A N   1 
ATOM   591 C CA  . PRO A 1 75 ? -4.342  5.303   8.294   1.00 16.31 ? 97  PRO A CA  1 
ATOM   592 C C   . PRO A 1 75 ? -4.204  4.647   6.910   1.00 14.33 ? 97  PRO A C   1 
ATOM   593 O O   . PRO A 1 75 ? -4.782  5.103   5.923   1.00 13.66 ? 97  PRO A O   1 
ATOM   594 C CB  . PRO A 1 75 ? -3.196  6.262   8.630   1.00 19.26 ? 97  PRO A CB  1 
ATOM   595 C CG  . PRO A 1 75 ? -2.303  5.469   9.511   1.00 23.13 ? 97  PRO A CG  1 
ATOM   596 C CD  . PRO A 1 75 ? -3.218  4.623   10.340  1.00 17.30 ? 97  PRO A CD  1 
ATOM   597 N N   . LEU A 1 76 ? -3.444  3.561   6.844   1.00 12.01 ? 98  LEU A N   1 
ATOM   598 C CA  . LEU A 1 76 ? -3.301  2.839   5.582   1.00 13.83 ? 98  LEU A CA  1 
ATOM   599 C C   . LEU A 1 76 ? -4.632  2.153   5.222   1.00 14.08 ? 98  LEU A C   1 
ATOM   600 O O   . LEU A 1 76 ? -5.075  2.164   4.068   1.00 14.14 ? 98  LEU A O   1 
ATOM   601 C CB  . LEU A 1 76 ? -2.196  1.787   5.723   1.00 13.33 ? 98  LEU A CB  1 
ATOM   602 C CG  . LEU A 1 76 ? -1.993  0.820   4.554   1.00 18.65 ? 98  LEU A CG  1 
ATOM   603 C CD1 . LEU A 1 76 ? -1.399  1.550   3.343   1.00 18.96 ? 98  LEU A CD1 1 
ATOM   604 C CD2 . LEU A 1 76 ? -1.022  -0.277  5.010   1.00 17.22 ? 98  LEU A CD2 1 
ATOM   605 N N   . TYR A 1 77 ? -5.285  1.555   6.212   1.00 12.52 ? 99  TYR A N   1 
ATOM   606 C CA  . TYR A 1 77 ? -6.538  0.870   5.933   1.00 13.06 ? 99  TYR A CA  1 
ATOM   607 C C   . TYR A 1 77 ? -7.623  1.884   5.581   1.00 15.16 ? 99  TYR A C   1 
ATOM   608 O O   . TYR A 1 77 ? -8.486  1.585   4.758   1.00 16.97 ? 99  TYR A O   1 
ATOM   609 C CB  . TYR A 1 77 ? -6.949  0.004   7.123   1.00 12.04 ? 99  TYR A CB  1 
ATOM   610 C CG  . TYR A 1 77 ? -5.965  -1.113  7.455   1.00 12.19 ? 99  TYR A CG  1 
ATOM   611 C CD1 . TYR A 1 77 ? -6.034  -1.785  8.665   1.00 12.75 ? 99  TYR A CD1 1 
ATOM   612 C CD2 . TYR A 1 77 ? -5.020  -1.538  6.525   1.00 12.03 ? 99  TYR A CD2 1 
ATOM   613 C CE1 . TYR A 1 77 ? -5.187  -2.871  8.942   1.00 12.25 ? 99  TYR A CE1 1 
ATOM   614 C CE2 . TYR A 1 77 ? -4.175  -2.608  6.794   1.00 14.21 ? 99  TYR A CE2 1 
ATOM   615 C CZ  . TYR A 1 77 ? -4.272  -3.273  7.996   1.00 11.89 ? 99  TYR A CZ  1 
ATOM   616 O OH  . TYR A 1 77 ? -3.500  -4.374  8.218   1.00 14.16 ? 99  TYR A OH  1 
ATOM   617 N N   . ASP A 1 78 ? -7.569  3.078   6.179   1.00 14.43 ? 100 ASP A N   1 
ATOM   618 C CA  . ASP A 1 78 ? -8.565  4.120   5.848   1.00 18.11 ? 100 ASP A CA  1 
ATOM   619 C C   . ASP A 1 78 ? -8.367  4.541   4.382   1.00 15.95 ? 100 ASP A C   1 
ATOM   620 O O   . ASP A 1 78 ? -9.328  4.771   3.643   1.00 14.42 ? 100 ASP A O   1 
ATOM   621 C CB  . ASP A 1 78 ? -8.410  5.344   6.748   1.00 22.05 ? 100 ASP A CB  1 
ATOM   622 C CG  . ASP A 1 78 ? -8.785  5.056   8.185   1.00 29.07 ? 100 ASP A CG  1 
ATOM   623 O OD1 . ASP A 1 78 ? -9.736  4.273   8.402   1.00 30.85 ? 100 ASP A OD1 1 
ATOM   624 O OD2 . ASP A 1 78 ? -8.139  5.617   9.101   1.00 35.08 ? 100 ASP A OD2 1 
ATOM   625 N N   . MET A 1 79 ? -7.114  4.620   3.965   1.00 14.78 ? 101 MET A N   1 
ATOM   626 C CA  . MET A 1 79 ? -6.802  4.978   2.589   1.00 15.30 ? 101 MET A CA  1 
ATOM   627 C C   . MET A 1 79 ? -7.352  3.892   1.664   1.00 14.84 ? 101 MET A C   1 
ATOM   628 O O   . MET A 1 79 ? -7.976  4.199   0.643   1.00 12.97 ? 101 MET A O   1 
ATOM   629 C CB  . MET A 1 79 ? -5.280  5.130   2.410   1.00 15.64 ? 101 MET A CB  1 
ATOM   630 C CG  . MET A 1 79 ? -4.812  5.482   0.973   1.00 13.29 ? 101 MET A CG  1 
ATOM   631 S SD  . MET A 1 79 ? -4.792  4.100   -0.220  1.00 16.15 ? 101 MET A SD  1 
ATOM   632 C CE  . MET A 1 79 ? -3.257  3.312   0.230   1.00 16.75 ? 101 MET A CE  1 
ATOM   633 N N   . LEU A 1 80 ? -7.142  2.621   2.008   1.00 13.37 ? 102 LEU A N   1 
ATOM   634 C CA  . LEU A 1 80 ? -7.659  1.550   1.156   1.00 13.03 ? 102 LEU A CA  1 
ATOM   635 C C   . LEU A 1 80 ? -9.186  1.551   1.082   1.00 14.11 ? 102 LEU A C   1 
ATOM   636 O O   . LEU A 1 80 ? -9.752  1.299   0.034   1.00 16.38 ? 102 LEU A O   1 
ATOM   637 C CB  . LEU A 1 80 ? -7.176  0.187   1.659   1.00 14.89 ? 102 LEU A CB  1 
ATOM   638 C CG  . LEU A 1 80 ? -5.665  0.016   1.568   1.00 14.01 ? 102 LEU A CG  1 
ATOM   639 C CD1 . LEU A 1 80 ? -5.276  -1.286  2.243   1.00 17.47 ? 102 LEU A CD1 1 
ATOM   640 C CD2 . LEU A 1 80 ? -5.227  0.009   0.107   1.00 16.09 ? 102 LEU A CD2 1 
ATOM   641 N N   . ARG A 1 81 ? -9.851  1.846   2.194   1.00 14.82 ? 103 ARG A N   1 
ATOM   642 C CA  . ARG A 1 81 ? -11.314 1.871   2.220   1.00 16.60 ? 103 ARG A CA  1 
ATOM   643 C C   . ARG A 1 81 ? -11.843 2.938   1.268   1.00 17.42 ? 103 ARG A C   1 
ATOM   644 O O   . ARG A 1 81 ? -12.865 2.750   0.594   1.00 16.18 ? 103 ARG A O   1 
ATOM   645 C CB  . ARG A 1 81 ? -11.788 2.134   3.652   1.00 19.44 ? 103 ARG A CB  1 
ATOM   646 C CG  . ARG A 1 81 ? -13.287 2.239   3.822   1.00 28.23 ? 103 ARG A CG  1 
ATOM   647 C CD  . ARG A 1 81 ? -13.692 3.689   3.831   1.00 36.31 ? 103 ARG A CD  1 
ATOM   648 N NE  . ARG A 1 81 ? -12.892 4.463   4.786   1.00 41.38 ? 103 ARG A NE  1 
ATOM   649 C CZ  . ARG A 1 81 ? -12.960 5.784   4.907   1.00 42.27 ? 103 ARG A CZ  1 
ATOM   650 N NH1 . ARG A 1 81 ? -13.794 6.472   4.134   1.00 45.00 ? 103 ARG A NH1 1 
ATOM   651 N NH2 . ARG A 1 81 ? -12.195 6.417   5.787   1.00 42.28 ? 103 ARG A NH2 1 
ATOM   652 N N   . LYS A 1 82 ? -11.128 4.052   1.190   1.00 16.70 ? 104 LYS A N   1 
ATOM   653 C CA  . LYS A 1 82 ? -11.536 5.132   0.303   1.00 19.85 ? 104 LYS A CA  1 
ATOM   654 C C   . LYS A 1 82 ? -11.086 4.894   -1.130  1.00 18.18 ? 104 LYS A C   1 
ATOM   655 O O   . LYS A 1 82 ? -11.614 5.504   -2.045  1.00 16.59 ? 104 LYS A O   1 
ATOM   656 C CB  . LYS A 1 82 ? -10.964 6.463   0.793   1.00 20.05 ? 104 LYS A CB  1 
ATOM   657 C CG  . LYS A 1 82 ? -11.556 6.919   2.121   1.00 23.78 ? 104 LYS A CG  1 
ATOM   658 C CD  . LYS A 1 82 ? -11.005 8.277   2.575   1.00 28.98 ? 104 LYS A CD  1 
ATOM   659 C CE  . LYS A 1 82 ? -9.566  8.175   3.054   1.00 31.54 ? 104 LYS A CE  1 
ATOM   660 N NZ  . LYS A 1 82 ? -9.017  9.526   3.408   1.00 36.97 ? 104 LYS A NZ  1 
ATOM   661 N N   . ASN A 1 83 ? -10.131 3.990   -1.336  1.00 13.50 ? 105 ASN A N   1 
ATOM   662 C CA  . ASN A 1 83 ? -9.626  3.778   -2.681  1.00 13.77 ? 105 ASN A CA  1 
ATOM   663 C C   . ASN A 1 83 ? -9.857  2.399   -3.291  1.00 14.70 ? 105 ASN A C   1 
ATOM   664 O O   . ASN A 1 83 ? -9.352  2.080   -4.368  1.00 15.37 ? 105 ASN A O   1 
ATOM   665 C CB  . ASN A 1 83 ? -8.143  4.160   -2.713  1.00 16.01 ? 105 ASN A CB  1 
ATOM   666 C CG  . ASN A 1 83 ? -7.941  5.670   -2.708  1.00 18.37 ? 105 ASN A CG  1 
ATOM   667 O OD1 . ASN A 1 83 ? -8.108  6.325   -3.736  1.00 18.03 ? 105 ASN A OD1 1 
ATOM   668 N ND2 . ASN A 1 83 ? -7.605  6.228   -1.548  1.00 15.69 ? 105 ASN A ND2 1 
ATOM   669 N N   . LEU A 1 84 ? -10.633 1.582   -2.606  1.00 13.70 ? 106 LEU A N   1 
ATOM   670 C CA  . LEU A 1 84 ? -10.965 0.273   -3.159  1.00 15.11 ? 106 LEU A CA  1 
ATOM   671 C C   . LEU A 1 84 ? -12.479 0.196   -3.315  1.00 15.88 ? 106 LEU A C   1 
ATOM   672 O O   . LEU A 1 84 ? -13.215 0.376   -2.338  1.00 17.28 ? 106 LEU A O   1 
ATOM   673 C CB  . LEU A 1 84 ? -10.493 -0.848  -2.230  1.00 14.95 ? 106 LEU A CB  1 
ATOM   674 C CG  . LEU A 1 84 ? -8.984  -1.042  -2.062  1.00 11.31 ? 106 LEU A CG  1 
ATOM   675 C CD1 . LEU A 1 84 ? -8.745  -2.140  -1.047  1.00 13.42 ? 106 LEU A CD1 1 
ATOM   676 C CD2 . LEU A 1 84 ? -8.340  -1.361  -3.409  1.00 9.34  ? 106 LEU A CD2 1 
ATOM   677 N N   . VAL A 1 85 ? -12.953 -0.042  -4.537  1.00 14.29 ? 107 VAL A N   1 
ATOM   678 C CA  . VAL A 1 85 ? -14.392 -0.185  -4.774  1.00 12.71 ? 107 VAL A CA  1 
ATOM   679 C C   . VAL A 1 85 ? -14.665 -1.669  -4.575  1.00 12.53 ? 107 VAL A C   1 
ATOM   680 O O   . VAL A 1 85 ? -13.958 -2.521  -5.109  1.00 14.06 ? 107 VAL A O   1 
ATOM   681 C CB  . VAL A 1 85 ? -14.801 0.245   -6.208  1.00 10.77 ? 107 VAL A CB  1 
ATOM   682 C CG1 . VAL A 1 85 ? -16.278 -0.042  -6.457  1.00 14.13 ? 107 VAL A CG1 1 
ATOM   683 C CG2 . VAL A 1 85 ? -14.538 1.751   -6.402  1.00 12.64 ? 107 VAL A CG2 1 
ATOM   684 N N   . THR A 1 86 ? -15.685 -1.984  -3.783  1.00 17.34 ? 108 THR A N   1 
ATOM   685 C CA  . THR A 1 86 ? -16.005 -3.380  -3.513  1.00 22.13 ? 108 THR A CA  1 
ATOM   686 C C   . THR A 1 86 ? -17.423 -3.698  -3.962  1.00 25.80 ? 108 THR A C   1 
ATOM   687 O O   . THR A 1 86 ? -18.119 -2.838  -4.505  1.00 25.05 ? 108 THR A O   1 
ATOM   688 C CB  . THR A 1 86 ? -15.897 -3.703  -2.008  1.00 26.02 ? 108 THR A CB  1 
ATOM   689 O OG1 . THR A 1 86 ? -16.932 -3.007  -1.303  1.00 29.55 ? 108 THR A OG1 1 
ATOM   690 C CG2 . THR A 1 86 ? -14.543 -3.258  -1.463  1.00 27.41 ? 108 THR A CG2 1 
ATOM   691 N N   . LEU A 1 87 ? -17.827 -4.949  -3.750  1.00 26.03 ? 109 LEU A N   1 
ATOM   692 C CA  . LEU A 1 87 ? -19.167 -5.404  -4.115  1.00 29.62 ? 109 LEU A CA  1 
ATOM   693 C C   . LEU A 1 87 ? -20.157 -5.191  -2.967  1.00 33.70 ? 109 LEU A C   1 
ATOM   694 O O   . LEU A 1 87 ? -20.445 -6.170  -2.238  1.00 37.98 ? 109 LEU A O   1 
ATOM   695 C CB  . LEU A 1 87 ? -19.120 -6.881  -4.519  1.00 25.23 ? 109 LEU A CB  1 
ATOM   696 C CG  . LEU A 1 87 ? -18.712 -7.074  -5.982  1.00 24.55 ? 109 LEU A CG  1 
ATOM   697 C CD1 . LEU A 1 87 ? -18.263 -8.475  -6.248  1.00 26.85 ? 109 LEU A CD1 1 
ATOM   698 C CD2 . LEU A 1 87 ? -19.887 -6.744  -6.845  1.00 28.06 ? 109 LEU A CD2 1 
ATOM   699 N N   . LEU B 2 1  ? 12.332  -6.257  11.910  1.00 15.74 ? 17  LEU P N   1 
ATOM   700 C CA  . LEU B 2 1  ? 13.499  -5.338  11.764  1.00 13.81 ? 17  LEU P CA  1 
ATOM   701 C C   . LEU B 2 1  ? 13.639  -4.912  10.310  1.00 12.49 ? 17  LEU P C   1 
ATOM   702 O O   . LEU B 2 1  ? 14.400  -3.982  9.993   1.00 13.88 ? 17  LEU P O   1 
ATOM   703 C CB  . LEU B 2 1  ? 14.794  -6.031  12.238  1.00 16.48 ? 17  LEU P CB  1 
ATOM   704 C CG  . LEU B 2 1  ? 14.890  -6.413  13.727  1.00 17.28 ? 17  LEU P CG  1 
ATOM   705 C CD1 . LEU B 2 1  ? 16.247  -7.045  14.014  1.00 16.37 ? 17  LEU P CD1 1 
ATOM   706 C CD2 . LEU B 2 1  ? 14.697  -5.172  14.579  1.00 22.37 ? 17  LEU P CD2 1 
ATOM   707 N N   . THR B 2 2  ? 12.935  -5.609  9.421   1.00 12.60 ? 18  THR P N   1 
ATOM   708 C CA  . THR B 2 2  ? 12.947  -5.257  7.998   1.00 12.45 ? 18  THR P CA  1 
ATOM   709 C C   . THR B 2 2  ? 11.532  -4.803  7.605   1.00 11.06 ? 18  THR P C   1 
ATOM   710 O O   . THR B 2 2  ? 10.556  -5.151  8.265   1.00 11.37 ? 18  THR P O   1 
ATOM   711 C CB  . THR B 2 2  ? 13.338  -6.443  7.078   1.00 14.89 ? 18  THR P CB  1 
ATOM   712 O OG1 . THR B 2 2  ? 12.390  -7.500  7.228   1.00 13.54 ? 18  THR P OG1 1 
ATOM   713 C CG2 . THR B 2 2  ? 14.735  -6.955  7.412   1.00 13.91 ? 18  THR P CG2 1 
ATOM   714 N N   . PHE B 2 3  ? 11.431  -4.021  6.539   1.00 10.71 ? 19  PHE P N   1 
ATOM   715 C CA  . PHE B 2 3  ? 10.122  -3.567  6.081   1.00 12.29 ? 19  PHE P CA  1 
ATOM   716 C C   . PHE B 2 3  ? 9.237   -4.787  5.775   1.00 12.67 ? 19  PHE P C   1 
ATOM   717 O O   . PHE B 2 3  ? 8.076   -4.852  6.187   1.00 13.06 ? 19  PHE P O   1 
ATOM   718 C CB  . PHE B 2 3  ? 10.260  -2.722  4.827   1.00 10.22 ? 19  PHE P CB  1 
ATOM   719 C CG  . PHE B 2 3  ? 8.951   -2.385  4.210   1.00 11.17 ? 19  PHE P CG  1 
ATOM   720 C CD1 . PHE B 2 3  ? 8.115   -1.440  4.808   1.00 8.89  ? 19  PHE P CD1 1 
ATOM   721 C CD2 . PHE B 2 3  ? 8.509   -3.059  3.086   1.00 11.64 ? 19  PHE P CD2 1 
ATOM   722 C CE1 . PHE B 2 3  ? 6.856   -1.190  4.285   1.00 9.48  ? 19  PHE P CE1 1 
ATOM   723 C CE2 . PHE B 2 3  ? 7.249   -2.810  2.557   1.00 10.32 ? 19  PHE P CE2 1 
ATOM   724 C CZ  . PHE B 2 3  ? 6.419   -1.870  3.166   1.00 11.85 ? 19  PHE P CZ  1 
ATOM   725 N N   . GLU B 2 4  ? 9.786   -5.764  5.062   1.00 13.18 ? 20  GLU P N   1 
ATOM   726 C CA  . GLU B 2 4  ? 8.996   -6.938  4.732   1.00 16.26 ? 20  GLU P CA  1 
ATOM   727 C C   . GLU B 2 4  ? 8.478   -7.696  5.962   1.00 15.98 ? 20  GLU P C   1 
ATOM   728 O O   . GLU B 2 4  ? 7.358   -8.217  5.944   1.00 14.18 ? 20  GLU P O   1 
ATOM   729 C CB  . GLU B 2 4  ? 9.794   -7.869  3.819   1.00 19.71 ? 20  GLU P CB  1 
ATOM   730 C CG  . GLU B 2 4  ? 8.916   -8.927  3.146   1.00 29.88 ? 20  GLU P CG  1 
ATOM   731 C CD  . GLU B 2 4  ? 7.659   -8.338  2.475   1.00 38.57 ? 20  GLU P CD  1 
ATOM   732 O OE1 . GLU B 2 4  ? 7.793   -7.505  1.537   1.00 40.38 ? 20  GLU P OE1 1 
ATOM   733 O OE2 . GLU B 2 4  ? 6.532   -8.716  2.892   1.00 38.89 ? 20  GLU P OE2 1 
ATOM   734 N N   . HIS B 2 5  ? 9.288   -7.772  7.027   1.00 13.91 ? 21  HIS P N   1 
ATOM   735 C CA  . HIS B 2 5  ? 8.879   -8.441  8.274   1.00 13.79 ? 21  HIS P CA  1 
ATOM   736 C C   . HIS B 2 5  ? 7.593   -7.811  8.805   1.00 12.38 ? 21  HIS P C   1 
ATOM   737 O O   . HIS B 2 5  ? 6.655   -8.515  9.199   1.00 13.33 ? 21  HIS P O   1 
ATOM   738 C CB  . HIS B 2 5  ? 9.958   -8.297  9.355   1.00 16.58 ? 21  HIS P CB  1 
ATOM   739 C CG  . HIS B 2 5  ? 9.531   -8.782  10.711  1.00 18.14 ? 21  HIS P CG  1 
ATOM   740 N ND1 . HIS B 2 5  ? 9.494   -10.120 11.045  1.00 19.63 ? 21  HIS P ND1 1 
ATOM   741 C CD2 . HIS B 2 5  ? 9.065   -8.112  11.792  1.00 19.50 ? 21  HIS P CD2 1 
ATOM   742 C CE1 . HIS B 2 5  ? 9.023   -10.253 12.273  1.00 20.80 ? 21  HIS P CE1 1 
ATOM   743 N NE2 . HIS B 2 5  ? 8.752   -9.051  12.749  1.00 22.82 ? 21  HIS P NE2 1 
ATOM   744 N N   . TRP B 2 6  ? 7.560   -6.485  8.825   1.00 11.56 ? 22  TRP P N   1 
ATOM   745 C CA  . TRP B 2 6  ? 6.387   -5.773  9.320   1.00 12.38 ? 22  TRP P CA  1 
ATOM   746 C C   . TRP B 2 6  ? 5.212   -5.813  8.344   1.00 11.10 ? 22  TRP P C   1 
ATOM   747 O O   . TRP B 2 6  ? 4.074   -6.060  8.744   1.00 11.73 ? 22  TRP P O   1 
ATOM   748 C CB  . TRP B 2 6  ? 6.750   -4.313  9.598   1.00 14.07 ? 22  TRP P CB  1 
ATOM   749 C CG  . TRP B 2 6  ? 7.831   -4.165  10.613  1.00 20.06 ? 22  TRP P CG  1 
ATOM   750 C CD1 . TRP B 2 6  ? 9.087   -3.676  10.416  1.00 18.59 ? 22  TRP P CD1 1 
ATOM   751 C CD2 . TRP B 2 6  ? 7.748   -4.526  11.990  1.00 20.74 ? 22  TRP P CD2 1 
ATOM   752 N NE1 . TRP B 2 6  ? 9.799   -3.707  11.594  1.00 21.05 ? 22  TRP P NE1 1 
ATOM   753 C CE2 . TRP B 2 6  ? 8.997   -4.228  12.576  1.00 21.68 ? 22  TRP P CE2 1 
ATOM   754 C CE3 . TRP B 2 6  ? 6.736   -5.071  12.786  1.00 22.76 ? 22  TRP P CE3 1 
ATOM   755 C CZ2 . TRP B 2 6  ? 9.266   -4.458  13.930  1.00 23.20 ? 22  TRP P CZ2 1 
ATOM   756 C CZ3 . TRP B 2 6  ? 7.003   -5.301  14.140  1.00 25.64 ? 22  TRP P CZ3 1 
ATOM   757 C CH2 . TRP B 2 6  ? 8.260   -4.993  14.692  1.00 24.14 ? 22  TRP P CH2 1 
ATOM   758 N N   . TRP B 2 7  ? 5.498   -5.559  7.068   1.00 10.35 ? 23  TRP P N   1 
ATOM   759 C CA  . TRP B 2 7  ? 4.458   -5.534  6.047   1.00 10.32 ? 23  TRP P CA  1 
ATOM   760 C C   . TRP B 2 7  ? 3.732   -6.875  5.902   1.00 11.76 ? 23  TRP P C   1 
ATOM   761 O O   . TRP B 2 7  ? 2.507   -6.920  5.783   1.00 8.78  ? 23  TRP P O   1 
ATOM   762 C CB  . TRP B 2 7  ? 5.060   -5.096  4.697   1.00 9.40  ? 23  TRP P CB  1 
ATOM   763 C CG  . TRP B 2 7  ? 4.014   -4.867  3.634   1.00 8.08  ? 23  TRP P CG  1 
ATOM   764 C CD1 . TRP B 2 7  ? 3.584   -5.746  2.686   1.00 7.81  ? 23  TRP P CD1 1 
ATOM   765 C CD2 . TRP B 2 7  ? 3.221   -3.689  3.483   1.00 10.51 ? 23  TRP P CD2 1 
ATOM   766 N NE1 . TRP B 2 7  ? 2.560   -5.194  1.956   1.00 7.90  ? 23  TRP P NE1 1 
ATOM   767 C CE2 . TRP B 2 7  ? 2.318   -3.925  2.423   1.00 9.73  ? 23  TRP P CE2 1 
ATOM   768 C CE3 . TRP B 2 7  ? 3.187   -2.451  4.150   1.00 8.99  ? 23  TRP P CE3 1 
ATOM   769 C CZ2 . TRP B 2 7  ? 1.386   -2.975  2.005   1.00 10.01 ? 23  TRP P CZ2 1 
ATOM   770 C CZ3 . TRP B 2 7  ? 2.254   -1.490  3.734   1.00 11.28 ? 23  TRP P CZ3 1 
ATOM   771 C CH2 . TRP B 2 7  ? 1.363   -1.765  2.665   1.00 10.46 ? 23  TRP P CH2 1 
ATOM   772 N N   . ALA B 2 8  ? 4.487   -7.969  5.950   1.00 10.90 ? 24  ALA P N   1 
ATOM   773 C CA  . ALA B 2 8  ? 3.893   -9.293  5.789   1.00 12.02 ? 24  ALA P CA  1 
ATOM   774 C C   . ALA B 2 8  ? 2.875   -9.632  6.877   1.00 13.95 ? 24  ALA P C   1 
ATOM   775 O O   . ALA B 2 8  ? 1.985   -10.461 6.670   1.00 13.85 ? 24  ALA P O   1 
ATOM   776 C CB  . ALA B 2 8  ? 5.004   -10.348 5.747   1.00 15.41 ? 24  ALA P CB  1 
ATOM   777 N N   . GLN B 2 9  ? 2.981   -8.995  8.031   1.00 13.45 ? 25  GLN P N   1 
ATOM   778 C CA  . GLN B 2 9  ? 2.035   -9.317  9.087   1.00 14.07 ? 25  GLN P CA  1 
ATOM   779 C C   . GLN B 2 9  ? 0.689   -8.616  8.944   1.00 13.90 ? 25  GLN P C   1 
ATOM   780 O O   . GLN B 2 9  ? -0.229  -8.884  9.725   1.00 14.36 ? 25  GLN P O   1 
ATOM   781 C CB  . GLN B 2 9  ? 2.686   -9.073  10.450  1.00 17.62 ? 25  GLN P CB  1 
ATOM   782 C CG  . GLN B 2 9  ? 3.877   -10.029 10.668  1.00 19.53 ? 25  GLN P CG  1 
ATOM   783 C CD  . GLN B 2 9  ? 4.379   -10.057 12.091  1.00 23.37 ? 25  GLN P CD  1 
ATOM   784 O OE1 . GLN B 2 9  ? 3.682   -10.519 13.007  1.00 21.53 ? 25  GLN P OE1 1 
ATOM   785 N NE2 . GLN B 2 9  ? 5.598   -9.558  12.291  1.00 19.71 ? 25  GLN P NE2 1 
ATOM   786 N N   . LEU B 2 10 ? 0.547   -7.753  7.932   1.00 11.63 ? 26  LEU P N   1 
ATOM   787 C CA  . LEU B 2 10 ? -0.737  -7.076  7.709   1.00 10.79 ? 26  LEU P CA  1 
ATOM   788 C C   . LEU B 2 10 ? -1.726  -8.029  7.030   1.00 11.10 ? 26  LEU P C   1 
ATOM   789 O O   . LEU B 2 10 ? -2.925  -7.744  6.978   1.00 13.07 ? 26  LEU P O   1 
ATOM   790 C CB  . LEU B 2 10 ? -0.562  -5.834  6.835   1.00 9.81  ? 26  LEU P CB  1 
ATOM   791 C CG  . LEU B 2 10 ? 0.342   -4.740  7.420   1.00 13.95 ? 26  LEU P CG  1 
ATOM   792 C CD1 . LEU B 2 10 ? 0.339   -3.568  6.469   1.00 13.27 ? 26  LEU P CD1 1 
ATOM   793 C CD2 . LEU B 2 10 ? -0.141  -4.309  8.817   1.00 15.18 ? 26  LEU P CD2 1 
ATOM   794 N N   . THR B 2 11 ? -1.234  -9.152  6.506   1.00 11.03 ? 27  THR P N   1 
ATOM   795 C CA  . THR B 2 11 ? -2.124  -10.138 5.884   1.00 13.63 ? 27  THR P CA  1 
ATOM   796 C C   . THR B 2 11 ? -1.920  -11.519 6.492   1.00 16.53 ? 27  THR P C   1 
ATOM   797 O O   . THR B 2 11 ? -0.802  -11.877 6.879   1.00 15.82 ? 27  THR P O   1 
ATOM   798 C CB  . THR B 2 11 ? -1.915  -10.279 4.364   1.00 13.40 ? 27  THR P CB  1 
ATOM   799 O OG1 . THR B 2 11 ? -0.529  -10.524 4.085   1.00 13.56 ? 27  THR P OG1 1 
ATOM   800 C CG2 . THR B 2 11 ? -2.380  -9.048  3.637   1.00 11.78 ? 27  THR P CG2 1 
ATOM   801 N N   . SER B 2 12 ? -2.997  -12.300 6.549   1.00 17.99 ? 28  SER P N   1 
ATOM   802 C CA  . SER B 2 12 ? -2.925  -13.654 7.099   1.00 19.85 ? 28  SER P CA  1 
ATOM   803 C C   . SER B 2 12 ? -2.507  -14.614 5.992   1.00 25.09 ? 28  SER P C   1 
ATOM   804 O O   . SER B 2 12 ? -2.745  -14.269 4.805   1.00 25.16 ? 28  SER P O   1 
ATOM   805 C CB  . SER B 2 12 ? -4.291  -14.080 7.635   1.00 23.59 ? 28  SER P CB  1 
ATOM   806 O OG  . SER B 2 12 ? -5.219  -14.244 6.566   1.00 28.05 ? 28  SER P OG  1 
ATOM   807 O OXT . SER B 2 12 ? -1.973  -15.703 6.320   1.00 26.57 ? 28  SER P OXT 1 
HETATM 808 K K   . K   C 3 .  ? 14.443  5.391   2.555   1.00 11.89 ? 201 K   A K   1 
HETATM 809 O O   . HOH D 4 .  ? -9.003  -0.526  -11.261 1.00 13.14 ? 1   HOH A O   1 
HETATM 810 O O   . HOH D 4 .  ? 17.521  -0.727  2.345   1.00 13.94 ? 2   HOH A O   1 
HETATM 811 O O   . HOH D 4 .  ? -7.204  -11.799 -0.584  1.00 11.40 ? 3   HOH A O   1 
HETATM 812 O O   . HOH D 4 .  ? 0.043   -10.016 0.050   1.00 14.36 ? 4   HOH A O   1 
HETATM 813 O O   . HOH D 4 .  ? 11.954  6.409   -4.668  1.00 11.41 ? 6   HOH A O   1 
HETATM 814 O O   . HOH D 4 .  ? -9.561  -10.515 -1.337  1.00 19.14 ? 7   HOH A O   1 
HETATM 815 O O   . HOH D 4 .  ? 10.380  9.322   0.699   1.00 24.27 ? 8   HOH A O   1 
HETATM 816 O O   . HOH D 4 .  ? 8.375   10.487  -0.913  1.00 13.51 ? 9   HOH A O   1 
HETATM 817 O O   . HOH D 4 .  ? 12.547  7.352   3.241   1.00 16.36 ? 12  HOH A O   1 
HETATM 818 O O   . HOH D 4 .  ? 8.619   9.481   -3.591  1.00 15.55 ? 13  HOH A O   1 
HETATM 819 O O   . HOH D 4 .  ? 14.665  9.087   9.334   1.00 24.72 ? 14  HOH A O   1 
HETATM 820 O O   . HOH D 4 .  ? 11.263  7.225   11.668  1.00 21.38 ? 15  HOH A O   1 
HETATM 821 O O   . HOH D 4 .  ? -4.770  -13.567 -4.136  1.00 18.05 ? 16  HOH A O   1 
HETATM 822 O O   . HOH D 4 .  ? -1.253  -8.359  -11.496 1.00 18.44 ? 17  HOH A O   1 
HETATM 823 O O   . HOH D 4 .  ? -11.110 -9.672  0.888   0.50 10.87 ? 18  HOH A O   1 
HETATM 824 O O   . HOH D 4 .  ? 11.267  8.551   -3.522  1.00 17.77 ? 21  HOH A O   1 
HETATM 825 O O   . HOH D 4 .  ? -7.307  8.999   -0.635  1.00 24.92 ? 22  HOH A O   1 
HETATM 826 O O   . HOH D 4 .  ? 18.659  8.149   14.610  1.00 35.25 ? 112 HOH A O   1 
HETATM 827 O O   . HOH D 4 .  ? 15.550  6.105   14.707  1.00 33.68 ? 113 HOH A O   1 
HETATM 828 O O   . HOH D 4 .  ? 1.240   2.662   -15.654 1.00 41.94 ? 114 HOH A O   1 
HETATM 829 O O   . HOH D 4 .  ? -6.275  12.161  -0.499  1.00 42.91 ? 115 HOH A O   1 
HETATM 830 O O   . HOH D 4 .  ? -2.296  16.119  0.374   1.00 40.14 ? 116 HOH A O   1 
HETATM 831 O O   . HOH D 4 .  ? -5.593  -8.160  -12.140 1.00 15.34 ? 117 HOH A O   1 
HETATM 832 O O   . HOH D 4 .  ? 6.092   5.766   -9.092  1.00 37.20 ? 118 HOH A O   1 
HETATM 833 O O   . HOH D 4 .  ? 11.170  -1.902  15.712  1.00 18.80 ? 119 HOH A O   1 
HETATM 834 O O   . HOH D 4 .  ? 1.517   -11.969 -1.569  1.00 47.55 ? 120 HOH A O   1 
HETATM 835 O O   . HOH D 4 .  ? 9.103   -5.885  -6.907  1.00 35.35 ? 121 HOH A O   1 
HETATM 836 O O   . HOH D 4 .  ? 15.066  -0.585  -5.277  1.00 34.16 ? 122 HOH A O   1 
HETATM 837 O O   . HOH D 4 .  ? 15.292  2.639   2.504   1.00 23.89 ? 123 HOH A O   1 
HETATM 838 O O   . HOH D 4 .  ? 16.603  6.380   8.827   1.00 24.21 ? 124 HOH A O   1 
HETATM 839 O O   . HOH D 4 .  ? -5.666  7.664   5.467   1.00 21.18 ? 125 HOH A O   1 
HETATM 840 O O   . HOH D 4 .  ? -6.417  -14.226 -2.183  1.00 18.17 ? 126 HOH A O   1 
HETATM 841 O O   . HOH D 4 .  ? 0.571   5.008   10.937  1.00 19.79 ? 127 HOH A O   1 
HETATM 842 O O   . HOH D 4 .  ? 1.007   -4.047  12.162  1.00 18.69 ? 128 HOH A O   1 
HETATM 843 O O   . HOH D 4 .  ? 7.013   14.910  -5.888  1.00 22.52 ? 129 HOH A O   1 
HETATM 844 O O   . HOH D 4 .  ? -13.246 -9.755  -9.739  1.00 38.58 ? 130 HOH A O   1 
HETATM 845 O O   . HOH D 4 .  ? -20.375 -2.608  -0.418  1.00 38.36 ? 131 HOH A O   1 
HETATM 846 O O   . HOH D 4 .  ? -15.775 -6.978  -3.322  1.00 26.90 ? 132 HOH A O   1 
HETATM 847 O O   . HOH D 4 .  ? -13.229 -1.551  -17.237 1.00 22.03 ? 133 HOH A O   1 
HETATM 848 O O   . HOH D 4 .  ? -3.688  -5.417  10.696  1.00 21.26 ? 134 HOH A O   1 
HETATM 849 O O   . HOH D 4 .  ? -10.416 0.730   -12.997 1.00 21.95 ? 135 HOH A O   1 
HETATM 850 O O   . HOH D 4 .  ? -7.238  -11.414 -9.101  1.00 31.25 ? 136 HOH A O   1 
HETATM 851 O O   . HOH D 4 .  ? -6.974  3.139   14.973  1.00 25.19 ? 137 HOH A O   1 
HETATM 852 O O   . HOH D 4 .  ? 14.699  -2.187  -0.751  1.00 41.18 ? 138 HOH A O   1 
HETATM 853 O O   . HOH D 4 .  ? 2.756   13.648  -0.817  1.00 23.09 ? 139 HOH A O   1 
HETATM 854 O O   . HOH D 4 .  ? -8.579  8.825   -4.574  1.00 30.50 ? 140 HOH A O   1 
HETATM 855 O O   . HOH D 4 .  ? 2.476   14.165  -4.779  1.00 24.43 ? 141 HOH A O   1 
HETATM 856 O O   . HOH D 4 .  ? 18.583  0.828   13.043  1.00 22.36 ? 142 HOH A O   1 
HETATM 857 O O   . HOH D 4 .  ? -0.354  -11.945 -3.680  1.00 38.01 ? 143 HOH A O   1 
HETATM 858 O O   . HOH D 4 .  ? 14.660  -4.231  4.107   1.00 22.08 ? 144 HOH A O   1 
HETATM 859 O O   . HOH D 4 .  ? -4.343  3.116   -15.596 1.00 38.20 ? 145 HOH A O   1 
HETATM 860 O O   . HOH D 4 .  ? 5.202   -7.010  -0.721  1.00 35.56 ? 146 HOH A O   1 
HETATM 861 O O   . HOH D 4 .  ? 21.117  8.062   12.329  1.00 25.07 ? 147 HOH A O   1 
HETATM 862 O O   . HOH D 4 .  ? 3.829   -10.800 -1.080  1.00 33.41 ? 148 HOH A O   1 
HETATM 863 O O   . HOH D 4 .  ? -18.454 -6.226  -0.962  1.00 35.37 ? 149 HOH A O   1 
HETATM 864 O O   . HOH D 4 .  ? 4.829   2.858   15.188  1.00 31.43 ? 150 HOH A O   1 
HETATM 865 O O   . HOH D 4 .  ? -14.268 0.313   0.161   1.00 25.47 ? 151 HOH A O   1 
HETATM 866 O O   . HOH D 4 .  ? -6.737  8.365   3.302   1.00 26.37 ? 152 HOH A O   1 
HETATM 867 O O   . HOH D 4 .  ? 19.808  0.037   -3.247  1.00 40.78 ? 153 HOH A O   1 
HETATM 868 O O   . HOH D 4 .  ? -13.032 -14.870 -13.238 1.00 34.31 ? 154 HOH A O   1 
HETATM 869 O O   . HOH D 4 .  ? 2.100   12.498  8.471   1.00 35.60 ? 155 HOH A O   1 
HETATM 870 O O   . HOH D 4 .  ? -10.712 2.415   -11.019 1.00 24.67 ? 156 HOH A O   1 
HETATM 871 O O   . HOH D 4 .  ? -0.934  6.085   13.219  1.00 34.34 ? 157 HOH A O   1 
HETATM 872 O O   . HOH D 4 .  ? -17.173 0.174   -2.750  1.00 24.85 ? 158 HOH A O   1 
HETATM 873 O O   . HOH D 4 .  ? 1.060   -3.832  14.989  1.00 25.67 ? 159 HOH A O   1 
HETATM 874 O O   . HOH D 4 .  ? 11.892  0.638   17.126  1.00 30.72 ? 160 HOH A O   1 
HETATM 875 O O   . HOH D 4 .  ? 17.028  -3.740  2.156   1.00 36.70 ? 161 HOH A O   1 
HETATM 876 O O   . HOH D 4 .  ? -4.131  14.372  -0.343  1.00 40.14 ? 162 HOH A O   1 
HETATM 877 O O   . HOH D 4 .  ? -17.549 -8.536  -10.507 1.00 33.89 ? 163 HOH A O   1 
HETATM 878 O O   . HOH D 4 .  ? -21.181 -0.315  -1.956  1.00 42.24 ? 164 HOH A O   1 
HETATM 879 O O   . HOH D 4 .  ? -9.122  -13.889 -2.307  1.00 19.60 ? 165 HOH A O   1 
HETATM 880 O O   . HOH D 4 .  ? -13.289 -8.797  -0.511  1.00 29.73 ? 166 HOH A O   1 
HETATM 881 O O   . HOH D 4 .  ? -12.774 -4.487  -15.592 1.00 25.91 ? 167 HOH A O   1 
HETATM 882 O O   . HOH D 4 .  ? -8.497  -7.491  -13.795 1.00 31.22 ? 168 HOH A O   1 
HETATM 883 O O   . HOH D 4 .  ? 14.359  3.089   18.330  1.00 42.84 ? 169 HOH A O   1 
HETATM 884 O O   . HOH D 4 .  ? -1.628  2.659   -15.187 1.00 36.37 ? 170 HOH A O   1 
HETATM 885 O O   . HOH D 4 .  ? -13.653 -11.197 -11.569 1.00 26.98 ? 171 HOH A O   1 
HETATM 886 O O   . HOH D 4 .  ? -8.945  10.070  -7.081  1.00 30.01 ? 172 HOH A O   1 
HETATM 887 O O   . HOH D 4 .  ? 7.631   16.194  10.247  1.00 33.26 ? 173 HOH A O   1 
HETATM 888 O O   . HOH D 4 .  ? 2.224   3.306   -13.111 1.00 37.36 ? 174 HOH A O   1 
HETATM 889 O O   . HOH D 4 .  ? -15.863 3.525   0.791   1.00 41.27 ? 175 HOH A O   1 
HETATM 890 O O   . HOH D 4 .  ? 2.003   13.890  1.722   1.00 40.59 ? 176 HOH A O   1 
HETATM 891 O O   . HOH D 4 .  ? -10.304 0.408   -19.139 1.00 30.02 ? 177 HOH A O   1 
HETATM 892 O O   . HOH D 4 .  ? -14.367 3.293   -2.033  1.00 35.95 ? 178 HOH A O   1 
HETATM 893 O O   . HOH D 4 .  ? 3.733   6.908   -8.882  1.00 40.67 ? 179 HOH A O   1 
HETATM 894 O O   . HOH D 4 .  ? 10.602  6.357   14.101  1.00 44.06 ? 180 HOH A O   1 
HETATM 895 O O   . HOH D 4 .  ? 5.322   -9.222  -8.288  1.00 36.82 ? 181 HOH A O   1 
HETATM 896 O O   . HOH D 4 .  ? 4.492   -9.578  -10.560 1.00 38.65 ? 182 HOH A O   1 
HETATM 897 O O   . HOH D 4 .  ? 15.257  6.665   12.094  1.00 28.70 ? 183 HOH A O   1 
HETATM 898 O O   . HOH D 4 .  ? 16.601  -6.002  4.132   1.00 36.28 ? 184 HOH A O   1 
HETATM 899 O O   . HOH D 4 .  ? 8.102   -2.327  -10.579 1.00 31.58 ? 185 HOH A O   1 
HETATM 900 O O   . HOH D 4 .  ? -3.604  -9.944  -11.159 1.00 29.39 ? 186 HOH A O   1 
HETATM 901 O O   . HOH D 4 .  ? 1.885   -2.661  17.228  1.00 42.41 ? 187 HOH A O   1 
HETATM 902 O O   . HOH D 4 .  ? -0.453  -1.180  17.196  1.00 30.24 ? 188 HOH A O   1 
HETATM 903 O O   . HOH D 4 .  ? -0.247  13.050  10.152  1.00 41.93 ? 189 HOH A O   1 
HETATM 904 O O   . HOH D 4 .  ? -1.981  -13.813 -4.004  1.00 32.06 ? 190 HOH A O   1 
HETATM 905 O O   . HOH D 4 .  ? 7.723   18.648  7.092   1.00 31.21 ? 191 HOH A O   1 
HETATM 906 O O   . HOH D 4 .  ? 14.659  -3.130  -4.974  1.00 39.93 ? 192 HOH A O   1 
HETATM 907 O O   . HOH D 4 .  ? 8.389   12.096  3.580   1.00 29.37 ? 193 HOH A O   1 
HETATM 908 O O   . HOH D 4 .  ? -5.116  4.984   14.858  1.00 35.42 ? 194 HOH A O   1 
HETATM 909 O O   . HOH D 4 .  ? 8.234   4.615   15.246  1.00 44.47 ? 195 HOH A O   1 
HETATM 910 O O   . HOH D 4 .  ? 14.884  -1.280  -8.549  1.00 34.25 ? 196 HOH A O   1 
HETATM 911 O O   . HOH D 4 .  ? 19.432  -5.037  1.850   1.00 40.90 ? 197 HOH A O   1 
HETATM 912 O O   . HOH D 4 .  ? -0.526  7.597   -16.009 1.00 45.26 ? 198 HOH A O   1 
HETATM 913 O O   . HOH D 4 .  ? -1.609  -5.032  12.321  1.00 26.17 ? 199 HOH A O   1 
HETATM 914 O O   . HOH E 4 .  ? 0.823   -7.949  3.833   1.00 15.73 ? 5   HOH P O   1 
HETATM 915 O O   . HOH E 4 .  ? 12.269  -5.694  3.569   1.00 18.91 ? 10  HOH P O   1 
HETATM 916 O O   . HOH E 4 .  ? 1.761   -8.213  1.280   1.00 14.13 ? 11  HOH P O   1 
HETATM 917 O O   . HOH E 4 .  ? 1.469   -13.075 7.027   1.00 13.35 ? 29  HOH P O   1 
HETATM 918 O O   . HOH E 4 .  ? 3.205   -5.346  11.295  1.00 21.47 ? 30  HOH P O   1 
HETATM 919 O O   . HOH E 4 .  ? 1.297   -12.459 5.238   1.00 15.40 ? 31  HOH P O   1 
HETATM 920 O O   . HOH E 4 .  ? 13.879  -1.622  11.617  1.00 16.70 ? 32  HOH P O   1 
HETATM 921 O O   . HOH E 4 .  ? 7.425   -8.318  15.530  1.00 25.90 ? 45  HOH P O   1 
HETATM 922 O O   . HOH E 4 .  ? 4.039   -9.352  1.862   1.00 35.85 ? 47  HOH P O   1 
HETATM 923 O O   . HOH E 4 .  ? 1.904   -15.650 6.737   1.00 32.17 ? 50  HOH P O   1 
HETATM 924 O O   . HOH E 4 .  ? 12.819  -9.719  6.021   1.00 28.46 ? 52  HOH P O   1 
HETATM 925 O O   . HOH E 4 .  ? 11.614  -1.717  13.051  1.00 25.73 ? 58  HOH P O   1 
HETATM 926 O O   . HOH E 4 .  ? 2.832   -11.570 3.134   1.00 37.81 ? 64  HOH P O   1 
HETATM 927 O O   . HOH E 4 .  ? 12.982  -7.694  2.205   1.00 44.24 ? 76  HOH P O   1 
HETATM 928 O O   . HOH E 4 .  ? 6.573   -11.263 8.917   1.00 29.79 ? 80  HOH P O   1 
HETATM 929 O O   . HOH E 4 .  ? 0.857   -10.631 13.678  1.00 41.46 ? 84  HOH P O   1 
HETATM 930 O O   . HOH E 4 .  ? -5.773  -17.226 6.707   1.00 40.11 ? 98  HOH P O   1 
HETATM 931 O O   . HOH E 4 .  ? -0.100  -14.035 3.733   1.00 39.64 ? 117 HOH P O   1 
# 
loop_
_pdbx_poly_seq_scheme.asym_id 
_pdbx_poly_seq_scheme.entity_id 
_pdbx_poly_seq_scheme.seq_id 
_pdbx_poly_seq_scheme.mon_id 
_pdbx_poly_seq_scheme.ndb_seq_num 
_pdbx_poly_seq_scheme.pdb_seq_num 
_pdbx_poly_seq_scheme.auth_seq_num 
_pdbx_poly_seq_scheme.pdb_mon_id 
_pdbx_poly_seq_scheme.auth_mon_id 
_pdbx_poly_seq_scheme.pdb_strand_id 
_pdbx_poly_seq_scheme.pdb_ins_code 
_pdbx_poly_seq_scheme.hetero 
A 1 1  GLN 1  23  23  GLN GLN A . n 
A 1 2  ILE 2  24  24  ILE ILE A . n 
A 1 3  ASN 3  25  25  ASN ASN A . n 
A 1 4  GLN 4  26  26  GLN GLN A . n 
A 1 5  VAL 5  27  27  VAL VAL A . n 
A 1 6  ARG 6  28  28  ARG ARG A . n 
A 1 7  PRO 7  29  29  PRO PRO A . n 
A 1 8  LYS 8  30  30  LYS LYS A . n 
A 1 9  LEU 9  31  31  LEU LEU A . n 
A 1 10 PRO 10 32  32  PRO PRO A . n 
A 1 11 LEU 11 33  33  LEU LEU A . n 
A 1 12 LEU 12 34  34  LEU LEU A . n 
A 1 13 LYS 13 35  35  LYS LYS A . n 
A 1 14 ILE 14 36  36  ILE ILE A . n 
A 1 15 LEU 15 37  37  LEU LEU A . n 
A 1 16 HIS 16 38  38  HIS HIS A . n 
A 1 17 ALA 17 39  39  ALA ALA A . n 
A 1 18 ALA 18 40  40  ALA ALA A . n 
A 1 19 GLY 19 41  41  GLY GLY A . n 
A 1 20 ALA 20 42  42  ALA ALA A . n 
A 1 21 GLN 21 43  43  GLN GLN A . n 
A 1 22 GLY 22 44  44  GLY GLY A . n 
A 1 23 GLU 23 45  45  GLU GLU A . n 
A 1 24 MET 24 46  46  MET MET A . n 
A 1 25 PHE 25 47  47  PHE PHE A . n 
A 1 26 THR 26 48  48  THR THR A . n 
A 1 27 VAL 27 49  49  VAL VAL A . n 
A 1 28 LYS 28 50  50  LYS LYS A . n 
A 1 29 GLU 29 51  51  GLU GLU A . n 
A 1 30 VAL 30 52  52  VAL VAL A . n 
A 1 31 MET 31 53  53  MET MET A . n 
A 1 32 HIS 32 54  54  HIS HIS A . n 
A 1 33 TYR 33 55  55  TYR TYR A . n 
A 1 34 LEU 34 56  56  LEU LEU A . n 
A 1 35 GLY 35 57  57  GLY GLY A . n 
A 1 36 GLN 36 58  58  GLN GLN A . n 
A 1 37 TYR 37 59  59  TYR TYR A . n 
A 1 38 ILE 38 60  60  ILE ILE A . n 
A 1 39 MET 39 61  61  MET MET A . n 
A 1 40 VAL 40 62  62  VAL VAL A . n 
A 1 41 LYS 41 63  63  LYS LYS A . n 
A 1 42 GLN 42 64  64  GLN GLN A . n 
A 1 43 LEU 43 65  65  LEU LEU A . n 
A 1 44 TYR 44 66  66  TYR TYR A . n 
A 1 45 ASP 45 67  67  ASP ASP A . n 
A 1 46 GLN 46 68  68  GLN GLN A . n 
A 1 47 GLN 47 69  69  GLN GLN A . n 
A 1 48 GLU 48 70  70  GLU GLU A . n 
A 1 49 GLN 49 71  71  GLN GLN A . n 
A 1 50 HIS 50 72  72  HIS HIS A . n 
A 1 51 MET 51 73  73  MET MET A . n 
A 1 52 VAL 52 74  74  VAL VAL A . n 
A 1 53 TYR 53 75  75  TYR TYR A . n 
A 1 54 CYS 54 76  76  CYS CYS A . n 
A 1 55 GLY 55 77  77  GLY GLY A . n 
A 1 56 GLY 56 78  78  GLY GLY A . n 
A 1 57 ASP 57 79  79  ASP ASP A . n 
A 1 58 LEU 58 80  80  LEU LEU A . n 
A 1 59 LEU 59 81  81  LEU LEU A . n 
A 1 60 GLY 60 82  82  GLY GLY A . n 
A 1 61 GLU 61 83  83  GLU GLU A . n 
A 1 62 LEU 62 84  84  LEU LEU A . n 
A 1 63 LEU 63 85  85  LEU LEU A . n 
A 1 64 GLY 64 86  86  GLY GLY A . n 
A 1 65 ARG 65 87  87  ARG ARG A . n 
A 1 66 GLN 66 88  88  GLN GLN A . n 
A 1 67 SER 67 89  89  SER SER A . n 
A 1 68 PHE 68 90  90  PHE PHE A . n 
A 1 69 SER 69 91  91  SER SER A . n 
A 1 70 VAL 70 92  92  VAL VAL A . n 
A 1 71 LYS 71 93  93  LYS LYS A . n 
A 1 72 ASP 72 94  94  ASP ASP A . n 
A 1 73 PRO 73 95  95  PRO PRO A . n 
A 1 74 SER 74 96  96  SER SER A . n 
A 1 75 PRO 75 97  97  PRO PRO A . n 
A 1 76 LEU 76 98  98  LEU LEU A . n 
A 1 77 TYR 77 99  99  TYR TYR A . n 
A 1 78 ASP 78 100 100 ASP ASP A . n 
A 1 79 MET 79 101 101 MET MET A . n 
A 1 80 LEU 80 102 102 LEU LEU A . n 
A 1 81 ARG 81 103 103 ARG ARG A . n 
A 1 82 LYS 82 104 104 LYS LYS A . n 
A 1 83 ASN 83 105 105 ASN ASN A . n 
A 1 84 LEU 84 106 106 LEU LEU A . n 
A 1 85 VAL 85 107 107 VAL VAL A . n 
A 1 86 THR 86 108 108 THR THR A . n 
A 1 87 LEU 87 109 109 LEU LEU A . n 
A 1 88 ALA 88 110 ?   ?   ?   A . n 
A 1 89 THR 89 111 ?   ?   ?   A . n 
B 2 1  LEU 1  17  17  LEU LEU P . n 
B 2 2  THR 2  18  18  THR THR P . n 
B 2 3  PHE 3  19  19  PHE PHE P . n 
B 2 4  GLU 4  20  20  GLU GLU P . n 
B 2 5  HIS 5  21  21  HIS HIS P . n 
B 2 6  TRP 6  22  22  TRP TRP P . n 
B 2 7  TRP 7  23  23  TRP TRP P . n 
B 2 8  ALA 8  24  24  ALA ALA P . n 
B 2 9  GLN 9  25  25  GLN GLN P . n 
B 2 10 LEU 10 26  26  LEU LEU P . n 
B 2 11 THR 11 27  27  THR THR P . n 
B 2 12 SER 12 28  28  SER SER P . n 
# 
loop_
_pdbx_nonpoly_scheme.asym_id 
_pdbx_nonpoly_scheme.entity_id 
_pdbx_nonpoly_scheme.mon_id 
_pdbx_nonpoly_scheme.ndb_seq_num 
_pdbx_nonpoly_scheme.pdb_seq_num 
_pdbx_nonpoly_scheme.auth_seq_num 
_pdbx_nonpoly_scheme.pdb_mon_id 
_pdbx_nonpoly_scheme.auth_mon_id 
_pdbx_nonpoly_scheme.pdb_strand_id 
_pdbx_nonpoly_scheme.pdb_ins_code 
C 3 K   1   201 201 K   K   A . 
D 4 HOH 1   1   1   HOH HOH A . 
D 4 HOH 2   2   2   HOH HOH A . 
D 4 HOH 3   3   3   HOH HOH A . 
D 4 HOH 4   4   4   HOH HOH A . 
D 4 HOH 5   6   6   HOH HOH A . 
D 4 HOH 6   7   7   HOH HOH A . 
D 4 HOH 7   8   8   HOH HOH A . 
D 4 HOH 8   9   9   HOH HOH A . 
D 4 HOH 9   12  12  HOH HOH A . 
D 4 HOH 10  13  13  HOH HOH A . 
D 4 HOH 11  14  14  HOH HOH A . 
D 4 HOH 12  15  15  HOH HOH A . 
D 4 HOH 13  16  16  HOH HOH A . 
D 4 HOH 14  17  17  HOH HOH A . 
D 4 HOH 15  18  18  HOH HOH A . 
D 4 HOH 16  21  21  HOH HOH A . 
D 4 HOH 17  22  22  HOH HOH A . 
D 4 HOH 18  112 112 HOH HOH A . 
D 4 HOH 19  113 113 HOH HOH A . 
D 4 HOH 20  114 114 HOH HOH A . 
D 4 HOH 21  115 115 HOH HOH A . 
D 4 HOH 22  116 116 HOH HOH A . 
D 4 HOH 23  117 23  HOH HOH A . 
D 4 HOH 24  118 118 HOH HOH A . 
D 4 HOH 25  119 24  HOH HOH A . 
D 4 HOH 26  120 120 HOH HOH A . 
D 4 HOH 27  121 121 HOH HOH A . 
D 4 HOH 28  122 122 HOH HOH A . 
D 4 HOH 29  123 123 HOH HOH A . 
D 4 HOH 30  124 124 HOH HOH A . 
D 4 HOH 31  125 26  HOH HOH A . 
D 4 HOH 32  126 27  HOH HOH A . 
D 4 HOH 33  127 28  HOH HOH A . 
D 4 HOH 34  128 29  HOH HOH A . 
D 4 HOH 35  129 31  HOH HOH A . 
D 4 HOH 36  130 33  HOH HOH A . 
D 4 HOH 37  131 34  HOH HOH A . 
D 4 HOH 38  132 35  HOH HOH A . 
D 4 HOH 39  133 36  HOH HOH A . 
D 4 HOH 40  134 37  HOH HOH A . 
D 4 HOH 41  135 38  HOH HOH A . 
D 4 HOH 42  136 39  HOH HOH A . 
D 4 HOH 43  137 40  HOH HOH A . 
D 4 HOH 44  138 41  HOH HOH A . 
D 4 HOH 45  139 42  HOH HOH A . 
D 4 HOH 46  140 43  HOH HOH A . 
D 4 HOH 47  141 44  HOH HOH A . 
D 4 HOH 48  142 46  HOH HOH A . 
D 4 HOH 49  143 48  HOH HOH A . 
D 4 HOH 50  144 49  HOH HOH A . 
D 4 HOH 51  145 51  HOH HOH A . 
D 4 HOH 52  146 53  HOH HOH A . 
D 4 HOH 53  147 54  HOH HOH A . 
D 4 HOH 54  148 55  HOH HOH A . 
D 4 HOH 55  149 56  HOH HOH A . 
D 4 HOH 56  150 57  HOH HOH A . 
D 4 HOH 57  151 59  HOH HOH A . 
D 4 HOH 58  152 60  HOH HOH A . 
D 4 HOH 59  153 61  HOH HOH A . 
D 4 HOH 60  154 62  HOH HOH A . 
D 4 HOH 61  155 63  HOH HOH A . 
D 4 HOH 62  156 65  HOH HOH A . 
D 4 HOH 63  157 66  HOH HOH A . 
D 4 HOH 64  158 67  HOH HOH A . 
D 4 HOH 65  159 68  HOH HOH A . 
D 4 HOH 66  160 69  HOH HOH A . 
D 4 HOH 67  161 70  HOH HOH A . 
D 4 HOH 68  162 71  HOH HOH A . 
D 4 HOH 69  163 72  HOH HOH A . 
D 4 HOH 70  164 73  HOH HOH A . 
D 4 HOH 71  165 74  HOH HOH A . 
D 4 HOH 72  166 75  HOH HOH A . 
D 4 HOH 73  167 77  HOH HOH A . 
D 4 HOH 74  168 78  HOH HOH A . 
D 4 HOH 75  169 79  HOH HOH A . 
D 4 HOH 76  170 81  HOH HOH A . 
D 4 HOH 77  171 82  HOH HOH A . 
D 4 HOH 78  172 83  HOH HOH A . 
D 4 HOH 79  173 85  HOH HOH A . 
D 4 HOH 80  174 86  HOH HOH A . 
D 4 HOH 81  175 87  HOH HOH A . 
D 4 HOH 82  176 88  HOH HOH A . 
D 4 HOH 83  177 89  HOH HOH A . 
D 4 HOH 84  178 90  HOH HOH A . 
D 4 HOH 85  179 91  HOH HOH A . 
D 4 HOH 86  180 92  HOH HOH A . 
D 4 HOH 87  181 93  HOH HOH A . 
D 4 HOH 88  182 94  HOH HOH A . 
D 4 HOH 89  183 95  HOH HOH A . 
D 4 HOH 90  184 96  HOH HOH A . 
D 4 HOH 91  185 97  HOH HOH A . 
D 4 HOH 92  186 99  HOH HOH A . 
D 4 HOH 93  187 100 HOH HOH A . 
D 4 HOH 94  188 101 HOH HOH A . 
D 4 HOH 95  189 102 HOH HOH A . 
D 4 HOH 96  190 103 HOH HOH A . 
D 4 HOH 97  191 104 HOH HOH A . 
D 4 HOH 98  192 105 HOH HOH A . 
D 4 HOH 99  193 106 HOH HOH A . 
D 4 HOH 100 194 107 HOH HOH A . 
D 4 HOH 101 195 108 HOH HOH A . 
D 4 HOH 102 196 109 HOH HOH A . 
D 4 HOH 103 197 110 HOH HOH A . 
D 4 HOH 104 198 111 HOH HOH A . 
D 4 HOH 105 199 25  HOH HOH A . 
E 4 HOH 1   5   5   HOH HOH P . 
E 4 HOH 2   10  10  HOH HOH P . 
E 4 HOH 3   11  11  HOH HOH P . 
E 4 HOH 4   29  19  HOH HOH P . 
E 4 HOH 5   30  30  HOH HOH P . 
E 4 HOH 6   31  20  HOH HOH P . 
E 4 HOH 7   32  32  HOH HOH P . 
E 4 HOH 8   45  45  HOH HOH P . 
E 4 HOH 9   47  47  HOH HOH P . 
E 4 HOH 10  50  50  HOH HOH P . 
E 4 HOH 11  52  52  HOH HOH P . 
E 4 HOH 12  58  58  HOH HOH P . 
E 4 HOH 13  64  64  HOH HOH P . 
E 4 HOH 14  76  76  HOH HOH P . 
E 4 HOH 15  80  80  HOH HOH P . 
E 4 HOH 16  84  84  HOH HOH P . 
E 4 HOH 17  98  98  HOH HOH P . 
E 4 HOH 18  117 117 HOH HOH P . 
# 
_pdbx_struct_assembly.id                   1 
_pdbx_struct_assembly.details              author_and_software_defined_assembly 
_pdbx_struct_assembly.method_details       PISA 
_pdbx_struct_assembly.oligomeric_details   dimeric 
_pdbx_struct_assembly.oligomeric_count     2 
# 
_pdbx_struct_assembly_gen.assembly_id       1 
_pdbx_struct_assembly_gen.oper_expression   1 
_pdbx_struct_assembly_gen.asym_id_list      A,B,C,D,E 
# 
loop_
_pdbx_struct_assembly_prop.biol_id 
_pdbx_struct_assembly_prop.type 
_pdbx_struct_assembly_prop.value 
_pdbx_struct_assembly_prop.details 
1 'ABSA (A^2)' 1270 ? 
1 MORE         -12  ? 
1 'SSA (A^2)'  6090 ? 
# 
_pdbx_struct_oper_list.id                   1 
_pdbx_struct_oper_list.type                 'identity operation' 
_pdbx_struct_oper_list.name                 1_555 
_pdbx_struct_oper_list.symmetry_operation   x,y,z 
_pdbx_struct_oper_list.matrix[1][1]         1.0000000000 
_pdbx_struct_oper_list.matrix[1][2]         0.0000000000 
_pdbx_struct_oper_list.matrix[1][3]         0.0000000000 
_pdbx_struct_oper_list.vector[1]            0.0000000000 
_pdbx_struct_oper_list.matrix[2][1]         0.0000000000 
_pdbx_struct_oper_list.matrix[2][2]         1.0000000000 
_pdbx_struct_oper_list.matrix[2][3]         0.0000000000 
_pdbx_struct_oper_list.vector[2]            0.0000000000 
_pdbx_struct_oper_list.matrix[3][1]         0.0000000000 
_pdbx_struct_oper_list.matrix[3][2]         0.0000000000 
_pdbx_struct_oper_list.matrix[3][3]         1.0000000000 
_pdbx_struct_oper_list.vector[3]            0.0000000000 
# 
_pdbx_struct_special_symmetry.id              1 
_pdbx_struct_special_symmetry.PDB_model_num   1 
_pdbx_struct_special_symmetry.auth_asym_id    A 
_pdbx_struct_special_symmetry.auth_comp_id    HOH 
_pdbx_struct_special_symmetry.auth_seq_id     18 
_pdbx_struct_special_symmetry.PDB_ins_code    ? 
_pdbx_struct_special_symmetry.label_asym_id   D 
_pdbx_struct_special_symmetry.label_comp_id   HOH 
_pdbx_struct_special_symmetry.label_seq_id    . 
# 
loop_
_pdbx_struct_conn_angle.id 
_pdbx_struct_conn_angle.ptnr1_label_atom_id 
_pdbx_struct_conn_angle.ptnr1_label_alt_id 
_pdbx_struct_conn_angle.ptnr1_label_asym_id 
_pdbx_struct_conn_angle.ptnr1_label_comp_id 
_pdbx_struct_conn_angle.ptnr1_label_seq_id 
_pdbx_struct_conn_angle.ptnr1_auth_atom_id 
_pdbx_struct_conn_angle.ptnr1_auth_asym_id 
_pdbx_struct_conn_angle.ptnr1_auth_comp_id 
_pdbx_struct_conn_angle.ptnr1_auth_seq_id 
_pdbx_struct_conn_angle.ptnr1_PDB_ins_code 
_pdbx_struct_conn_angle.ptnr1_symmetry 
_pdbx_struct_conn_angle.ptnr2_label_atom_id 
_pdbx_struct_conn_angle.ptnr2_label_alt_id 
_pdbx_struct_conn_angle.ptnr2_label_asym_id 
_pdbx_struct_conn_angle.ptnr2_label_comp_id 
_pdbx_struct_conn_angle.ptnr2_label_seq_id 
_pdbx_struct_conn_angle.ptnr2_auth_atom_id 
_pdbx_struct_conn_angle.ptnr2_auth_asym_id 
_pdbx_struct_conn_angle.ptnr2_auth_comp_id 
_pdbx_struct_conn_angle.ptnr2_auth_seq_id 
_pdbx_struct_conn_angle.ptnr2_PDB_ins_code 
_pdbx_struct_conn_angle.ptnr2_symmetry 
_pdbx_struct_conn_angle.ptnr3_label_atom_id 
_pdbx_struct_conn_angle.ptnr3_label_alt_id 
_pdbx_struct_conn_angle.ptnr3_label_asym_id 
_pdbx_struct_conn_angle.ptnr3_label_comp_id 
_pdbx_struct_conn_angle.ptnr3_label_seq_id 
_pdbx_struct_conn_angle.ptnr3_auth_atom_id 
_pdbx_struct_conn_angle.ptnr3_auth_asym_id 
_pdbx_struct_conn_angle.ptnr3_auth_comp_id 
_pdbx_struct_conn_angle.ptnr3_auth_seq_id 
_pdbx_struct_conn_angle.ptnr3_PDB_ins_code 
_pdbx_struct_conn_angle.ptnr3_symmetry 
_pdbx_struct_conn_angle.value 
_pdbx_struct_conn_angle.value_esd 
1 O ? D HOH .  ? A HOH 12 ? 1_555 K ? C K . ? A K 201 ? 1_555 O ? A GLN 42 ? A GLN 64  ? 1_555 92.8  ? 
2 O ? D HOH .  ? A HOH 12 ? 1_555 K ? C K . ? A K 201 ? 1_555 O ? A TYR 44 ? A TYR 66  ? 1_555 84.4  ? 
3 O ? A GLN 42 ? A GLN 64 ? 1_555 K ? C K . ? A K 201 ? 1_555 O ? A TYR 44 ? A TYR 66  ? 1_555 92.0  ? 
4 O ? D HOH .  ? A HOH 12 ? 1_555 K ? C K . ? A K 201 ? 1_555 O ? D HOH .  ? A HOH 123 ? 1_555 150.4 ? 
5 O ? A GLN 42 ? A GLN 64 ? 1_555 K ? C K . ? A K 201 ? 1_555 O ? D HOH .  ? A HOH 123 ? 1_555 81.8  ? 
6 O ? A TYR 44 ? A TYR 66 ? 1_555 K ? C K . ? A K 201 ? 1_555 O ? D HOH .  ? A HOH 123 ? 1_555 66.8  ? 
# 
loop_
_pdbx_audit_revision_history.ordinal 
_pdbx_audit_revision_history.data_content_type 
_pdbx_audit_revision_history.major_revision 
_pdbx_audit_revision_history.minor_revision 
_pdbx_audit_revision_history.revision_date 
1 'Structure model' 1 0 2009-11-10 
2 'Structure model' 1 1 2011-07-13 
3 'Structure model' 1 2 2023-09-06 
# 
_pdbx_audit_revision_details.ordinal             1 
_pdbx_audit_revision_details.revision_ordinal    1 
_pdbx_audit_revision_details.data_content_type   'Structure model' 
_pdbx_audit_revision_details.provider            repository 
_pdbx_audit_revision_details.type                'Initial release' 
_pdbx_audit_revision_details.description         ? 
_pdbx_audit_revision_details.details             ? 
# 
loop_
_pdbx_audit_revision_group.ordinal 
_pdbx_audit_revision_group.revision_ordinal 
_pdbx_audit_revision_group.data_content_type 
_pdbx_audit_revision_group.group 
1 2 'Structure model' 'Version format compliance' 
2 3 'Structure model' 'Data collection'           
3 3 'Structure model' 'Database references'       
4 3 'Structure model' 'Derived calculations'      
5 3 'Structure model' 'Refinement description'    
# 
loop_
_pdbx_audit_revision_category.ordinal 
_pdbx_audit_revision_category.revision_ordinal 
_pdbx_audit_revision_category.data_content_type 
_pdbx_audit_revision_category.category 
1 3 'Structure model' chem_comp_atom                
2 3 'Structure model' chem_comp_bond                
3 3 'Structure model' database_2                    
4 3 'Structure model' pdbx_initial_refinement_model 
5 3 'Structure model' pdbx_struct_conn_angle        
6 3 'Structure model' struct_conn                   
7 3 'Structure model' struct_site                   
# 
loop_
_pdbx_audit_revision_item.ordinal 
_pdbx_audit_revision_item.revision_ordinal 
_pdbx_audit_revision_item.data_content_type 
_pdbx_audit_revision_item.item 
1  3 'Structure model' '_database_2.pdbx_DOI'                        
2  3 'Structure model' '_database_2.pdbx_database_accession'         
3  3 'Structure model' '_pdbx_struct_conn_angle.ptnr1_auth_comp_id'  
4  3 'Structure model' '_pdbx_struct_conn_angle.ptnr1_auth_seq_id'   
5  3 'Structure model' '_pdbx_struct_conn_angle.ptnr1_label_asym_id' 
6  3 'Structure model' '_pdbx_struct_conn_angle.ptnr1_label_comp_id' 
7  3 'Structure model' '_pdbx_struct_conn_angle.ptnr1_label_seq_id'  
8  3 'Structure model' '_pdbx_struct_conn_angle.ptnr3_auth_comp_id'  
9  3 'Structure model' '_pdbx_struct_conn_angle.ptnr3_auth_seq_id'   
10 3 'Structure model' '_pdbx_struct_conn_angle.ptnr3_label_asym_id' 
11 3 'Structure model' '_pdbx_struct_conn_angle.ptnr3_label_comp_id' 
12 3 'Structure model' '_pdbx_struct_conn_angle.ptnr3_label_seq_id'  
13 3 'Structure model' '_pdbx_struct_conn_angle.value'               
14 3 'Structure model' '_struct_conn.pdbx_dist_value'                
15 3 'Structure model' '_struct_conn.ptnr1_auth_comp_id'             
16 3 'Structure model' '_struct_conn.ptnr1_auth_seq_id'              
17 3 'Structure model' '_struct_conn.ptnr1_label_asym_id'            
18 3 'Structure model' '_struct_conn.ptnr1_label_atom_id'            
19 3 'Structure model' '_struct_conn.ptnr1_label_comp_id'            
20 3 'Structure model' '_struct_conn.ptnr1_label_seq_id'             
21 3 'Structure model' '_struct_conn.ptnr2_auth_comp_id'             
22 3 'Structure model' '_struct_conn.ptnr2_auth_seq_id'              
23 3 'Structure model' '_struct_conn.ptnr2_label_asym_id'            
24 3 'Structure model' '_struct_conn.ptnr2_label_atom_id'            
25 3 'Structure model' '_struct_conn.ptnr2_label_comp_id'            
26 3 'Structure model' '_struct_site.pdbx_auth_asym_id'              
27 3 'Structure model' '_struct_site.pdbx_auth_comp_id'              
28 3 'Structure model' '_struct_site.pdbx_auth_seq_id'               
# 
loop_
_software.name 
_software.classification 
_software.version 
_software.citation_id 
_software.pdbx_ordinal 
StructureStudio 'data collection' . ? 1 
CNS             refinement        . ? 2 
HKL-2000        'data reduction'  . ? 3 
HKL-2000        'data scaling'    . ? 4 
CNS             phasing           . ? 5 
# 
_pdbx_validate_close_contact.id               1 
_pdbx_validate_close_contact.PDB_model_num    1 
_pdbx_validate_close_contact.auth_atom_id_1   O 
_pdbx_validate_close_contact.auth_asym_id_1   P 
_pdbx_validate_close_contact.auth_comp_id_1   HOH 
_pdbx_validate_close_contact.auth_seq_id_1    29 
_pdbx_validate_close_contact.PDB_ins_code_1   ? 
_pdbx_validate_close_contact.label_alt_id_1   ? 
_pdbx_validate_close_contact.auth_atom_id_2   O 
_pdbx_validate_close_contact.auth_asym_id_2   P 
_pdbx_validate_close_contact.auth_comp_id_2   HOH 
_pdbx_validate_close_contact.auth_seq_id_2    31 
_pdbx_validate_close_contact.PDB_ins_code_2   ? 
_pdbx_validate_close_contact.label_alt_id_2   ? 
_pdbx_validate_close_contact.dist             1.90 
# 
loop_
_pdbx_unobs_or_zero_occ_residues.id 
_pdbx_unobs_or_zero_occ_residues.PDB_model_num 
_pdbx_unobs_or_zero_occ_residues.polymer_flag 
_pdbx_unobs_or_zero_occ_residues.occupancy_flag 
_pdbx_unobs_or_zero_occ_residues.auth_asym_id 
_pdbx_unobs_or_zero_occ_residues.auth_comp_id 
_pdbx_unobs_or_zero_occ_residues.auth_seq_id 
_pdbx_unobs_or_zero_occ_residues.PDB_ins_code 
_pdbx_unobs_or_zero_occ_residues.label_asym_id 
_pdbx_unobs_or_zero_occ_residues.label_comp_id 
_pdbx_unobs_or_zero_occ_residues.label_seq_id 
1 1 Y 1 A ALA 110 ? A ALA 88 
2 1 Y 1 A THR 111 ? A THR 89 
# 
loop_
_chem_comp_atom.comp_id 
_chem_comp_atom.atom_id 
_chem_comp_atom.type_symbol 
_chem_comp_atom.pdbx_aromatic_flag 
_chem_comp_atom.pdbx_stereo_config 
_chem_comp_atom.pdbx_ordinal 
ALA N    N N N 1   
ALA CA   C N S 2   
ALA C    C N N 3   
ALA O    O N N 4   
ALA CB   C N N 5   
ALA OXT  O N N 6   
ALA H    H N N 7   
ALA H2   H N N 8   
ALA HA   H N N 9   
ALA HB1  H N N 10  
ALA HB2  H N N 11  
ALA HB3  H N N 12  
ALA HXT  H N N 13  
ARG N    N N N 14  
ARG CA   C N S 15  
ARG C    C N N 16  
ARG O    O N N 17  
ARG CB   C N N 18  
ARG CG   C N N 19  
ARG CD   C N N 20  
ARG NE   N N N 21  
ARG CZ   C N N 22  
ARG NH1  N N N 23  
ARG NH2  N N N 24  
ARG OXT  O N N 25  
ARG H    H N N 26  
ARG H2   H N N 27  
ARG HA   H N N 28  
ARG HB2  H N N 29  
ARG HB3  H N N 30  
ARG HG2  H N N 31  
ARG HG3  H N N 32  
ARG HD2  H N N 33  
ARG HD3  H N N 34  
ARG HE   H N N 35  
ARG HH11 H N N 36  
ARG HH12 H N N 37  
ARG HH21 H N N 38  
ARG HH22 H N N 39  
ARG HXT  H N N 40  
ASN N    N N N 41  
ASN CA   C N S 42  
ASN C    C N N 43  
ASN O    O N N 44  
ASN CB   C N N 45  
ASN CG   C N N 46  
ASN OD1  O N N 47  
ASN ND2  N N N 48  
ASN OXT  O N N 49  
ASN H    H N N 50  
ASN H2   H N N 51  
ASN HA   H N N 52  
ASN HB2  H N N 53  
ASN HB3  H N N 54  
ASN HD21 H N N 55  
ASN HD22 H N N 56  
ASN HXT  H N N 57  
ASP N    N N N 58  
ASP CA   C N S 59  
ASP C    C N N 60  
ASP O    O N N 61  
ASP CB   C N N 62  
ASP CG   C N N 63  
ASP OD1  O N N 64  
ASP OD2  O N N 65  
ASP OXT  O N N 66  
ASP H    H N N 67  
ASP H2   H N N 68  
ASP HA   H N N 69  
ASP HB2  H N N 70  
ASP HB3  H N N 71  
ASP HD2  H N N 72  
ASP HXT  H N N 73  
CYS N    N N N 74  
CYS CA   C N R 75  
CYS C    C N N 76  
CYS O    O N N 77  
CYS CB   C N N 78  
CYS SG   S N N 79  
CYS OXT  O N N 80  
CYS H    H N N 81  
CYS H2   H N N 82  
CYS HA   H N N 83  
CYS HB2  H N N 84  
CYS HB3  H N N 85  
CYS HG   H N N 86  
CYS HXT  H N N 87  
GLN N    N N N 88  
GLN CA   C N S 89  
GLN C    C N N 90  
GLN O    O N N 91  
GLN CB   C N N 92  
GLN CG   C N N 93  
GLN CD   C N N 94  
GLN OE1  O N N 95  
GLN NE2  N N N 96  
GLN OXT  O N N 97  
GLN H    H N N 98  
GLN H2   H N N 99  
GLN HA   H N N 100 
GLN HB2  H N N 101 
GLN HB3  H N N 102 
GLN HG2  H N N 103 
GLN HG3  H N N 104 
GLN HE21 H N N 105 
GLN HE22 H N N 106 
GLN HXT  H N N 107 
GLU N    N N N 108 
GLU CA   C N S 109 
GLU C    C N N 110 
GLU O    O N N 111 
GLU CB   C N N 112 
GLU CG   C N N 113 
GLU CD   C N N 114 
GLU OE1  O N N 115 
GLU OE2  O N N 116 
GLU OXT  O N N 117 
GLU H    H N N 118 
GLU H2   H N N 119 
GLU HA   H N N 120 
GLU HB2  H N N 121 
GLU HB3  H N N 122 
GLU HG2  H N N 123 
GLU HG3  H N N 124 
GLU HE2  H N N 125 
GLU HXT  H N N 126 
GLY N    N N N 127 
GLY CA   C N N 128 
GLY C    C N N 129 
GLY O    O N N 130 
GLY OXT  O N N 131 
GLY H    H N N 132 
GLY H2   H N N 133 
GLY HA2  H N N 134 
GLY HA3  H N N 135 
GLY HXT  H N N 136 
HIS N    N N N 137 
HIS CA   C N S 138 
HIS C    C N N 139 
HIS O    O N N 140 
HIS CB   C N N 141 
HIS CG   C Y N 142 
HIS ND1  N Y N 143 
HIS CD2  C Y N 144 
HIS CE1  C Y N 145 
HIS NE2  N Y N 146 
HIS OXT  O N N 147 
HIS H    H N N 148 
HIS H2   H N N 149 
HIS HA   H N N 150 
HIS HB2  H N N 151 
HIS HB3  H N N 152 
HIS HD1  H N N 153 
HIS HD2  H N N 154 
HIS HE1  H N N 155 
HIS HE2  H N N 156 
HIS HXT  H N N 157 
HOH O    O N N 158 
HOH H1   H N N 159 
HOH H2   H N N 160 
ILE N    N N N 161 
ILE CA   C N S 162 
ILE C    C N N 163 
ILE O    O N N 164 
ILE CB   C N S 165 
ILE CG1  C N N 166 
ILE CG2  C N N 167 
ILE CD1  C N N 168 
ILE OXT  O N N 169 
ILE H    H N N 170 
ILE H2   H N N 171 
ILE HA   H N N 172 
ILE HB   H N N 173 
ILE HG12 H N N 174 
ILE HG13 H N N 175 
ILE HG21 H N N 176 
ILE HG22 H N N 177 
ILE HG23 H N N 178 
ILE HD11 H N N 179 
ILE HD12 H N N 180 
ILE HD13 H N N 181 
ILE HXT  H N N 182 
K   K    K N N 183 
LEU N    N N N 184 
LEU CA   C N S 185 
LEU C    C N N 186 
LEU O    O N N 187 
LEU CB   C N N 188 
LEU CG   C N N 189 
LEU CD1  C N N 190 
LEU CD2  C N N 191 
LEU OXT  O N N 192 
LEU H    H N N 193 
LEU H2   H N N 194 
LEU HA   H N N 195 
LEU HB2  H N N 196 
LEU HB3  H N N 197 
LEU HG   H N N 198 
LEU HD11 H N N 199 
LEU HD12 H N N 200 
LEU HD13 H N N 201 
LEU HD21 H N N 202 
LEU HD22 H N N 203 
LEU HD23 H N N 204 
LEU HXT  H N N 205 
LYS N    N N N 206 
LYS CA   C N S 207 
LYS C    C N N 208 
LYS O    O N N 209 
LYS CB   C N N 210 
LYS CG   C N N 211 
LYS CD   C N N 212 
LYS CE   C N N 213 
LYS NZ   N N N 214 
LYS OXT  O N N 215 
LYS H    H N N 216 
LYS H2   H N N 217 
LYS HA   H N N 218 
LYS HB2  H N N 219 
LYS HB3  H N N 220 
LYS HG2  H N N 221 
LYS HG3  H N N 222 
LYS HD2  H N N 223 
LYS HD3  H N N 224 
LYS HE2  H N N 225 
LYS HE3  H N N 226 
LYS HZ1  H N N 227 
LYS HZ2  H N N 228 
LYS HZ3  H N N 229 
LYS HXT  H N N 230 
MET N    N N N 231 
MET CA   C N S 232 
MET C    C N N 233 
MET O    O N N 234 
MET CB   C N N 235 
MET CG   C N N 236 
MET SD   S N N 237 
MET CE   C N N 238 
MET OXT  O N N 239 
MET H    H N N 240 
MET H2   H N N 241 
MET HA   H N N 242 
MET HB2  H N N 243 
MET HB3  H N N 244 
MET HG2  H N N 245 
MET HG3  H N N 246 
MET HE1  H N N 247 
MET HE2  H N N 248 
MET HE3  H N N 249 
MET HXT  H N N 250 
PHE N    N N N 251 
PHE CA   C N S 252 
PHE C    C N N 253 
PHE O    O N N 254 
PHE CB   C N N 255 
PHE CG   C Y N 256 
PHE CD1  C Y N 257 
PHE CD2  C Y N 258 
PHE CE1  C Y N 259 
PHE CE2  C Y N 260 
PHE CZ   C Y N 261 
PHE OXT  O N N 262 
PHE H    H N N 263 
PHE H2   H N N 264 
PHE HA   H N N 265 
PHE HB2  H N N 266 
PHE HB3  H N N 267 
PHE HD1  H N N 268 
PHE HD2  H N N 269 
PHE HE1  H N N 270 
PHE HE2  H N N 271 
PHE HZ   H N N 272 
PHE HXT  H N N 273 
PRO N    N N N 274 
PRO CA   C N S 275 
PRO C    C N N 276 
PRO O    O N N 277 
PRO CB   C N N 278 
PRO CG   C N N 279 
PRO CD   C N N 280 
PRO OXT  O N N 281 
PRO H    H N N 282 
PRO HA   H N N 283 
PRO HB2  H N N 284 
PRO HB3  H N N 285 
PRO HG2  H N N 286 
PRO HG3  H N N 287 
PRO HD2  H N N 288 
PRO HD3  H N N 289 
PRO HXT  H N N 290 
SER N    N N N 291 
SER CA   C N S 292 
SER C    C N N 293 
SER O    O N N 294 
SER CB   C N N 295 
SER OG   O N N 296 
SER OXT  O N N 297 
SER H    H N N 298 
SER H2   H N N 299 
SER HA   H N N 300 
SER HB2  H N N 301 
SER HB3  H N N 302 
SER HG   H N N 303 
SER HXT  H N N 304 
THR N    N N N 305 
THR CA   C N S 306 
THR C    C N N 307 
THR O    O N N 308 
THR CB   C N R 309 
THR OG1  O N N 310 
THR CG2  C N N 311 
THR OXT  O N N 312 
THR H    H N N 313 
THR H2   H N N 314 
THR HA   H N N 315 
THR HB   H N N 316 
THR HG1  H N N 317 
THR HG21 H N N 318 
THR HG22 H N N 319 
THR HG23 H N N 320 
THR HXT  H N N 321 
TRP N    N N N 322 
TRP CA   C N S 323 
TRP C    C N N 324 
TRP O    O N N 325 
TRP CB   C N N 326 
TRP CG   C Y N 327 
TRP CD1  C Y N 328 
TRP CD2  C Y N 329 
TRP NE1  N Y N 330 
TRP CE2  C Y N 331 
TRP CE3  C Y N 332 
TRP CZ2  C Y N 333 
TRP CZ3  C Y N 334 
TRP CH2  C Y N 335 
TRP OXT  O N N 336 
TRP H    H N N 337 
TRP H2   H N N 338 
TRP HA   H N N 339 
TRP HB2  H N N 340 
TRP HB3  H N N 341 
TRP HD1  H N N 342 
TRP HE1  H N N 343 
TRP HE3  H N N 344 
TRP HZ2  H N N 345 
TRP HZ3  H N N 346 
TRP HH2  H N N 347 
TRP HXT  H N N 348 
TYR N    N N N 349 
TYR CA   C N S 350 
TYR C    C N N 351 
TYR O    O N N 352 
TYR CB   C N N 353 
TYR CG   C Y N 354 
TYR CD1  C Y N 355 
TYR CD2  C Y N 356 
TYR CE1  C Y N 357 
TYR CE2  C Y N 358 
TYR CZ   C Y N 359 
TYR OH   O N N 360 
TYR OXT  O N N 361 
TYR H    H N N 362 
TYR H2   H N N 363 
TYR HA   H N N 364 
TYR HB2  H N N 365 
TYR HB3  H N N 366 
TYR HD1  H N N 367 
TYR HD2  H N N 368 
TYR HE1  H N N 369 
TYR HE2  H N N 370 
TYR HH   H N N 371 
TYR HXT  H N N 372 
VAL N    N N N 373 
VAL CA   C N S 374 
VAL C    C N N 375 
VAL O    O N N 376 
VAL CB   C N N 377 
VAL CG1  C N N 378 
VAL CG2  C N N 379 
VAL OXT  O N N 380 
VAL H    H N N 381 
VAL H2   H N N 382 
VAL HA   H N N 383 
VAL HB   H N N 384 
VAL HG11 H N N 385 
VAL HG12 H N N 386 
VAL HG13 H N N 387 
VAL HG21 H N N 388 
VAL HG22 H N N 389 
VAL HG23 H N N 390 
VAL HXT  H N N 391 
# 
loop_
_chem_comp_bond.comp_id 
_chem_comp_bond.atom_id_1 
_chem_comp_bond.atom_id_2 
_chem_comp_bond.value_order 
_chem_comp_bond.pdbx_aromatic_flag 
_chem_comp_bond.pdbx_stereo_config 
_chem_comp_bond.pdbx_ordinal 
ALA N   CA   sing N N 1   
ALA N   H    sing N N 2   
ALA N   H2   sing N N 3   
ALA CA  C    sing N N 4   
ALA CA  CB   sing N N 5   
ALA CA  HA   sing N N 6   
ALA C   O    doub N N 7   
ALA C   OXT  sing N N 8   
ALA CB  HB1  sing N N 9   
ALA CB  HB2  sing N N 10  
ALA CB  HB3  sing N N 11  
ALA OXT HXT  sing N N 12  
ARG N   CA   sing N N 13  
ARG N   H    sing N N 14  
ARG N   H2   sing N N 15  
ARG CA  C    sing N N 16  
ARG CA  CB   sing N N 17  
ARG CA  HA   sing N N 18  
ARG C   O    doub N N 19  
ARG C   OXT  sing N N 20  
ARG CB  CG   sing N N 21  
ARG CB  HB2  sing N N 22  
ARG CB  HB3  sing N N 23  
ARG CG  CD   sing N N 24  
ARG CG  HG2  sing N N 25  
ARG CG  HG3  sing N N 26  
ARG CD  NE   sing N N 27  
ARG CD  HD2  sing N N 28  
ARG CD  HD3  sing N N 29  
ARG NE  CZ   sing N N 30  
ARG NE  HE   sing N N 31  
ARG CZ  NH1  sing N N 32  
ARG CZ  NH2  doub N N 33  
ARG NH1 HH11 sing N N 34  
ARG NH1 HH12 sing N N 35  
ARG NH2 HH21 sing N N 36  
ARG NH2 HH22 sing N N 37  
ARG OXT HXT  sing N N 38  
ASN N   CA   sing N N 39  
ASN N   H    sing N N 40  
ASN N   H2   sing N N 41  
ASN CA  C    sing N N 42  
ASN CA  CB   sing N N 43  
ASN CA  HA   sing N N 44  
ASN C   O    doub N N 45  
ASN C   OXT  sing N N 46  
ASN CB  CG   sing N N 47  
ASN CB  HB2  sing N N 48  
ASN CB  HB3  sing N N 49  
ASN CG  OD1  doub N N 50  
ASN CG  ND2  sing N N 51  
ASN ND2 HD21 sing N N 52  
ASN ND2 HD22 sing N N 53  
ASN OXT HXT  sing N N 54  
ASP N   CA   sing N N 55  
ASP N   H    sing N N 56  
ASP N   H2   sing N N 57  
ASP CA  C    sing N N 58  
ASP CA  CB   sing N N 59  
ASP CA  HA   sing N N 60  
ASP C   O    doub N N 61  
ASP C   OXT  sing N N 62  
ASP CB  CG   sing N N 63  
ASP CB  HB2  sing N N 64  
ASP CB  HB3  sing N N 65  
ASP CG  OD1  doub N N 66  
ASP CG  OD2  sing N N 67  
ASP OD2 HD2  sing N N 68  
ASP OXT HXT  sing N N 69  
CYS N   CA   sing N N 70  
CYS N   H    sing N N 71  
CYS N   H2   sing N N 72  
CYS CA  C    sing N N 73  
CYS CA  CB   sing N N 74  
CYS CA  HA   sing N N 75  
CYS C   O    doub N N 76  
CYS C   OXT  sing N N 77  
CYS CB  SG   sing N N 78  
CYS CB  HB2  sing N N 79  
CYS CB  HB3  sing N N 80  
CYS SG  HG   sing N N 81  
CYS OXT HXT  sing N N 82  
GLN N   CA   sing N N 83  
GLN N   H    sing N N 84  
GLN N   H2   sing N N 85  
GLN CA  C    sing N N 86  
GLN CA  CB   sing N N 87  
GLN CA  HA   sing N N 88  
GLN C   O    doub N N 89  
GLN C   OXT  sing N N 90  
GLN CB  CG   sing N N 91  
GLN CB  HB2  sing N N 92  
GLN CB  HB3  sing N N 93  
GLN CG  CD   sing N N 94  
GLN CG  HG2  sing N N 95  
GLN CG  HG3  sing N N 96  
GLN CD  OE1  doub N N 97  
GLN CD  NE2  sing N N 98  
GLN NE2 HE21 sing N N 99  
GLN NE2 HE22 sing N N 100 
GLN OXT HXT  sing N N 101 
GLU N   CA   sing N N 102 
GLU N   H    sing N N 103 
GLU N   H2   sing N N 104 
GLU CA  C    sing N N 105 
GLU CA  CB   sing N N 106 
GLU CA  HA   sing N N 107 
GLU C   O    doub N N 108 
GLU C   OXT  sing N N 109 
GLU CB  CG   sing N N 110 
GLU CB  HB2  sing N N 111 
GLU CB  HB3  sing N N 112 
GLU CG  CD   sing N N 113 
GLU CG  HG2  sing N N 114 
GLU CG  HG3  sing N N 115 
GLU CD  OE1  doub N N 116 
GLU CD  OE2  sing N N 117 
GLU OE2 HE2  sing N N 118 
GLU OXT HXT  sing N N 119 
GLY N   CA   sing N N 120 
GLY N   H    sing N N 121 
GLY N   H2   sing N N 122 
GLY CA  C    sing N N 123 
GLY CA  HA2  sing N N 124 
GLY CA  HA3  sing N N 125 
GLY C   O    doub N N 126 
GLY C   OXT  sing N N 127 
GLY OXT HXT  sing N N 128 
HIS N   CA   sing N N 129 
HIS N   H    sing N N 130 
HIS N   H2   sing N N 131 
HIS CA  C    sing N N 132 
HIS CA  CB   sing N N 133 
HIS CA  HA   sing N N 134 
HIS C   O    doub N N 135 
HIS C   OXT  sing N N 136 
HIS CB  CG   sing N N 137 
HIS CB  HB2  sing N N 138 
HIS CB  HB3  sing N N 139 
HIS CG  ND1  sing Y N 140 
HIS CG  CD2  doub Y N 141 
HIS ND1 CE1  doub Y N 142 
HIS ND1 HD1  sing N N 143 
HIS CD2 NE2  sing Y N 144 
HIS CD2 HD2  sing N N 145 
HIS CE1 NE2  sing Y N 146 
HIS CE1 HE1  sing N N 147 
HIS NE2 HE2  sing N N 148 
HIS OXT HXT  sing N N 149 
HOH O   H1   sing N N 150 
HOH O   H2   sing N N 151 
ILE N   CA   sing N N 152 
ILE N   H    sing N N 153 
ILE N   H2   sing N N 154 
ILE CA  C    sing N N 155 
ILE CA  CB   sing N N 156 
ILE CA  HA   sing N N 157 
ILE C   O    doub N N 158 
ILE C   OXT  sing N N 159 
ILE CB  CG1  sing N N 160 
ILE CB  CG2  sing N N 161 
ILE CB  HB   sing N N 162 
ILE CG1 CD1  sing N N 163 
ILE CG1 HG12 sing N N 164 
ILE CG1 HG13 sing N N 165 
ILE CG2 HG21 sing N N 166 
ILE CG2 HG22 sing N N 167 
ILE CG2 HG23 sing N N 168 
ILE CD1 HD11 sing N N 169 
ILE CD1 HD12 sing N N 170 
ILE CD1 HD13 sing N N 171 
ILE OXT HXT  sing N N 172 
LEU N   CA   sing N N 173 
LEU N   H    sing N N 174 
LEU N   H2   sing N N 175 
LEU CA  C    sing N N 176 
LEU CA  CB   sing N N 177 
LEU CA  HA   sing N N 178 
LEU C   O    doub N N 179 
LEU C   OXT  sing N N 180 
LEU CB  CG   sing N N 181 
LEU CB  HB2  sing N N 182 
LEU CB  HB3  sing N N 183 
LEU CG  CD1  sing N N 184 
LEU CG  CD2  sing N N 185 
LEU CG  HG   sing N N 186 
LEU CD1 HD11 sing N N 187 
LEU CD1 HD12 sing N N 188 
LEU CD1 HD13 sing N N 189 
LEU CD2 HD21 sing N N 190 
LEU CD2 HD22 sing N N 191 
LEU CD2 HD23 sing N N 192 
LEU OXT HXT  sing N N 193 
LYS N   CA   sing N N 194 
LYS N   H    sing N N 195 
LYS N   H2   sing N N 196 
LYS CA  C    sing N N 197 
LYS CA  CB   sing N N 198 
LYS CA  HA   sing N N 199 
LYS C   O    doub N N 200 
LYS C   OXT  sing N N 201 
LYS CB  CG   sing N N 202 
LYS CB  HB2  sing N N 203 
LYS CB  HB3  sing N N 204 
LYS CG  CD   sing N N 205 
LYS CG  HG2  sing N N 206 
LYS CG  HG3  sing N N 207 
LYS CD  CE   sing N N 208 
LYS CD  HD2  sing N N 209 
LYS CD  HD3  sing N N 210 
LYS CE  NZ   sing N N 211 
LYS CE  HE2  sing N N 212 
LYS CE  HE3  sing N N 213 
LYS NZ  HZ1  sing N N 214 
LYS NZ  HZ2  sing N N 215 
LYS NZ  HZ3  sing N N 216 
LYS OXT HXT  sing N N 217 
MET N   CA   sing N N 218 
MET N   H    sing N N 219 
MET N   H2   sing N N 220 
MET CA  C    sing N N 221 
MET CA  CB   sing N N 222 
MET CA  HA   sing N N 223 
MET C   O    doub N N 224 
MET C   OXT  sing N N 225 
MET CB  CG   sing N N 226 
MET CB  HB2  sing N N 227 
MET CB  HB3  sing N N 228 
MET CG  SD   sing N N 229 
MET CG  HG2  sing N N 230 
MET CG  HG3  sing N N 231 
MET SD  CE   sing N N 232 
MET CE  HE1  sing N N 233 
MET CE  HE2  sing N N 234 
MET CE  HE3  sing N N 235 
MET OXT HXT  sing N N 236 
PHE N   CA   sing N N 237 
PHE N   H    sing N N 238 
PHE N   H2   sing N N 239 
PHE CA  C    sing N N 240 
PHE CA  CB   sing N N 241 
PHE CA  HA   sing N N 242 
PHE C   O    doub N N 243 
PHE C   OXT  sing N N 244 
PHE CB  CG   sing N N 245 
PHE CB  HB2  sing N N 246 
PHE CB  HB3  sing N N 247 
PHE CG  CD1  doub Y N 248 
PHE CG  CD2  sing Y N 249 
PHE CD1 CE1  sing Y N 250 
PHE CD1 HD1  sing N N 251 
PHE CD2 CE2  doub Y N 252 
PHE CD2 HD2  sing N N 253 
PHE CE1 CZ   doub Y N 254 
PHE CE1 HE1  sing N N 255 
PHE CE2 CZ   sing Y N 256 
PHE CE2 HE2  sing N N 257 
PHE CZ  HZ   sing N N 258 
PHE OXT HXT  sing N N 259 
PRO N   CA   sing N N 260 
PRO N   CD   sing N N 261 
PRO N   H    sing N N 262 
PRO CA  C    sing N N 263 
PRO CA  CB   sing N N 264 
PRO CA  HA   sing N N 265 
PRO C   O    doub N N 266 
PRO C   OXT  sing N N 267 
PRO CB  CG   sing N N 268 
PRO CB  HB2  sing N N 269 
PRO CB  HB3  sing N N 270 
PRO CG  CD   sing N N 271 
PRO CG  HG2  sing N N 272 
PRO CG  HG3  sing N N 273 
PRO CD  HD2  sing N N 274 
PRO CD  HD3  sing N N 275 
PRO OXT HXT  sing N N 276 
SER N   CA   sing N N 277 
SER N   H    sing N N 278 
SER N   H2   sing N N 279 
SER CA  C    sing N N 280 
SER CA  CB   sing N N 281 
SER CA  HA   sing N N 282 
SER C   O    doub N N 283 
SER C   OXT  sing N N 284 
SER CB  OG   sing N N 285 
SER CB  HB2  sing N N 286 
SER CB  HB3  sing N N 287 
SER OG  HG   sing N N 288 
SER OXT HXT  sing N N 289 
THR N   CA   sing N N 290 
THR N   H    sing N N 291 
THR N   H2   sing N N 292 
THR CA  C    sing N N 293 
THR CA  CB   sing N N 294 
THR CA  HA   sing N N 295 
THR C   O    doub N N 296 
THR C   OXT  sing N N 297 
THR CB  OG1  sing N N 298 
THR CB  CG2  sing N N 299 
THR CB  HB   sing N N 300 
THR OG1 HG1  sing N N 301 
THR CG2 HG21 sing N N 302 
THR CG2 HG22 sing N N 303 
THR CG2 HG23 sing N N 304 
THR OXT HXT  sing N N 305 
TRP N   CA   sing N N 306 
TRP N   H    sing N N 307 
TRP N   H2   sing N N 308 
TRP CA  C    sing N N 309 
TRP CA  CB   sing N N 310 
TRP CA  HA   sing N N 311 
TRP C   O    doub N N 312 
TRP C   OXT  sing N N 313 
TRP CB  CG   sing N N 314 
TRP CB  HB2  sing N N 315 
TRP CB  HB3  sing N N 316 
TRP CG  CD1  doub Y N 317 
TRP CG  CD2  sing Y N 318 
TRP CD1 NE1  sing Y N 319 
TRP CD1 HD1  sing N N 320 
TRP CD2 CE2  doub Y N 321 
TRP CD2 CE3  sing Y N 322 
TRP NE1 CE2  sing Y N 323 
TRP NE1 HE1  sing N N 324 
TRP CE2 CZ2  sing Y N 325 
TRP CE3 CZ3  doub Y N 326 
TRP CE3 HE3  sing N N 327 
TRP CZ2 CH2  doub Y N 328 
TRP CZ2 HZ2  sing N N 329 
TRP CZ3 CH2  sing Y N 330 
TRP CZ3 HZ3  sing N N 331 
TRP CH2 HH2  sing N N 332 
TRP OXT HXT  sing N N 333 
TYR N   CA   sing N N 334 
TYR N   H    sing N N 335 
TYR N   H2   sing N N 336 
TYR CA  C    sing N N 337 
TYR CA  CB   sing N N 338 
TYR CA  HA   sing N N 339 
TYR C   O    doub N N 340 
TYR C   OXT  sing N N 341 
TYR CB  CG   sing N N 342 
TYR CB  HB2  sing N N 343 
TYR CB  HB3  sing N N 344 
TYR CG  CD1  doub Y N 345 
TYR CG  CD2  sing Y N 346 
TYR CD1 CE1  sing Y N 347 
TYR CD1 HD1  sing N N 348 
TYR CD2 CE2  doub Y N 349 
TYR CD2 HD2  sing N N 350 
TYR CE1 CZ   doub Y N 351 
TYR CE1 HE1  sing N N 352 
TYR CE2 CZ   sing Y N 353 
TYR CE2 HE2  sing N N 354 
TYR CZ  OH   sing N N 355 
TYR OH  HH   sing N N 356 
TYR OXT HXT  sing N N 357 
VAL N   CA   sing N N 358 
VAL N   H    sing N N 359 
VAL N   H2   sing N N 360 
VAL CA  C    sing N N 361 
VAL CA  CB   sing N N 362 
VAL CA  HA   sing N N 363 
VAL C   O    doub N N 364 
VAL C   OXT  sing N N 365 
VAL CB  CG1  sing N N 366 
VAL CB  CG2  sing N N 367 
VAL CB  HB   sing N N 368 
VAL CG1 HG11 sing N N 369 
VAL CG1 HG12 sing N N 370 
VAL CG1 HG13 sing N N 371 
VAL CG2 HG21 sing N N 372 
VAL CG2 HG22 sing N N 373 
VAL CG2 HG23 sing N N 374 
VAL OXT HXT  sing N N 375 
# 
loop_
_pdbx_entity_nonpoly.entity_id 
_pdbx_entity_nonpoly.name 
_pdbx_entity_nonpoly.comp_id 
3 'POTASSIUM ION' K   
4 water           HOH 
# 
_pdbx_initial_refinement_model.id               1 
_pdbx_initial_refinement_model.entity_id_list   ? 
_pdbx_initial_refinement_model.type             'experimental model' 
_pdbx_initial_refinement_model.source_name      PDB 
_pdbx_initial_refinement_model.accession_code   3DAB 
_pdbx_initial_refinement_model.details          'pdb entry 3DAB' 
# 
